data_8G40
#
_entry.id   8G40
#
_cell.length_a   1.00
_cell.length_b   1.00
_cell.length_c   1.00
_cell.angle_alpha   90.00
_cell.angle_beta   90.00
_cell.angle_gamma   90.00
#
_symmetry.space_group_name_H-M   'P 1'
#
loop_
_entity.id
_entity.type
_entity.pdbx_description
1 polymer Neuraminidase
2 polymer 'FNI19 Fab heavy chain'
3 polymer 'FNI19 Fab light chain'
4 branched beta-D-mannopyranose-(1-4)-2-acetamido-2-deoxy-beta-D-glucopyranose-(1-4)-2-acetamido-2-deoxy-beta-D-glucopyranose
5 branched alpha-D-mannopyranose-(1-2)-alpha-D-mannopyranose-(1-3)-[alpha-D-mannopyranose-(1-3)-[alpha-D-mannopyranose-(1-6)]alpha-D-mannopyranose-(1-6)]beta-D-mannopyranose-(1-4)-2-acetamido-2-deoxy-beta-D-glucopyranose-(1-4)-2-acetamido-2-deoxy-beta-D-glucopyranose
6 branched alpha-D-mannopyranose-(1-2)-alpha-D-mannopyranose-(1-3)-[alpha-D-mannopyranose-(1-3)-alpha-D-mannopyranose-(1-6)]beta-D-mannopyranose-(1-4)-2-acetamido-2-deoxy-beta-D-glucopyranose-(1-4)-2-acetamido-2-deoxy-beta-D-glucopyranose
7 branched beta-D-mannopyranose-(1-4)-2-acetamido-2-deoxy-beta-D-glucopyranose-(1-4)-[alpha-L-fucopyranose-(1-6)]2-acetamido-2-deoxy-beta-D-glucopyranose
8 branched 2-acetamido-2-deoxy-beta-D-glucopyranose-(1-4)-[alpha-L-fucopyranose-(1-6)]2-acetamido-2-deoxy-beta-D-glucopyranose
9 branched 2-acetamido-2-deoxy-beta-D-glucopyranose-(1-4)-2-acetamido-2-deoxy-beta-D-glucopyranose
10 branched alpha-D-mannopyranose-(1-6)-beta-D-mannopyranose-(1-4)-2-acetamido-2-deoxy-beta-D-glucopyranose-(1-4)-2-acetamido-2-deoxy-beta-D-glucopyranose
11 non-polymer 'CALCIUM ION'
#
loop_
_entity_poly.entity_id
_entity_poly.type
_entity_poly.pdbx_seq_one_letter_code
_entity_poly.pdbx_strand_id
1 'polypeptide(L)'
;METDTLLLWVLLLWVPGSTGDHHHHHHGSGLNDIFEAQKIEWHEGSIINETADDIVYRLTVIIDDRYESLKNLITLRADR
LEMIINDNVSTILASGLVPRGSGSAEYRNWSKPQCGITGFAPFSKDNSIRLSAGGDIWVTREPYVSCDLDKCYQFALGQG
TTLNNVHSNNTVRDRTPYRTLLMNELGVPFHLGTKQVCIAWSSSSCHDGKAWLHVCITGDDKNATASFIYNGRLVDSVVS
WSNDILRTQESECVCINGTCTVVMTDGNATGKADTKILFIEEGKIVHTSKLSGSAQHVEECSCYPRYPGVRCVCRDNWKG
SNRPIIDINIKDHSIVSSYVCSGLVGDTPRKSDSSSSSHCLNPNNEEGGHGVKGWAFDDGNDVWMGRTINETSRLGYETF
KVVEGWSNPKSKLQINRQVIVDRGDRSGYSGIFSVEGKSCINRCFYVELIRGRKEETEVLWTSNSIVVFCGTSGTYGTGS
WPDGADLNLMHT
;
G,H,I,J
2 'polypeptide(L)'
;QVQLVQSGAEVKRPGSSVRVSCKASEGTFNKYTLTWVRQAPGQGLEWMGGIIPISGIANYAQKFQGRVAITADESTTTAY
MELSSLRSEDSAVYYCATAVSDYFNRDLGWEDYYFPFWGQGTLVTVASASTKGPSVFPLAPSSKSTSGGTAALGCLVKDY
FPEPVTVSWNSGALTSGVHTFPAVLQSSGLYSLSSVVTVPSSSLGTQTYICNVNHKPSNTKVDKRVEPKSC
;
A,B,C
3 'polypeptide(L)'
;EIVMTQSPATLSVSPGARATLFCRASRSVSDNLAWYQQKPGQAPRLLIFGASTRATGVPARFSGSGSGTQFTLTISSLQS
EDFAVYYCQHYNIWPPWTFGQGTKVEIKRTVAAPSVFIFPPSDEQLKSGTASVVCLLNNFYPREAKVQWKVDNALQSGNS
QESVTEQDSKDSTYSLSSTLTLSKADYEKHKVYACEVTHQGLSSPVTKSFNRGEC
;
L,M,N
#
# COMPACT_ATOMS: atom_id res chain seq x y z
N ALA A 105 7.50 -31.38 -11.85
CA ALA A 105 6.32 -30.77 -12.56
C ALA A 105 6.11 -31.43 -13.92
N GLU A 106 4.91 -31.26 -14.48
CA GLU A 106 4.54 -31.76 -15.85
C GLU A 106 3.81 -30.65 -16.60
N TYR A 107 3.85 -30.69 -17.93
CA TYR A 107 3.18 -29.66 -18.76
C TYR A 107 1.66 -29.78 -18.61
N ARG A 108 0.97 -28.63 -18.67
CA ARG A 108 -0.51 -28.56 -18.81
C ARG A 108 -0.97 -29.21 -20.12
N ASN A 109 -2.11 -29.86 -20.09
CA ASN A 109 -2.72 -30.42 -21.33
C ASN A 109 -4.19 -30.03 -21.47
N TRP A 110 -4.85 -29.46 -20.45
CA TRP A 110 -6.28 -29.05 -20.48
C TRP A 110 -7.23 -30.15 -20.99
N SER A 111 -6.89 -31.44 -20.83
CA SER A 111 -7.67 -32.59 -21.35
C SER A 111 -8.80 -32.93 -20.34
N LYS A 112 -9.56 -31.93 -19.95
CA LYS A 112 -10.84 -32.06 -19.19
C LYS A 112 -11.94 -31.35 -19.99
N PRO A 113 -13.23 -31.77 -19.86
CA PRO A 113 -14.34 -31.14 -20.56
C PRO A 113 -14.57 -29.72 -20.07
N GLN A 114 -15.17 -28.88 -20.92
CA GLN A 114 -15.56 -27.52 -20.52
C GLN A 114 -16.65 -27.62 -19.47
N CYS A 115 -16.53 -26.88 -18.38
CA CYS A 115 -17.51 -26.91 -17.28
C CYS A 115 -18.88 -26.45 -17.80
N GLY A 116 -19.95 -27.01 -17.24
CA GLY A 116 -21.29 -26.49 -17.54
C GLY A 116 -21.41 -25.07 -17.08
N ILE A 117 -21.86 -24.16 -17.94
CA ILE A 117 -21.92 -22.71 -17.61
C ILE A 117 -23.37 -22.27 -17.72
N THR A 118 -23.88 -21.64 -16.67
CA THR A 118 -25.22 -21.02 -16.64
C THR A 118 -25.11 -19.49 -16.75
N GLY A 119 -23.88 -19.00 -16.71
CA GLY A 119 -23.54 -17.60 -16.63
C GLY A 119 -22.26 -17.41 -15.86
N PHE A 120 -22.00 -16.18 -15.46
CA PHE A 120 -20.70 -15.76 -14.88
C PHE A 120 -20.92 -15.09 -13.53
N ALA A 121 -20.18 -15.52 -12.52
CA ALA A 121 -20.22 -14.94 -11.16
C ALA A 121 -19.04 -13.97 -10.99
N PRO A 122 -19.14 -12.90 -10.18
CA PRO A 122 -18.04 -11.96 -10.01
C PRO A 122 -16.83 -12.62 -9.33
N PHE A 123 -15.63 -12.29 -9.79
CA PHE A 123 -14.38 -12.96 -9.34
C PHE A 123 -13.31 -11.97 -8.84
N SER A 124 -13.11 -10.82 -9.49
CA SER A 124 -12.10 -9.84 -9.04
C SER A 124 -12.35 -8.47 -9.62
N LYS A 125 -11.80 -7.47 -8.97
CA LYS A 125 -11.83 -6.07 -9.44
C LYS A 125 -10.62 -5.40 -8.86
N ASP A 126 -9.93 -4.54 -9.61
CA ASP A 126 -8.62 -4.01 -9.14
C ASP A 126 -8.77 -2.61 -8.52
N ASN A 127 -9.80 -1.87 -8.89
CA ASN A 127 -10.06 -0.48 -8.41
C ASN A 127 -8.86 0.45 -8.70
N SER A 128 -8.05 0.16 -9.72
CA SER A 128 -6.78 0.89 -9.98
C SER A 128 -6.97 2.41 -10.07
N ILE A 129 -8.00 2.91 -10.74
CA ILE A 129 -8.10 4.37 -10.96
C ILE A 129 -8.51 5.05 -9.64
N ARG A 130 -9.41 4.46 -8.86
CA ARG A 130 -9.79 5.05 -7.55
C ARG A 130 -8.59 5.08 -6.61
N LEU A 131 -7.78 4.02 -6.58
CA LEU A 131 -6.53 3.96 -5.76
C LEU A 131 -5.51 4.95 -6.31
N SER A 132 -5.43 5.18 -7.61
CA SER A 132 -4.50 6.15 -8.24
C SER A 132 -4.69 7.58 -7.70
N ALA A 133 -5.88 7.94 -7.27
CA ALA A 133 -6.18 9.28 -6.76
C ALA A 133 -5.53 9.53 -5.40
N GLY A 134 -4.93 8.52 -4.76
CA GLY A 134 -4.24 8.67 -3.48
C GLY A 134 -3.21 7.57 -3.29
N GLY A 135 -2.24 7.50 -4.19
CA GLY A 135 -1.13 6.52 -4.14
C GLY A 135 -0.50 6.27 -5.49
N ASP A 136 0.68 5.69 -5.51
CA ASP A 136 1.52 5.60 -6.73
C ASP A 136 1.16 4.34 -7.50
N ILE A 137 0.21 4.48 -8.42
CA ILE A 137 -0.26 3.36 -9.28
C ILE A 137 0.18 3.63 -10.73
N TRP A 138 0.62 2.59 -11.42
CA TRP A 138 1.03 2.62 -12.85
C TRP A 138 -0.11 3.04 -13.79
N VAL A 139 0.19 3.86 -14.80
CA VAL A 139 -0.71 4.02 -15.98
C VAL A 139 -0.60 2.78 -16.85
N THR A 140 -1.73 2.23 -17.27
CA THR A 140 -1.74 0.98 -18.08
C THR A 140 -2.83 1.04 -19.15
N ARG A 141 -2.74 0.13 -20.11
CA ARG A 141 -3.87 -0.24 -20.99
C ARG A 141 -3.63 -1.64 -21.50
N GLU A 142 -4.63 -2.19 -22.18
CA GLU A 142 -4.57 -3.53 -22.82
C GLU A 142 -4.24 -4.57 -21.75
N PRO A 143 -5.02 -4.64 -20.65
CA PRO A 143 -4.80 -5.67 -19.62
C PRO A 143 -5.22 -7.04 -20.07
N TYR A 144 -4.78 -8.02 -19.32
CA TYR A 144 -5.31 -9.40 -19.43
C TYR A 144 -5.02 -10.23 -18.19
N VAL A 145 -5.69 -11.35 -18.07
CA VAL A 145 -5.48 -12.29 -16.95
C VAL A 145 -4.98 -13.61 -17.53
N SER A 146 -4.08 -14.23 -16.81
CA SER A 146 -3.68 -15.61 -17.09
C SER A 146 -3.33 -16.28 -15.78
N CYS A 147 -3.43 -17.60 -15.68
CA CYS A 147 -3.22 -18.29 -14.39
C CYS A 147 -2.14 -19.36 -14.54
N ASP A 148 -1.31 -19.54 -13.53
CA ASP A 148 -0.50 -20.76 -13.42
C ASP A 148 -1.31 -21.86 -12.74
N LEU A 149 -0.66 -22.88 -12.21
CA LEU A 149 -1.34 -24.03 -11.59
C LEU A 149 -2.07 -23.62 -10.31
N ASP A 150 -1.65 -22.56 -9.64
CA ASP A 150 -2.08 -22.21 -8.28
C ASP A 150 -2.86 -20.90 -8.26
N LYS A 151 -2.48 -19.92 -9.07
CA LYS A 151 -2.92 -18.53 -8.89
C LYS A 151 -3.18 -17.86 -10.25
N CYS A 152 -4.06 -16.88 -10.28
CA CYS A 152 -4.23 -16.00 -11.45
C CYS A 152 -3.44 -14.72 -11.30
N TYR A 153 -2.92 -14.24 -12.43
CA TYR A 153 -2.07 -13.06 -12.51
C TYR A 153 -2.74 -12.06 -13.44
N GLN A 154 -2.63 -10.81 -13.13
CA GLN A 154 -3.12 -9.72 -14.00
C GLN A 154 -1.89 -9.15 -14.68
N PHE A 155 -2.04 -8.86 -15.96
CA PHE A 155 -0.99 -8.29 -16.82
C PHE A 155 -1.52 -7.00 -17.41
N ALA A 156 -0.64 -6.07 -17.70
CA ALA A 156 -1.01 -4.92 -18.51
C ALA A 156 0.20 -4.28 -19.15
N LEU A 157 -0.02 -3.49 -20.19
CA LEU A 157 1.09 -2.75 -20.80
C LEU A 157 1.18 -1.42 -20.10
N GLY A 158 2.17 -1.25 -19.25
CA GLY A 158 2.45 0.02 -18.58
C GLY A 158 2.81 1.09 -19.58
N GLN A 159 2.62 2.35 -19.24
CA GLN A 159 3.07 3.46 -20.09
C GLN A 159 4.36 4.05 -19.50
N GLY A 160 5.15 3.25 -18.76
CA GLY A 160 6.43 3.72 -18.17
C GLY A 160 6.27 4.92 -17.22
N THR A 161 5.14 5.04 -16.54
CA THR A 161 4.83 6.16 -15.60
C THR A 161 3.74 5.75 -14.61
N THR A 162 3.75 6.33 -13.42
CA THR A 162 2.58 6.31 -12.51
C THR A 162 1.59 7.37 -12.97
N LEU A 163 0.37 7.33 -12.45
CA LEU A 163 -0.73 8.17 -12.93
C LEU A 163 -0.60 9.58 -12.37
N ASN A 164 -0.36 9.73 -11.08
CA ASN A 164 -0.08 11.06 -10.47
C ASN A 164 1.41 11.35 -10.69
N ASN A 165 1.74 11.90 -11.87
CA ASN A 165 3.14 12.00 -12.38
C ASN A 165 3.14 13.00 -13.53
N VAL A 166 4.24 13.70 -13.82
CA VAL A 166 4.27 14.58 -15.02
C VAL A 166 4.24 13.76 -16.30
N HIS A 167 4.76 12.55 -16.29
CA HIS A 167 4.89 11.70 -17.50
C HIS A 167 3.55 11.05 -17.88
N SER A 168 2.48 11.20 -17.10
CA SER A 168 1.18 10.54 -17.41
C SER A 168 0.42 11.33 -18.47
N ASN A 169 0.76 12.59 -18.72
CA ASN A 169 0.21 13.39 -19.84
C ASN A 169 0.45 12.66 -21.18
N ASN A 170 -0.45 12.78 -22.14
CA ASN A 170 -0.34 12.19 -23.51
C ASN A 170 -0.13 10.67 -23.50
N THR A 171 -0.59 9.94 -22.48
CA THR A 171 -0.48 8.45 -22.44
C THR A 171 -1.53 7.76 -23.33
N VAL A 172 -2.02 8.44 -24.35
CA VAL A 172 -3.04 7.87 -25.27
C VAL A 172 -2.37 7.05 -26.36
N ARG A 173 -1.11 7.29 -26.71
CA ARG A 173 -0.39 6.49 -27.74
C ARG A 173 -0.23 5.03 -27.31
N ASP A 174 -0.45 4.13 -28.25
CA ASP A 174 -0.35 2.68 -27.98
C ASP A 174 1.10 2.20 -28.11
N ARG A 175 2.00 2.94 -28.76
CA ARG A 175 3.39 2.43 -28.97
C ARG A 175 4.40 3.52 -28.61
N THR A 176 5.25 3.25 -27.62
CA THR A 176 6.38 4.14 -27.20
C THR A 176 7.51 3.24 -26.69
N PRO A 177 8.77 3.72 -26.62
CA PRO A 177 9.85 2.86 -26.16
C PRO A 177 9.73 2.42 -24.70
N TYR A 178 8.85 3.09 -23.93
CA TYR A 178 8.80 2.97 -22.46
C TYR A 178 7.77 1.95 -22.01
N ARG A 179 6.94 1.42 -22.90
CA ARG A 179 5.91 0.43 -22.50
C ARG A 179 6.59 -0.85 -22.10
N THR A 180 6.12 -1.41 -21.01
CA THR A 180 6.65 -2.68 -20.43
C THR A 180 5.46 -3.51 -20.02
N LEU A 181 5.61 -4.81 -20.04
CA LEU A 181 4.56 -5.72 -19.55
C LEU A 181 4.65 -5.76 -18.02
N LEU A 182 3.65 -5.25 -17.33
CA LEU A 182 3.53 -5.38 -15.86
C LEU A 182 2.88 -6.73 -15.52
N MET A 183 3.28 -7.36 -14.44
CA MET A 183 2.68 -8.63 -13.97
C MET A 183 2.51 -8.59 -12.45
N ASN A 184 1.34 -8.95 -11.95
CA ASN A 184 1.02 -9.06 -10.51
C ASN A 184 0.10 -10.26 -10.31
N GLU A 185 -0.01 -10.76 -9.09
CA GLU A 185 -1.14 -11.65 -8.74
C GLU A 185 -2.44 -10.86 -8.95
N LEU A 186 -3.50 -11.56 -9.34
CA LEU A 186 -4.78 -10.90 -9.67
C LEU A 186 -5.32 -10.22 -8.41
N GLY A 187 -5.68 -8.96 -8.53
CA GLY A 187 -6.26 -8.21 -7.39
C GLY A 187 -5.23 -7.40 -6.63
N VAL A 188 -3.95 -7.66 -6.82
CA VAL A 188 -2.90 -6.71 -6.34
C VAL A 188 -2.83 -5.59 -7.38
N PRO A 189 -3.17 -4.34 -7.06
CA PRO A 189 -3.15 -3.29 -8.06
C PRO A 189 -1.70 -3.03 -8.51
N PHE A 190 -1.50 -2.36 -9.65
CA PHE A 190 -0.13 -2.12 -10.16
C PHE A 190 0.49 -0.93 -9.41
N HIS A 191 1.03 -1.20 -8.22
CA HIS A 191 1.80 -0.26 -7.38
C HIS A 191 3.30 -0.29 -7.80
N LEU A 192 4.15 0.55 -7.22
CA LEU A 192 5.56 0.65 -7.68
C LEU A 192 6.36 -0.65 -7.46
N GLY A 193 5.98 -1.55 -6.57
CA GLY A 193 6.67 -2.83 -6.42
C GLY A 193 6.35 -3.85 -7.51
N THR A 194 5.56 -3.49 -8.50
CA THR A 194 5.17 -4.36 -9.64
C THR A 194 6.39 -4.72 -10.46
N LYS A 195 6.49 -5.97 -10.89
CA LYS A 195 7.56 -6.39 -11.83
C LYS A 195 7.21 -6.03 -13.27
N GLN A 196 8.10 -5.34 -13.96
CA GLN A 196 8.08 -5.20 -15.44
C GLN A 196 8.76 -6.43 -16.04
N VAL A 197 8.02 -7.36 -16.62
CA VAL A 197 8.62 -8.66 -17.02
C VAL A 197 9.33 -8.57 -18.37
N CYS A 198 9.02 -7.57 -19.20
CA CYS A 198 9.73 -7.38 -20.50
C CYS A 198 9.42 -6.06 -21.14
N ILE A 199 10.20 -5.64 -22.12
CA ILE A 199 9.88 -4.38 -22.87
C ILE A 199 8.83 -4.76 -23.92
N ALA A 200 7.72 -4.04 -23.99
CA ALA A 200 6.56 -4.45 -24.81
C ALA A 200 5.60 -3.31 -25.03
N TRP A 201 5.23 -3.02 -26.27
CA TRP A 201 4.01 -2.22 -26.56
C TRP A 201 2.89 -3.12 -27.11
N SER A 202 3.14 -4.41 -27.28
CA SER A 202 2.11 -5.43 -27.55
C SER A 202 2.59 -6.72 -26.89
N SER A 203 1.70 -7.56 -26.38
CA SER A 203 2.19 -8.77 -25.68
C SER A 203 1.17 -9.90 -25.55
N SER A 204 1.67 -11.03 -25.13
CA SER A 204 0.84 -12.17 -24.74
C SER A 204 1.65 -12.98 -23.73
N SER A 205 1.01 -13.70 -22.84
CA SER A 205 1.72 -14.52 -21.82
C SER A 205 0.93 -15.77 -21.57
N CYS A 206 1.60 -16.83 -21.17
CA CYS A 206 0.89 -18.01 -20.68
C CYS A 206 1.85 -18.90 -19.90
N HIS A 207 1.28 -19.75 -19.06
CA HIS A 207 2.06 -20.69 -18.24
C HIS A 207 1.82 -22.06 -18.78
N ASP A 208 2.88 -22.81 -19.04
CA ASP A 208 2.75 -24.12 -19.72
C ASP A 208 2.64 -25.27 -18.72
N GLY A 209 2.58 -24.98 -17.42
CA GLY A 209 2.63 -26.02 -16.36
C GLY A 209 4.01 -26.19 -15.76
N LYS A 210 5.05 -25.61 -16.38
CA LYS A 210 6.41 -25.55 -15.80
C LYS A 210 6.81 -24.10 -15.58
N ALA A 211 6.58 -23.21 -16.54
CA ALA A 211 7.05 -21.80 -16.44
C ALA A 211 6.25 -20.84 -17.32
N TRP A 212 6.42 -19.57 -17.06
CA TRP A 212 5.82 -18.50 -17.88
C TRP A 212 6.55 -18.35 -19.20
N LEU A 213 5.78 -18.24 -20.27
CA LEU A 213 6.21 -17.69 -21.57
C LEU A 213 5.64 -16.28 -21.67
N HIS A 214 6.46 -15.31 -21.98
CA HIS A 214 5.99 -13.97 -22.39
C HIS A 214 6.42 -13.76 -23.83
N VAL A 215 5.51 -13.22 -24.63
CA VAL A 215 5.80 -12.78 -26.01
C VAL A 215 5.70 -11.30 -25.98
N CYS A 216 6.79 -10.62 -26.27
CA CYS A 216 6.91 -9.17 -25.98
C CYS A 216 7.34 -8.47 -27.25
N ILE A 217 6.55 -7.52 -27.73
CA ILE A 217 6.86 -6.85 -29.02
C ILE A 217 7.21 -5.40 -28.76
N THR A 218 8.32 -4.94 -29.33
CA THR A 218 8.77 -3.54 -29.17
C THR A 218 9.67 -3.14 -30.34
N GLY A 219 9.93 -1.87 -30.50
CA GLY A 219 10.77 -1.37 -31.60
C GLY A 219 10.06 -0.38 -32.49
N ASP A 220 10.67 -0.11 -33.63
CA ASP A 220 10.11 0.80 -34.65
C ASP A 220 8.84 0.18 -35.25
N ASP A 221 7.86 1.02 -35.61
CA ASP A 221 6.62 0.54 -36.29
C ASP A 221 6.97 -0.24 -37.54
N LYS A 222 7.93 0.27 -38.31
CA LYS A 222 8.33 -0.35 -39.60
C LYS A 222 9.27 -1.54 -39.39
N ASN A 223 9.72 -1.86 -38.19
CA ASN A 223 10.78 -2.87 -38.00
C ASN A 223 10.79 -3.38 -36.56
N ALA A 224 9.67 -3.84 -36.04
CA ALA A 224 9.53 -4.26 -34.63
C ALA A 224 10.15 -5.64 -34.42
N THR A 225 10.45 -5.94 -33.16
CA THR A 225 11.03 -7.22 -32.71
C THR A 225 10.04 -7.88 -31.76
N ALA A 226 9.84 -9.18 -31.87
CA ALA A 226 9.16 -9.97 -30.83
C ALA A 226 10.21 -10.78 -30.08
N SER A 227 10.28 -10.63 -28.77
CA SER A 227 11.14 -11.44 -27.86
C SER A 227 10.30 -12.53 -27.22
N PHE A 228 10.79 -13.73 -27.18
CA PHE A 228 10.14 -14.90 -26.54
C PHE A 228 10.92 -15.21 -25.26
N ILE A 229 10.35 -14.84 -24.13
CA ILE A 229 11.02 -14.93 -22.81
C ILE A 229 10.37 -16.05 -22.06
N TYR A 230 11.12 -17.06 -21.68
CA TYR A 230 10.59 -18.29 -21.08
C TYR A 230 11.43 -18.62 -19.86
N ASN A 231 10.77 -18.94 -18.75
CA ASN A 231 11.44 -19.20 -17.46
C ASN A 231 12.45 -18.08 -17.16
N GLY A 232 12.06 -16.84 -17.40
CA GLY A 232 12.80 -15.65 -16.95
C GLY A 232 13.96 -15.27 -17.84
N ARG A 233 14.22 -16.00 -18.94
CA ARG A 233 15.34 -15.67 -19.85
C ARG A 233 14.89 -15.59 -21.31
N LEU A 234 15.48 -14.71 -22.08
CA LEU A 234 15.15 -14.54 -23.52
C LEU A 234 15.65 -15.76 -24.28
N VAL A 235 14.76 -16.50 -24.93
CA VAL A 235 15.12 -17.79 -25.60
C VAL A 235 15.15 -17.58 -27.11
N ASP A 236 14.30 -16.69 -27.64
CA ASP A 236 14.15 -16.57 -29.11
C ASP A 236 13.65 -15.19 -29.48
N SER A 237 13.75 -14.82 -30.73
CA SER A 237 13.19 -13.53 -31.22
C SER A 237 12.90 -13.61 -32.71
N VAL A 238 11.97 -12.79 -33.16
CA VAL A 238 11.64 -12.73 -34.60
C VAL A 238 11.36 -11.29 -35.00
N VAL A 239 11.77 -10.93 -36.21
CA VAL A 239 11.53 -9.55 -36.70
C VAL A 239 10.17 -9.49 -37.44
N SER A 240 9.57 -8.30 -37.44
CA SER A 240 8.40 -7.90 -38.24
C SER A 240 8.55 -8.42 -39.66
N TRP A 241 7.63 -9.26 -40.13
CA TRP A 241 7.75 -9.95 -41.44
C TRP A 241 7.17 -9.13 -42.58
N SER A 242 6.29 -8.20 -42.29
CA SER A 242 5.73 -7.32 -43.35
C SER A 242 5.89 -5.85 -42.99
N ASN A 243 6.71 -5.54 -42.01
CA ASN A 243 7.28 -4.17 -41.77
C ASN A 243 6.17 -3.12 -41.56
N ASP A 244 5.10 -3.49 -40.87
CA ASP A 244 3.99 -2.57 -40.54
C ASP A 244 3.33 -3.07 -39.25
N ILE A 245 3.93 -2.68 -38.13
CA ILE A 245 3.42 -2.88 -36.74
C ILE A 245 3.11 -4.36 -36.49
N LEU A 246 4.15 -5.16 -36.31
CA LEU A 246 3.99 -6.51 -35.78
C LEU A 246 3.22 -6.42 -34.48
N ARG A 247 2.24 -7.30 -34.27
CA ARG A 247 1.39 -7.21 -33.06
C ARG A 247 0.83 -8.57 -32.68
N THR A 248 0.42 -8.72 -31.44
CA THR A 248 -0.09 -10.01 -30.94
C THR A 248 -1.37 -9.81 -30.11
N GLN A 249 -1.71 -10.79 -29.31
CA GLN A 249 -3.09 -11.00 -28.82
C GLN A 249 -3.57 -9.96 -27.81
N GLU A 250 -2.69 -9.35 -27.02
CA GLU A 250 -3.06 -8.57 -25.81
C GLU A 250 -3.91 -9.44 -24.87
N SER A 251 -3.68 -10.76 -24.85
CA SER A 251 -4.31 -11.69 -23.89
C SER A 251 -3.53 -13.00 -23.84
N GLU A 252 -3.94 -13.94 -23.02
CA GLU A 252 -3.09 -15.13 -22.81
C GLU A 252 -2.97 -15.96 -24.09
N CYS A 253 -1.77 -16.49 -24.31
CA CYS A 253 -1.52 -17.59 -25.26
C CYS A 253 -2.04 -18.86 -24.60
N VAL A 254 -1.96 -19.98 -25.29
CA VAL A 254 -2.46 -21.26 -24.75
C VAL A 254 -1.42 -22.33 -25.01
N CYS A 255 -1.17 -23.22 -24.05
CA CYS A 255 -0.14 -24.26 -24.18
C CYS A 255 -0.75 -25.63 -23.92
N ILE A 256 -0.50 -26.60 -24.78
CA ILE A 256 -0.91 -28.01 -24.59
C ILE A 256 0.34 -28.88 -24.75
N ASN A 257 0.62 -29.75 -23.80
CA ASN A 257 1.86 -30.57 -23.77
C ASN A 257 3.12 -29.71 -24.03
N GLY A 258 3.19 -28.50 -23.50
CA GLY A 258 4.41 -27.68 -23.61
C GLY A 258 4.52 -26.93 -24.91
N THR A 259 3.71 -27.22 -25.92
CA THR A 259 3.66 -26.39 -27.14
C THR A 259 2.71 -25.23 -26.89
N CYS A 260 3.21 -24.04 -26.68
CA CYS A 260 2.37 -22.83 -26.65
C CYS A 260 2.07 -22.35 -28.07
N THR A 261 0.93 -21.71 -28.27
CA THR A 261 0.65 -21.04 -29.55
C THR A 261 0.25 -19.60 -29.34
N VAL A 262 0.73 -18.77 -30.23
CA VAL A 262 0.39 -17.33 -30.19
C VAL A 262 0.04 -16.89 -31.61
N VAL A 263 -1.04 -16.15 -31.74
CA VAL A 263 -1.41 -15.54 -33.04
C VAL A 263 -0.70 -14.18 -33.13
N MET A 264 -0.04 -13.93 -34.24
CA MET A 264 0.67 -12.66 -34.48
C MET A 264 0.35 -12.17 -35.88
N THR A 265 0.42 -10.88 -36.07
CA THR A 265 0.00 -10.29 -37.35
C THR A 265 0.79 -9.02 -37.62
N ASP A 266 0.82 -8.61 -38.87
CA ASP A 266 1.66 -7.49 -39.36
C ASP A 266 0.92 -6.89 -40.56
N GLY A 267 1.27 -5.74 -41.09
CA GLY A 267 0.46 -5.11 -42.15
C GLY A 267 -0.92 -4.75 -41.67
N ASN A 268 -1.95 -4.92 -42.53
CA ASN A 268 -3.38 -4.72 -42.17
C ASN A 268 -4.05 -6.07 -41.81
N ALA A 269 -3.26 -7.06 -41.41
CA ALA A 269 -3.71 -8.37 -40.87
C ALA A 269 -4.44 -9.25 -41.91
N THR A 270 -4.24 -9.03 -43.21
CA THR A 270 -4.81 -9.86 -44.30
C THR A 270 -4.28 -11.30 -44.28
N GLY A 271 -5.13 -12.24 -43.90
CA GLY A 271 -5.05 -13.67 -44.31
C GLY A 271 -3.66 -14.28 -44.15
N LYS A 272 -3.28 -15.14 -45.11
CA LYS A 272 -2.00 -15.89 -45.11
C LYS A 272 -0.78 -14.95 -45.21
N ALA A 273 -0.93 -13.79 -45.84
CA ALA A 273 0.16 -12.82 -46.07
C ALA A 273 0.66 -12.23 -44.74
N ASP A 274 -0.26 -11.90 -43.84
CA ASP A 274 0.01 -11.03 -42.67
C ASP A 274 -0.05 -11.80 -41.35
N THR A 275 -0.94 -12.76 -41.19
CA THR A 275 -1.22 -13.36 -39.88
C THR A 275 -0.58 -14.74 -39.85
N LYS A 276 0.17 -15.00 -38.79
CA LYS A 276 0.87 -16.28 -38.59
C LYS A 276 0.56 -16.79 -37.19
N ILE A 277 0.56 -18.09 -37.04
CA ILE A 277 0.41 -18.74 -35.74
C ILE A 277 1.76 -19.37 -35.43
N LEU A 278 2.39 -18.93 -34.36
CA LEU A 278 3.73 -19.42 -33.97
C LEU A 278 3.56 -20.47 -32.89
N PHE A 279 4.21 -21.61 -33.07
CA PHE A 279 4.19 -22.73 -32.11
C PHE A 279 5.52 -22.70 -31.39
N ILE A 280 5.48 -22.68 -30.07
CA ILE A 280 6.66 -22.33 -29.22
C ILE A 280 6.85 -23.42 -28.17
N GLU A 281 8.06 -23.90 -28.00
CA GLU A 281 8.36 -24.93 -26.99
C GLU A 281 9.51 -24.46 -26.12
N GLU A 282 9.20 -24.19 -24.85
CA GLU A 282 10.15 -23.62 -23.86
C GLU A 282 10.80 -22.34 -24.41
N GLY A 283 10.03 -21.51 -25.10
CA GLY A 283 10.51 -20.22 -25.62
C GLY A 283 11.09 -20.29 -27.02
N LYS A 284 11.50 -21.46 -27.50
CA LYS A 284 12.04 -21.66 -28.88
C LYS A 284 10.87 -21.69 -29.87
N ILE A 285 10.88 -20.87 -30.93
CA ILE A 285 9.85 -20.96 -31.99
C ILE A 285 10.11 -22.22 -32.82
N VAL A 286 9.27 -23.24 -32.71
CA VAL A 286 9.52 -24.57 -33.36
C VAL A 286 8.79 -24.66 -34.70
N HIS A 287 7.72 -23.89 -34.89
CA HIS A 287 6.95 -23.93 -36.15
C HIS A 287 6.20 -22.63 -36.37
N THR A 288 5.81 -22.35 -37.60
CA THR A 288 5.09 -21.12 -37.93
C THR A 288 4.15 -21.42 -39.10
N SER A 289 2.86 -21.32 -38.86
CA SER A 289 1.80 -21.58 -39.87
C SER A 289 1.23 -20.25 -40.34
N LYS A 290 1.12 -20.05 -41.64
CA LYS A 290 0.33 -18.92 -42.20
C LYS A 290 -1.14 -19.17 -41.87
N LEU A 291 -1.91 -18.11 -41.65
CA LEU A 291 -3.38 -18.24 -41.47
C LEU A 291 -3.99 -18.86 -42.73
N SER A 292 -4.95 -19.76 -42.56
CA SER A 292 -5.63 -20.47 -43.67
C SER A 292 -7.13 -20.54 -43.40
N GLY A 293 -7.94 -20.74 -44.43
CA GLY A 293 -9.41 -20.63 -44.32
C GLY A 293 -9.90 -19.21 -44.60
N SER A 294 -11.14 -18.92 -44.24
CA SER A 294 -11.89 -17.78 -44.81
C SER A 294 -11.88 -16.54 -43.91
N ALA A 295 -11.23 -16.56 -42.75
CA ALA A 295 -11.10 -15.35 -41.90
C ALA A 295 -10.19 -14.36 -42.61
N GLN A 296 -10.69 -13.17 -42.92
CA GLN A 296 -9.96 -12.29 -43.85
C GLN A 296 -8.98 -11.44 -43.05
N HIS A 297 -9.44 -10.72 -42.02
CA HIS A 297 -8.60 -9.85 -41.19
C HIS A 297 -8.69 -10.28 -39.73
N VAL A 298 -7.56 -10.53 -39.08
CA VAL A 298 -7.51 -11.30 -37.82
C VAL A 298 -6.53 -10.65 -36.86
N GLU A 299 -7.04 -10.02 -35.81
CA GLU A 299 -6.21 -9.25 -34.83
C GLU A 299 -6.66 -9.52 -33.41
N GLU A 300 -5.78 -9.36 -32.45
CA GLU A 300 -6.07 -9.39 -30.99
C GLU A 300 -6.87 -10.63 -30.57
N CYS A 301 -6.54 -11.78 -31.10
CA CYS A 301 -7.28 -13.00 -30.77
C CYS A 301 -7.38 -13.24 -29.25
N SER A 302 -8.56 -13.63 -28.80
CA SER A 302 -8.80 -14.21 -27.46
C SER A 302 -8.88 -15.69 -27.62
N CYS A 303 -7.97 -16.44 -27.01
CA CYS A 303 -7.84 -17.87 -27.31
C CYS A 303 -8.10 -18.72 -26.08
N TYR A 304 -8.55 -19.94 -26.29
CA TYR A 304 -8.82 -20.88 -25.20
C TYR A 304 -8.49 -22.29 -25.61
N PRO A 305 -8.01 -23.12 -24.68
CA PRO A 305 -7.77 -24.53 -24.97
C PRO A 305 -9.12 -25.21 -25.19
N ARG A 306 -9.16 -26.05 -26.19
CA ARG A 306 -10.35 -26.83 -26.58
C ARG A 306 -9.84 -28.17 -27.04
N TYR A 307 -9.33 -28.91 -26.06
CA TYR A 307 -8.48 -30.09 -26.28
C TYR A 307 -9.15 -31.02 -27.31
N PRO A 308 -8.44 -31.59 -28.31
CA PRO A 308 -6.99 -31.53 -28.46
C PRO A 308 -6.39 -30.24 -29.06
N GLY A 309 -7.21 -29.27 -29.42
CA GLY A 309 -6.72 -28.08 -30.12
C GLY A 309 -6.85 -26.82 -29.32
N VAL A 310 -6.64 -25.69 -29.97
CA VAL A 310 -6.83 -24.35 -29.40
C VAL A 310 -7.79 -23.61 -30.30
N ARG A 311 -8.69 -22.82 -29.74
CA ARG A 311 -9.67 -22.06 -30.52
C ARG A 311 -9.55 -20.60 -30.12
N CYS A 312 -9.69 -19.70 -31.07
CA CYS A 312 -9.46 -18.26 -30.89
C CYS A 312 -10.61 -17.51 -31.50
N VAL A 313 -11.08 -16.47 -30.85
CA VAL A 313 -12.08 -15.55 -31.43
C VAL A 313 -11.45 -14.17 -31.45
N CYS A 314 -11.51 -13.47 -32.58
CA CYS A 314 -10.55 -12.36 -32.86
C CYS A 314 -11.31 -11.10 -33.26
N ARG A 315 -10.57 -10.07 -33.66
CA ARG A 315 -11.12 -8.75 -34.06
C ARG A 315 -10.89 -8.59 -35.56
N ASP A 316 -11.95 -8.32 -36.30
CA ASP A 316 -11.84 -7.97 -37.73
C ASP A 316 -11.97 -6.45 -37.86
N ASN A 317 -10.85 -5.81 -38.19
CA ASN A 317 -10.75 -4.35 -38.19
C ASN A 317 -11.24 -3.74 -39.50
N TRP A 318 -11.64 -4.56 -40.49
CA TRP A 318 -11.82 -4.03 -41.87
C TRP A 318 -13.18 -4.35 -42.46
N LYS A 319 -13.63 -5.60 -42.34
CA LYS A 319 -14.79 -6.10 -43.12
C LYS A 319 -15.89 -6.58 -42.16
N GLY A 320 -15.57 -7.26 -41.07
CA GLY A 320 -16.57 -7.85 -40.17
C GLY A 320 -16.96 -6.93 -39.03
N SER A 321 -18.22 -6.94 -38.63
CA SER A 321 -18.63 -6.71 -37.21
C SER A 321 -18.96 -8.04 -36.54
N ASN A 322 -19.08 -9.11 -37.30
CA ASN A 322 -18.94 -10.47 -36.76
C ASN A 322 -17.46 -10.73 -36.47
N ARG A 323 -17.15 -11.68 -35.58
CA ARG A 323 -15.76 -11.96 -35.14
C ARG A 323 -15.20 -13.14 -35.88
N PRO A 324 -13.92 -13.15 -36.31
CA PRO A 324 -13.29 -14.34 -36.85
C PRO A 324 -13.05 -15.43 -35.80
N ILE A 325 -12.99 -16.66 -36.27
CA ILE A 325 -12.62 -17.83 -35.45
C ILE A 325 -11.38 -18.44 -36.09
N ILE A 326 -10.46 -18.91 -35.26
CA ILE A 326 -9.32 -19.72 -35.72
C ILE A 326 -9.34 -21.00 -34.91
N ASP A 327 -9.30 -22.14 -35.57
CA ASP A 327 -9.00 -23.41 -34.92
C ASP A 327 -7.55 -23.74 -35.23
N ILE A 328 -6.79 -24.06 -34.20
CA ILE A 328 -5.34 -24.35 -34.30
C ILE A 328 -5.16 -25.81 -33.89
N ASN A 329 -4.63 -26.62 -34.77
CA ASN A 329 -4.26 -28.01 -34.43
C ASN A 329 -2.84 -28.03 -33.87
N ILE A 330 -2.66 -28.40 -32.62
CA ILE A 330 -1.33 -28.40 -31.95
C ILE A 330 -0.46 -29.56 -32.48
N LYS A 331 -1.04 -30.69 -32.88
CA LYS A 331 -0.26 -31.89 -33.23
C LYS A 331 0.34 -31.80 -34.63
N ASP A 332 -0.31 -31.09 -35.56
CA ASP A 332 0.16 -31.04 -36.97
C ASP A 332 0.21 -29.61 -37.52
N HIS A 333 0.04 -28.63 -36.65
CA HIS A 333 0.20 -27.19 -36.93
C HIS A 333 -0.78 -26.68 -37.98
N SER A 334 -1.80 -27.44 -38.36
CA SER A 334 -2.81 -26.99 -39.36
C SER A 334 -3.72 -25.93 -38.78
N ILE A 335 -4.13 -24.99 -39.63
CA ILE A 335 -4.97 -23.84 -39.24
C ILE A 335 -6.25 -23.90 -40.06
N VAL A 336 -7.38 -23.63 -39.42
CA VAL A 336 -8.70 -23.47 -40.07
C VAL A 336 -9.29 -22.17 -39.53
N SER A 337 -10.08 -21.47 -40.33
CA SER A 337 -10.69 -20.22 -39.85
C SER A 337 -12.02 -19.93 -40.54
N SER A 338 -12.80 -19.09 -39.88
CA SER A 338 -14.21 -18.78 -40.26
C SER A 338 -14.69 -17.61 -39.41
N TYR A 339 -15.99 -17.40 -39.27
CA TYR A 339 -16.55 -16.32 -38.41
C TYR A 339 -17.62 -16.89 -37.47
N VAL A 340 -17.84 -16.18 -36.35
CA VAL A 340 -18.89 -16.51 -35.36
C VAL A 340 -20.25 -16.34 -36.05
N CYS A 341 -21.01 -17.43 -36.14
CA CYS A 341 -22.24 -17.48 -36.96
C CYS A 341 -23.29 -16.49 -36.43
N SER A 342 -23.50 -16.41 -35.13
CA SER A 342 -24.54 -15.61 -34.42
C SER A 342 -24.99 -14.35 -35.13
N GLY A 343 -26.31 -14.17 -35.29
CA GLY A 343 -26.89 -12.94 -35.87
C GLY A 343 -26.73 -11.77 -34.93
N LEU A 344 -26.58 -12.05 -33.64
CA LEU A 344 -26.16 -11.04 -32.64
C LEU A 344 -24.64 -11.02 -32.66
N VAL A 345 -24.04 -10.04 -33.30
CA VAL A 345 -22.57 -9.99 -33.52
C VAL A 345 -21.89 -9.29 -32.34
N GLY A 346 -20.60 -9.56 -32.15
CA GLY A 346 -19.88 -9.20 -30.92
C GLY A 346 -18.88 -8.05 -31.07
N ASP A 347 -18.65 -7.52 -32.25
CA ASP A 347 -17.69 -6.41 -32.42
C ASP A 347 -18.36 -5.06 -32.14
N THR A 348 -17.54 -4.03 -32.04
CA THR A 348 -18.00 -2.62 -31.91
C THR A 348 -17.11 -1.78 -32.80
N PRO A 349 -17.63 -0.97 -33.76
CA PRO A 349 -19.05 -0.79 -34.03
C PRO A 349 -19.73 -2.01 -34.66
N ARG A 350 -21.06 -1.98 -34.63
CA ARG A 350 -21.94 -2.99 -35.28
C ARG A 350 -23.31 -2.36 -35.55
N LYS A 351 -24.16 -3.02 -36.33
CA LYS A 351 -25.56 -2.55 -36.50
C LYS A 351 -26.38 -2.96 -35.29
N SER A 352 -27.51 -2.28 -35.07
CA SER A 352 -28.49 -2.61 -33.98
C SER A 352 -28.98 -4.06 -34.14
N ASP A 353 -29.34 -4.74 -33.05
CA ASP A 353 -29.68 -6.20 -33.10
C ASP A 353 -30.86 -6.47 -34.04
N SER A 354 -31.78 -5.53 -34.18
CA SER A 354 -32.95 -5.68 -35.11
C SER A 354 -32.49 -5.73 -36.58
N SER A 355 -31.35 -5.11 -36.91
CA SER A 355 -30.93 -4.88 -38.31
C SER A 355 -29.59 -5.54 -38.66
N SER A 356 -28.84 -6.04 -37.67
CA SER A 356 -27.58 -6.80 -37.90
C SER A 356 -27.88 -8.13 -38.57
N SER A 357 -26.86 -8.67 -39.23
CA SER A 357 -26.85 -10.06 -39.74
C SER A 357 -25.43 -10.60 -39.62
N SER A 358 -25.25 -11.87 -39.91
CA SER A 358 -23.92 -12.49 -39.88
C SER A 358 -23.79 -13.53 -40.99
N HIS A 359 -22.63 -14.14 -41.08
CA HIS A 359 -22.32 -15.24 -42.03
C HIS A 359 -21.34 -16.15 -41.31
N CYS A 360 -21.38 -17.45 -41.56
CA CYS A 360 -20.45 -18.38 -40.88
C CYS A 360 -19.04 -18.30 -41.49
N LEU A 361 -18.91 -17.96 -42.78
CA LEU A 361 -17.62 -18.03 -43.49
C LEU A 361 -17.02 -16.66 -43.73
N ASN A 362 -17.85 -15.64 -43.93
CA ASN A 362 -17.40 -14.33 -44.49
C ASN A 362 -17.62 -13.22 -43.47
N PRO A 363 -16.87 -12.12 -43.56
CA PRO A 363 -17.21 -10.91 -42.82
C PRO A 363 -18.56 -10.36 -43.31
N ASN A 364 -19.37 -9.90 -42.38
CA ASN A 364 -20.77 -9.52 -42.67
C ASN A 364 -20.88 -8.18 -43.43
N ASN A 365 -19.80 -7.40 -43.56
CA ASN A 365 -19.76 -6.07 -44.23
C ASN A 365 -20.70 -5.05 -43.58
N GLU A 366 -21.11 -5.25 -42.34
CA GLU A 366 -21.97 -4.30 -41.61
C GLU A 366 -21.13 -3.55 -40.58
N GLU A 367 -20.91 -2.26 -40.72
CA GLU A 367 -19.96 -1.49 -39.85
C GLU A 367 -18.63 -2.29 -39.73
N GLY A 368 -18.09 -2.77 -40.83
CA GLY A 368 -16.90 -3.65 -40.80
C GLY A 368 -15.70 -3.00 -40.16
N GLY A 369 -15.39 -1.78 -40.57
CA GLY A 369 -14.15 -1.10 -40.18
C GLY A 369 -14.09 -0.80 -38.71
N HIS A 370 -12.89 -0.83 -38.14
CA HIS A 370 -12.60 -0.67 -36.70
C HIS A 370 -13.24 -1.81 -35.92
N GLY A 371 -13.01 -1.84 -34.61
CA GLY A 371 -13.42 -3.00 -33.80
C GLY A 371 -13.05 -2.82 -32.35
N VAL A 372 -13.25 -3.87 -31.56
CA VAL A 372 -12.68 -3.93 -30.20
C VAL A 372 -12.31 -5.38 -29.88
N LYS A 373 -11.28 -5.60 -29.09
CA LYS A 373 -10.91 -6.95 -28.68
C LYS A 373 -12.01 -7.52 -27.80
N GLY A 374 -12.44 -8.74 -28.09
CA GLY A 374 -13.52 -9.37 -27.34
C GLY A 374 -13.41 -10.86 -27.40
N TRP A 375 -14.48 -11.57 -27.06
CA TRP A 375 -14.38 -13.03 -26.92
C TRP A 375 -15.74 -13.68 -27.18
N ALA A 376 -15.70 -14.96 -27.44
CA ALA A 376 -16.88 -15.84 -27.46
C ALA A 376 -16.38 -17.27 -27.25
N PHE A 377 -17.23 -18.17 -26.81
CA PHE A 377 -16.85 -19.60 -26.82
C PHE A 377 -18.07 -20.45 -27.09
N ASP A 378 -17.86 -21.59 -27.71
CA ASP A 378 -18.97 -22.51 -28.04
C ASP A 378 -19.46 -23.21 -26.76
N ASP A 379 -20.71 -23.63 -26.79
CA ASP A 379 -21.31 -24.50 -25.76
C ASP A 379 -22.27 -25.46 -26.49
N GLY A 380 -21.73 -26.50 -27.11
CA GLY A 380 -22.48 -27.28 -28.12
C GLY A 380 -22.74 -26.42 -29.33
N ASN A 381 -23.99 -26.24 -29.77
CA ASN A 381 -24.34 -25.33 -30.87
C ASN A 381 -24.56 -23.92 -30.36
N ASP A 382 -24.73 -23.71 -29.07
CA ASP A 382 -24.94 -22.36 -28.52
C ASP A 382 -23.60 -21.62 -28.42
N VAL A 383 -23.64 -20.30 -28.32
CA VAL A 383 -22.39 -19.52 -28.10
C VAL A 383 -22.58 -18.62 -26.90
N TRP A 384 -21.60 -18.58 -26.01
CA TRP A 384 -21.49 -17.55 -24.96
C TRP A 384 -20.60 -16.45 -25.46
N MET A 385 -21.01 -15.21 -25.31
CA MET A 385 -20.17 -14.11 -25.82
C MET A 385 -20.44 -12.86 -25.02
N GLY A 386 -19.48 -11.95 -25.04
CA GLY A 386 -19.58 -10.64 -24.38
C GLY A 386 -19.38 -9.54 -25.39
N ARG A 387 -20.01 -8.39 -25.16
CA ARG A 387 -19.85 -7.22 -26.04
C ARG A 387 -20.20 -5.93 -25.30
N THR A 388 -19.80 -4.80 -25.84
CA THR A 388 -20.22 -3.50 -25.30
C THR A 388 -21.73 -3.36 -25.48
N ILE A 389 -22.43 -2.76 -24.54
CA ILE A 389 -23.90 -2.63 -24.65
C ILE A 389 -24.20 -1.64 -25.76
N ASN A 390 -23.49 -0.53 -25.81
CA ASN A 390 -23.65 0.48 -26.88
C ASN A 390 -23.09 -0.06 -28.19
N GLU A 391 -23.69 0.28 -29.32
CA GLU A 391 -23.36 -0.34 -30.63
C GLU A 391 -22.20 0.38 -31.32
N THR A 392 -21.90 1.63 -31.00
CA THR A 392 -20.97 2.47 -31.78
C THR A 392 -19.88 3.10 -30.90
N SER A 393 -19.86 2.80 -29.62
CA SER A 393 -18.84 3.30 -28.67
C SER A 393 -18.64 2.28 -27.56
N ARG A 394 -17.50 2.30 -26.89
CA ARG A 394 -17.17 1.26 -25.90
C ARG A 394 -17.78 1.64 -24.55
N LEU A 395 -19.12 1.68 -24.49
CA LEU A 395 -19.87 1.89 -23.24
C LEU A 395 -20.64 0.62 -22.84
N GLY A 396 -20.67 0.37 -21.55
CA GLY A 396 -21.30 -0.80 -20.95
C GLY A 396 -20.62 -2.08 -21.34
N TYR A 397 -21.10 -3.17 -20.78
CA TYR A 397 -20.67 -4.50 -21.16
C TYR A 397 -21.74 -5.50 -20.76
N GLU A 398 -22.10 -6.39 -21.66
CA GLU A 398 -23.11 -7.45 -21.43
C GLU A 398 -22.55 -8.77 -21.91
N THR A 399 -22.99 -9.85 -21.29
CA THR A 399 -22.73 -11.21 -21.77
C THR A 399 -24.04 -11.94 -21.92
N PHE A 400 -24.13 -12.88 -22.84
CA PHE A 400 -25.35 -13.70 -23.01
C PHE A 400 -25.03 -14.95 -23.80
N LYS A 401 -25.94 -15.91 -23.73
CA LYS A 401 -25.88 -17.13 -24.57
C LYS A 401 -26.80 -16.92 -25.76
N VAL A 402 -26.36 -17.30 -26.95
CA VAL A 402 -27.24 -17.25 -28.15
C VAL A 402 -27.56 -18.67 -28.52
N VAL A 403 -28.84 -19.02 -28.56
CA VAL A 403 -29.23 -20.44 -28.80
C VAL A 403 -28.94 -20.80 -30.27
N GLU A 404 -28.21 -21.89 -30.49
CA GLU A 404 -27.65 -22.29 -31.81
C GLU A 404 -26.76 -21.19 -32.41
N GLY A 405 -26.36 -20.17 -31.68
CA GLY A 405 -25.63 -19.02 -32.27
C GLY A 405 -24.20 -19.37 -32.64
N TRP A 406 -23.68 -20.56 -32.34
CA TRP A 406 -22.36 -20.94 -32.86
C TRP A 406 -22.48 -21.48 -34.28
N SER A 407 -23.62 -22.00 -34.69
CA SER A 407 -23.74 -22.79 -35.94
C SER A 407 -24.88 -22.32 -36.87
N ASN A 408 -25.83 -21.55 -36.38
CA ASN A 408 -26.97 -21.07 -37.20
C ASN A 408 -26.85 -19.55 -37.34
N PRO A 409 -26.49 -19.01 -38.53
CA PRO A 409 -26.21 -17.59 -38.67
C PRO A 409 -27.43 -16.66 -38.69
N LYS A 410 -28.64 -17.23 -38.69
CA LYS A 410 -29.89 -16.43 -38.63
C LYS A 410 -30.42 -16.33 -37.19
N SER A 411 -29.84 -17.08 -36.24
CA SER A 411 -30.31 -17.08 -34.84
C SER A 411 -30.02 -15.74 -34.17
N LYS A 412 -31.04 -15.17 -33.50
CA LYS A 412 -30.89 -14.04 -32.56
C LYS A 412 -31.55 -14.31 -31.21
N LEU A 413 -31.71 -15.56 -30.87
CA LEU A 413 -32.43 -16.00 -29.66
C LEU A 413 -31.46 -15.91 -28.49
N GLN A 414 -31.36 -14.74 -27.83
CA GLN A 414 -30.45 -14.65 -26.65
C GLN A 414 -31.19 -15.01 -25.36
N ILE A 415 -30.44 -15.50 -24.38
CA ILE A 415 -30.91 -15.92 -23.05
C ILE A 415 -29.76 -15.76 -22.06
N ASN A 416 -30.04 -15.77 -20.77
CA ASN A 416 -29.01 -15.69 -19.70
C ASN A 416 -28.18 -14.41 -19.86
N ARG A 417 -28.79 -13.29 -20.22
CA ARG A 417 -28.07 -12.00 -20.27
C ARG A 417 -27.63 -11.56 -18.88
N GLN A 418 -26.43 -11.00 -18.79
CA GLN A 418 -25.94 -10.31 -17.58
C GLN A 418 -25.33 -9.00 -17.97
N VAL A 419 -25.70 -7.94 -17.30
CA VAL A 419 -24.95 -6.66 -17.39
C VAL A 419 -23.75 -6.81 -16.49
N ILE A 420 -22.56 -6.53 -17.00
CA ILE A 420 -21.32 -6.49 -16.19
C ILE A 420 -21.02 -5.03 -15.88
N VAL A 421 -21.15 -4.18 -16.87
CA VAL A 421 -20.94 -2.73 -16.71
C VAL A 421 -22.17 -2.05 -17.30
N ASP A 422 -22.82 -1.19 -16.55
CA ASP A 422 -24.05 -0.52 -17.01
C ASP A 422 -23.76 0.28 -18.30
N ARG A 423 -24.76 0.47 -19.13
CA ARG A 423 -24.62 1.10 -20.47
C ARG A 423 -24.12 2.56 -20.40
N GLY A 424 -24.09 3.21 -19.24
CA GLY A 424 -23.59 4.59 -19.11
C GLY A 424 -22.12 4.66 -18.75
N ASP A 425 -21.50 3.53 -18.43
CA ASP A 425 -20.13 3.48 -17.87
C ASP A 425 -19.15 2.87 -18.89
N ARG A 426 -17.93 3.38 -18.94
CA ARG A 426 -16.95 2.97 -19.98
C ARG A 426 -16.47 1.54 -19.78
N SER A 427 -16.27 0.85 -20.89
CA SER A 427 -15.57 -0.45 -20.94
C SER A 427 -14.32 -0.32 -21.83
N GLY A 428 -14.04 -1.30 -22.67
CA GLY A 428 -12.74 -1.40 -23.35
C GLY A 428 -12.53 -2.82 -23.85
N TYR A 429 -11.28 -3.24 -23.94
CA TYR A 429 -10.95 -4.63 -24.35
C TYR A 429 -11.56 -5.63 -23.39
N SER A 430 -11.79 -6.82 -23.87
CA SER A 430 -12.18 -7.95 -22.99
C SER A 430 -11.62 -9.21 -23.62
N GLY A 431 -11.38 -10.21 -22.79
CA GLY A 431 -10.73 -11.43 -23.28
C GLY A 431 -11.03 -12.59 -22.38
N ILE A 432 -11.01 -13.77 -22.94
CA ILE A 432 -11.23 -15.00 -22.17
C ILE A 432 -9.93 -15.43 -21.50
N PHE A 433 -10.04 -16.17 -20.41
CA PHE A 433 -8.95 -17.03 -19.90
C PHE A 433 -9.56 -18.27 -19.30
N SER A 434 -8.81 -19.34 -19.28
CA SER A 434 -9.31 -20.66 -18.87
C SER A 434 -8.65 -21.07 -17.58
N VAL A 435 -9.43 -21.69 -16.70
CA VAL A 435 -8.97 -22.03 -15.35
C VAL A 435 -9.33 -23.46 -15.11
N GLU A 436 -8.38 -24.25 -14.68
CA GLU A 436 -8.62 -25.71 -14.53
C GLU A 436 -9.24 -25.96 -13.16
N GLY A 437 -10.42 -26.55 -13.14
CA GLY A 437 -11.09 -27.01 -11.90
C GLY A 437 -10.77 -28.46 -11.59
N LYS A 438 -11.45 -29.01 -10.60
CA LYS A 438 -11.23 -30.40 -10.13
C LYS A 438 -11.55 -31.38 -11.26
N SER A 439 -12.59 -31.11 -12.05
CA SER A 439 -13.16 -32.09 -13.01
C SER A 439 -13.43 -31.50 -14.39
N CYS A 440 -13.24 -30.19 -14.60
CA CYS A 440 -13.60 -29.52 -15.88
C CYS A 440 -12.82 -28.22 -16.04
N ILE A 441 -12.74 -27.70 -17.25
CA ILE A 441 -12.04 -26.41 -17.53
C ILE A 441 -13.09 -25.29 -17.53
N ASN A 442 -12.91 -24.32 -16.66
CA ASN A 442 -13.85 -23.19 -16.58
C ASN A 442 -13.40 -22.09 -17.53
N ARG A 443 -14.34 -21.30 -18.04
CA ARG A 443 -14.04 -20.12 -18.85
C ARG A 443 -14.34 -18.89 -18.01
N CYS A 444 -13.41 -17.97 -18.00
CA CYS A 444 -13.52 -16.71 -17.26
C CYS A 444 -13.24 -15.60 -18.26
N PHE A 445 -13.61 -14.38 -17.94
CA PHE A 445 -13.22 -13.27 -18.82
C PHE A 445 -12.92 -12.05 -17.97
N TYR A 446 -12.24 -11.09 -18.58
CA TYR A 446 -11.93 -9.80 -17.94
C TYR A 446 -12.48 -8.70 -18.82
N VAL A 447 -12.75 -7.55 -18.24
CA VAL A 447 -13.12 -6.34 -19.00
C VAL A 447 -12.17 -5.24 -18.59
N GLU A 448 -11.53 -4.62 -19.56
CA GLU A 448 -10.76 -3.38 -19.38
C GLU A 448 -11.77 -2.26 -19.20
N LEU A 449 -11.59 -1.44 -18.19
CA LEU A 449 -12.47 -0.28 -17.95
C LEU A 449 -11.63 0.96 -18.21
N ILE A 450 -11.64 1.44 -19.44
CA ILE A 450 -10.75 2.57 -19.85
C ILE A 450 -11.31 3.86 -19.27
N ARG A 451 -10.44 4.71 -18.74
CA ARG A 451 -10.81 6.05 -18.24
C ARG A 451 -9.83 7.08 -18.77
N GLY A 452 -10.28 8.31 -18.88
CA GLY A 452 -9.46 9.45 -19.30
C GLY A 452 -9.53 9.70 -20.79
N ARG A 453 -8.52 10.35 -21.33
CA ARG A 453 -8.50 10.85 -22.73
C ARG A 453 -8.64 9.69 -23.72
N LYS A 454 -9.24 9.90 -24.90
CA LYS A 454 -9.69 11.16 -25.48
C LYS A 454 -11.08 11.58 -24.99
N GLU A 455 -11.90 10.65 -24.53
CA GLU A 455 -13.35 10.86 -24.28
C GLU A 455 -13.57 11.73 -23.03
N GLU A 456 -12.75 11.55 -22.01
CA GLU A 456 -12.89 12.29 -20.75
C GLU A 456 -11.77 13.32 -20.64
N THR A 457 -12.08 14.58 -20.91
CA THR A 457 -11.07 15.67 -20.93
C THR A 457 -10.82 16.29 -19.55
N GLU A 458 -11.39 15.73 -18.48
CA GLU A 458 -11.13 16.17 -17.08
C GLU A 458 -9.67 15.92 -16.70
N VAL A 459 -9.02 14.99 -17.39
CA VAL A 459 -7.68 14.48 -17.01
C VAL A 459 -6.76 14.51 -18.23
N LEU A 460 -5.46 14.47 -18.00
CA LEU A 460 -4.47 14.47 -19.11
C LEU A 460 -4.10 13.04 -19.50
N TRP A 461 -4.41 12.06 -18.67
CA TRP A 461 -3.92 10.68 -18.85
C TRP A 461 -5.01 9.78 -19.47
N THR A 462 -4.61 8.61 -19.93
CA THR A 462 -5.51 7.51 -20.30
C THR A 462 -5.04 6.30 -19.52
N SER A 463 -5.93 5.60 -18.84
CA SER A 463 -5.55 4.43 -18.05
C SER A 463 -6.73 3.48 -17.92
N ASN A 464 -6.52 2.30 -17.35
CA ASN A 464 -7.65 1.37 -17.17
C ASN A 464 -7.66 0.82 -15.74
N SER A 465 -8.83 0.39 -15.29
CA SER A 465 -8.94 -0.62 -14.23
C SER A 465 -9.45 -1.92 -14.85
N ILE A 466 -9.69 -2.95 -14.08
CA ILE A 466 -10.33 -4.16 -14.61
C ILE A 466 -11.41 -4.65 -13.67
N VAL A 467 -12.29 -5.44 -14.24
CA VAL A 467 -13.21 -6.33 -13.51
C VAL A 467 -13.15 -7.68 -14.19
N VAL A 468 -13.30 -8.73 -13.40
CA VAL A 468 -13.07 -10.12 -13.85
C VAL A 468 -14.22 -10.96 -13.37
N PHE A 469 -14.71 -11.84 -14.23
CA PHE A 469 -15.87 -12.72 -13.98
C PHE A 469 -15.49 -14.14 -14.37
N CYS A 470 -16.00 -15.13 -13.66
CA CYS A 470 -15.75 -16.52 -14.02
C CYS A 470 -17.07 -17.25 -14.26
N GLY A 471 -17.03 -18.23 -15.15
CA GLY A 471 -18.18 -19.11 -15.41
C GLY A 471 -18.59 -19.84 -14.16
N THR A 472 -19.87 -20.07 -14.00
CA THR A 472 -20.44 -20.80 -12.85
C THR A 472 -21.47 -21.77 -13.38
N SER A 473 -21.57 -22.92 -12.76
CA SER A 473 -22.68 -23.87 -12.98
C SER A 473 -23.80 -23.59 -11.97
N GLY A 474 -23.53 -22.77 -10.96
CA GLY A 474 -24.48 -22.42 -9.90
C GLY A 474 -25.39 -21.34 -10.35
N THR A 475 -25.84 -20.53 -9.41
CA THR A 475 -26.78 -19.42 -9.69
C THR A 475 -26.12 -18.10 -9.31
N TYR A 476 -26.70 -17.03 -9.83
CA TYR A 476 -26.11 -15.69 -9.70
C TYR A 476 -27.24 -14.69 -9.80
N GLY A 477 -26.98 -13.49 -9.36
CA GLY A 477 -27.98 -12.43 -9.38
C GLY A 477 -27.58 -11.39 -10.38
N THR A 478 -27.67 -10.12 -10.00
CA THR A 478 -27.47 -8.97 -10.92
C THR A 478 -26.62 -7.92 -10.22
N GLY A 479 -26.04 -7.04 -11.01
CA GLY A 479 -25.22 -5.92 -10.52
C GLY A 479 -24.67 -5.12 -11.67
N SER A 480 -23.74 -4.26 -11.37
CA SER A 480 -22.98 -3.45 -12.33
C SER A 480 -21.71 -3.02 -11.63
N TRP A 481 -20.56 -3.36 -12.18
CA TRP A 481 -19.27 -3.11 -11.52
C TRP A 481 -18.39 -2.26 -12.41
N PRO A 482 -18.70 -0.95 -12.51
CA PRO A 482 -17.93 -0.05 -13.35
C PRO A 482 -16.59 0.29 -12.70
N ASP A 483 -15.82 1.14 -13.37
CA ASP A 483 -14.50 1.58 -12.85
C ASP A 483 -14.68 2.27 -11.51
N GLY A 484 -15.51 3.31 -11.46
CA GLY A 484 -15.89 3.91 -10.18
C GLY A 484 -15.06 5.12 -9.79
N ALA A 485 -14.06 5.52 -10.54
CA ALA A 485 -13.30 6.75 -10.22
C ALA A 485 -14.08 8.00 -10.61
N ASP A 486 -13.95 9.08 -9.85
CA ASP A 486 -14.67 10.34 -10.09
C ASP A 486 -13.68 11.37 -10.66
N LEU A 487 -13.59 11.46 -11.98
CA LEU A 487 -12.53 12.27 -12.63
C LEU A 487 -12.81 13.77 -12.40
N ASN A 488 -13.99 14.16 -11.95
CA ASN A 488 -14.27 15.56 -11.56
C ASN A 488 -13.48 15.94 -10.30
N LEU A 489 -13.13 14.98 -9.46
CA LEU A 489 -12.46 15.24 -8.17
C LEU A 489 -10.95 15.15 -8.36
N MET A 490 -10.47 14.13 -9.05
CA MET A 490 -9.02 14.01 -9.40
C MET A 490 -8.73 14.79 -10.68
N HIS A 491 -9.49 15.85 -10.91
CA HIS A 491 -9.43 16.74 -12.10
C HIS A 491 -8.11 17.48 -12.16
N THR A 492 -7.61 17.67 -13.38
CA THR A 492 -6.39 18.46 -13.67
C THR A 492 -6.80 19.93 -13.74
N VAL B 2 3.07 25.73 -45.66
CA VAL B 2 3.64 24.57 -46.44
C VAL B 2 3.32 24.75 -47.93
N GLN B 3 4.33 24.87 -48.77
CA GLN B 3 4.14 24.78 -50.25
C GLN B 3 4.19 23.32 -50.68
N LEU B 4 3.34 22.94 -51.61
CA LEU B 4 3.40 21.63 -52.33
C LEU B 4 3.39 21.94 -53.82
N VAL B 5 4.35 21.43 -54.57
CA VAL B 5 4.49 21.73 -56.03
C VAL B 5 4.52 20.39 -56.76
N GLN B 6 3.63 20.19 -57.72
CA GLN B 6 3.49 18.86 -58.37
C GLN B 6 4.06 18.87 -59.79
N SER B 7 4.40 17.68 -60.28
CA SER B 7 4.75 17.41 -61.69
C SER B 7 3.61 17.85 -62.63
N GLY B 8 3.98 18.32 -63.83
CA GLY B 8 3.03 18.76 -64.87
C GLY B 8 2.13 17.64 -65.39
N ALA B 9 1.17 18.02 -66.23
CA ALA B 9 0.08 17.14 -66.73
C ALA B 9 0.63 15.93 -67.51
N GLU B 10 -0.16 14.86 -67.53
CA GLU B 10 0.17 13.58 -68.20
C GLU B 10 -0.97 13.17 -69.14
N VAL B 11 -0.60 12.56 -70.27
CA VAL B 11 -1.58 11.78 -71.07
C VAL B 11 -1.00 10.38 -71.31
N LYS B 12 -1.79 9.36 -70.99
CA LYS B 12 -1.31 7.96 -70.92
C LYS B 12 -2.23 7.04 -71.72
N ARG B 13 -1.61 6.09 -72.44
CA ARG B 13 -2.34 4.96 -73.09
C ARG B 13 -2.93 4.06 -71.99
N PRO B 14 -4.17 3.53 -72.15
CA PRO B 14 -4.75 2.62 -71.17
C PRO B 14 -3.87 1.39 -70.87
N GLY B 15 -3.97 0.87 -69.63
CA GLY B 15 -3.19 -0.29 -69.17
C GLY B 15 -1.75 0.03 -68.78
N SER B 16 -1.26 1.25 -69.04
CA SER B 16 0.07 1.74 -68.58
C SER B 16 0.02 2.24 -67.12
N SER B 17 1.15 2.78 -66.64
CA SER B 17 1.28 3.37 -65.28
C SER B 17 1.72 4.84 -65.35
N VAL B 18 1.31 5.62 -64.36
CA VAL B 18 1.74 7.05 -64.22
C VAL B 18 2.46 7.22 -62.88
N ARG B 19 3.40 8.15 -62.79
CA ARG B 19 4.14 8.45 -61.55
C ARG B 19 4.12 9.97 -61.30
N VAL B 20 3.12 10.42 -60.57
CA VAL B 20 2.96 11.86 -60.21
C VAL B 20 3.92 12.17 -59.06
N SER B 21 4.50 13.36 -59.05
CA SER B 21 5.41 13.81 -57.96
C SER B 21 4.87 15.05 -57.26
N CYS B 22 5.34 15.28 -56.05
CA CYS B 22 4.89 16.36 -55.16
C CYS B 22 6.08 16.79 -54.30
N LYS B 23 6.65 17.96 -54.57
CA LYS B 23 7.80 18.48 -53.79
C LYS B 23 7.26 19.44 -52.72
N ALA B 24 7.58 19.17 -51.47
CA ALA B 24 7.08 19.94 -50.31
C ALA B 24 8.15 20.91 -49.77
N SER B 25 7.73 21.87 -48.93
CA SER B 25 8.63 22.61 -48.02
C SER B 25 9.44 21.62 -47.16
N GLU B 26 10.70 21.94 -46.91
CA GLU B 26 11.64 21.01 -46.20
C GLU B 26 11.06 20.60 -44.83
N GLY B 27 11.10 19.29 -44.53
CA GLY B 27 10.68 18.73 -43.24
C GLY B 27 9.18 18.44 -43.15
N THR B 28 8.39 18.72 -44.18
CA THR B 28 6.92 18.46 -44.19
C THR B 28 6.60 17.02 -43.79
N PHE B 29 7.36 16.05 -44.28
CA PHE B 29 7.06 14.61 -44.08
C PHE B 29 7.40 14.14 -42.66
N ASN B 30 7.88 15.03 -41.79
CA ASN B 30 8.03 14.73 -40.34
C ASN B 30 6.84 15.28 -39.55
N LYS B 31 6.08 16.23 -40.13
CA LYS B 31 5.03 17.00 -39.43
C LYS B 31 3.63 16.57 -39.88
N TYR B 32 3.46 16.17 -41.14
CA TYR B 32 2.14 15.83 -41.73
C TYR B 32 2.18 14.46 -42.39
N THR B 33 1.05 13.76 -42.45
CA THR B 33 0.85 12.68 -43.42
C THR B 33 0.83 13.30 -44.81
N LEU B 34 1.47 12.66 -45.78
CA LEU B 34 1.37 13.10 -47.20
C LEU B 34 0.36 12.18 -47.89
N THR B 35 -0.69 12.79 -48.43
CA THR B 35 -1.90 12.11 -48.90
C THR B 35 -2.10 12.41 -50.38
N TRP B 36 -2.61 11.44 -51.12
CA TRP B 36 -3.07 11.67 -52.52
C TRP B 36 -4.59 11.61 -52.59
N VAL B 37 -5.20 12.62 -53.18
CA VAL B 37 -6.67 12.73 -53.37
C VAL B 37 -6.93 13.04 -54.84
N ARG B 38 -7.89 12.38 -55.47
CA ARG B 38 -8.19 12.67 -56.90
C ARG B 38 -9.61 13.19 -57.10
N GLN B 39 -9.79 13.90 -58.20
CA GLN B 39 -11.09 14.49 -58.61
C GLN B 39 -11.29 14.20 -60.10
N ALA B 40 -12.11 13.21 -60.42
CA ALA B 40 -12.56 12.97 -61.82
C ALA B 40 -13.42 14.15 -62.24
N PRO B 41 -13.35 14.63 -63.49
CA PRO B 41 -13.96 15.91 -63.88
C PRO B 41 -15.49 16.02 -63.66
N GLY B 42 -16.20 14.89 -63.67
CA GLY B 42 -17.66 14.85 -63.39
C GLY B 42 -17.98 14.47 -61.96
N GLN B 43 -17.03 14.58 -61.02
CA GLN B 43 -17.18 13.97 -59.67
C GLN B 43 -16.67 14.86 -58.54
N GLY B 44 -17.04 14.47 -57.31
CA GLY B 44 -16.41 14.97 -56.08
C GLY B 44 -15.04 14.33 -55.83
N LEU B 45 -14.46 14.71 -54.69
CA LEU B 45 -13.09 14.34 -54.26
C LEU B 45 -13.07 12.90 -53.76
N GLU B 46 -11.93 12.24 -53.88
CA GLU B 46 -11.78 10.80 -53.56
C GLU B 46 -10.37 10.55 -53.01
N TRP B 47 -10.28 10.14 -51.75
CA TRP B 47 -9.00 9.82 -51.07
C TRP B 47 -8.43 8.53 -51.63
N MET B 48 -7.14 8.52 -51.99
CA MET B 48 -6.49 7.28 -52.51
C MET B 48 -5.65 6.61 -51.43
N GLY B 49 -4.94 7.40 -50.63
CA GLY B 49 -4.05 6.87 -49.61
C GLY B 49 -3.11 7.94 -49.09
N GLY B 50 -2.24 7.56 -48.14
CA GLY B 50 -1.21 8.48 -47.64
C GLY B 50 -0.11 7.77 -46.90
N ILE B 51 0.98 8.49 -46.69
CA ILE B 51 2.20 7.96 -46.04
C ILE B 51 2.44 8.76 -44.76
N ILE B 52 2.54 8.03 -43.64
CA ILE B 52 2.46 8.61 -42.28
C ILE B 52 3.85 9.09 -41.87
N PRO B 53 3.99 10.25 -41.18
CA PRO B 53 5.31 10.73 -40.77
C PRO B 53 6.01 9.77 -39.80
N ILE B 54 7.32 9.97 -39.66
CA ILE B 54 8.26 9.22 -38.78
C ILE B 54 8.44 7.80 -39.33
N SER B 55 7.42 6.94 -39.33
CA SER B 55 7.57 5.52 -39.73
C SER B 55 7.58 5.39 -41.25
N GLY B 56 6.94 6.30 -41.98
CA GLY B 56 6.87 6.25 -43.44
C GLY B 56 6.06 5.06 -43.94
N ILE B 57 5.22 4.45 -43.10
CA ILE B 57 4.29 3.38 -43.55
C ILE B 57 3.14 4.04 -44.34
N ALA B 58 2.67 3.38 -45.40
CA ALA B 58 1.60 3.93 -46.25
C ALA B 58 0.32 3.11 -46.15
N ASN B 59 -0.80 3.82 -46.30
CA ASN B 59 -2.18 3.33 -46.09
C ASN B 59 -2.99 3.72 -47.33
N TYR B 60 -3.71 2.78 -47.93
CA TYR B 60 -4.42 3.01 -49.22
C TYR B 60 -5.89 2.61 -49.09
N ALA B 61 -6.76 3.36 -49.76
CA ALA B 61 -8.20 3.05 -49.83
C ALA B 61 -8.41 1.67 -50.49
N GLN B 62 -9.41 0.91 -50.05
CA GLN B 62 -9.67 -0.47 -50.53
C GLN B 62 -9.81 -0.50 -52.06
N LYS B 63 -10.31 0.55 -52.71
CA LYS B 63 -10.52 0.57 -54.17
C LYS B 63 -9.26 0.94 -54.97
N PHE B 64 -8.08 1.07 -54.34
CA PHE B 64 -6.78 1.25 -55.04
C PHE B 64 -5.74 0.21 -54.59
N GLN B 65 -5.99 -0.60 -53.57
CA GLN B 65 -5.03 -1.63 -53.11
C GLN B 65 -4.62 -2.56 -54.26
N GLY B 66 -3.33 -2.89 -54.37
CA GLY B 66 -2.79 -3.67 -55.51
C GLY B 66 -2.45 -2.81 -56.72
N ARG B 67 -3.07 -1.62 -56.88
CA ARG B 67 -2.78 -0.76 -58.07
C ARG B 67 -1.84 0.40 -57.73
N VAL B 68 -2.00 1.02 -56.57
CA VAL B 68 -1.26 2.27 -56.22
C VAL B 68 -0.07 1.93 -55.31
N ALA B 69 0.98 2.73 -55.41
CA ALA B 69 2.04 2.83 -54.39
C ALA B 69 2.29 4.30 -54.07
N ILE B 70 2.50 4.64 -52.80
CA ILE B 70 2.89 6.00 -52.37
C ILE B 70 4.22 5.88 -51.62
N THR B 71 5.20 6.68 -52.01
CA THR B 71 6.54 6.70 -51.37
C THR B 71 6.98 8.15 -51.17
N ALA B 72 8.00 8.38 -50.36
CA ALA B 72 8.60 9.73 -50.23
C ALA B 72 10.10 9.65 -49.98
N ASP B 73 10.81 10.62 -50.55
CA ASP B 73 12.24 10.90 -50.28
C ASP B 73 12.32 12.15 -49.40
N GLU B 74 12.84 12.00 -48.19
CA GLU B 74 13.03 13.13 -47.25
C GLU B 74 14.04 14.14 -47.83
N SER B 75 15.07 13.67 -48.54
CA SER B 75 16.24 14.49 -48.92
C SER B 75 15.86 15.60 -49.90
N THR B 76 15.15 15.29 -50.98
CA THR B 76 14.53 16.30 -51.89
C THR B 76 13.20 16.80 -51.30
N THR B 77 12.71 16.16 -50.24
CA THR B 77 11.33 16.31 -49.68
C THR B 77 10.33 16.20 -50.83
N THR B 78 10.43 15.13 -51.61
CA THR B 78 9.50 14.83 -52.72
C THR B 78 8.77 13.52 -52.45
N ALA B 79 7.44 13.56 -52.51
CA ALA B 79 6.56 12.37 -52.45
C ALA B 79 6.16 11.97 -53.87
N TYR B 80 5.93 10.68 -54.07
CA TYR B 80 5.54 10.13 -55.38
C TYR B 80 4.33 9.21 -55.22
N MET B 81 3.41 9.30 -56.16
CA MET B 81 2.26 8.38 -56.25
C MET B 81 2.33 7.69 -57.60
N GLU B 82 2.41 6.38 -57.59
CA GLU B 82 2.47 5.59 -58.84
C GLU B 82 1.20 4.76 -58.96
N LEU B 83 0.41 5.04 -60.00
CA LEU B 83 -0.87 4.32 -60.23
C LEU B 83 -0.72 3.43 -61.46
N SER B 84 -1.04 2.14 -61.30
CA SER B 84 -0.85 1.11 -62.36
C SER B 84 -2.18 0.59 -62.92
N SER B 85 -2.10 -0.03 -64.11
CA SER B 85 -3.25 -0.59 -64.86
C SER B 85 -4.27 0.52 -65.12
N LEU B 86 -3.82 1.69 -65.58
CA LEU B 86 -4.66 2.90 -65.80
C LEU B 86 -5.86 2.61 -66.71
N ARG B 87 -7.07 2.65 -66.15
CA ARG B 87 -8.31 2.54 -66.96
C ARG B 87 -8.75 3.93 -67.41
N SER B 88 -9.69 4.02 -68.33
CA SER B 88 -10.23 5.33 -68.80
C SER B 88 -10.74 6.15 -67.61
N GLU B 89 -11.30 5.43 -66.63
CA GLU B 89 -11.92 5.96 -65.38
C GLU B 89 -10.88 6.61 -64.47
N ASP B 90 -9.59 6.30 -64.63
CA ASP B 90 -8.51 6.96 -63.85
C ASP B 90 -8.20 8.36 -64.40
N SER B 91 -8.84 8.81 -65.47
CA SER B 91 -8.73 10.22 -65.96
C SER B 91 -9.25 11.17 -64.87
N ALA B 92 -8.38 11.96 -64.26
CA ALA B 92 -8.73 12.81 -63.11
C ALA B 92 -7.63 13.85 -62.85
N VAL B 93 -7.93 14.87 -62.05
CA VAL B 93 -6.88 15.74 -61.45
C VAL B 93 -6.46 15.10 -60.12
N TYR B 94 -5.17 14.89 -59.94
CA TYR B 94 -4.58 14.26 -58.74
C TYR B 94 -3.90 15.35 -57.92
N TYR B 95 -4.33 15.51 -56.67
CA TYR B 95 -3.71 16.47 -55.73
C TYR B 95 -2.91 15.69 -54.69
N CYS B 96 -1.71 16.14 -54.38
CA CYS B 96 -1.10 15.78 -53.08
C CYS B 96 -1.61 16.79 -52.04
N ALA B 97 -1.77 16.34 -50.80
CA ALA B 97 -2.24 17.19 -49.70
C ALA B 97 -1.60 16.72 -48.39
N THR B 98 -1.37 17.64 -47.48
CA THR B 98 -0.91 17.29 -46.12
C THR B 98 -2.14 16.92 -45.31
N ALA B 99 -2.19 15.75 -44.66
CA ALA B 99 -3.19 15.49 -43.61
C ALA B 99 -2.59 15.83 -42.23
N VAL B 100 -3.34 16.47 -41.35
CA VAL B 100 -2.84 16.84 -39.99
C VAL B 100 -2.50 15.56 -39.19
N SER B 101 -3.19 14.46 -39.47
CA SER B 101 -2.94 13.14 -38.85
C SER B 101 -1.46 12.76 -38.89
N ASP B 102 -0.87 12.36 -37.77
CA ASP B 102 0.58 12.02 -37.72
C ASP B 102 0.86 10.73 -36.95
N TYR B 103 -0.15 10.01 -36.47
CA TYR B 103 0.08 8.75 -35.73
C TYR B 103 -1.11 7.82 -35.93
N PHE B 104 -0.85 6.55 -36.21
CA PHE B 104 -1.88 5.50 -36.29
C PHE B 104 -1.83 4.68 -35.01
N ASN B 105 -2.90 4.74 -34.25
CA ASN B 105 -3.03 3.94 -33.01
C ASN B 105 -3.65 2.61 -33.40
N ARG B 106 -2.95 1.51 -33.16
CA ARG B 106 -3.35 0.19 -33.70
C ARG B 106 -4.71 -0.21 -33.13
N ASP B 107 -5.10 0.35 -32.01
CA ASP B 107 -6.44 0.14 -31.44
C ASP B 107 -7.38 1.23 -31.94
N LEU B 108 -7.06 2.48 -31.70
CA LEU B 108 -8.05 3.59 -31.81
C LEU B 108 -8.12 4.22 -33.21
N GLY B 109 -7.30 3.82 -34.18
CA GLY B 109 -7.34 4.40 -35.53
C GLY B 109 -6.60 5.73 -35.63
N TRP B 110 -7.14 6.65 -36.42
CA TRP B 110 -6.51 7.93 -36.79
C TRP B 110 -7.27 9.11 -36.21
N GLU B 111 -6.56 10.20 -36.01
CA GLU B 111 -7.17 11.49 -35.61
C GLU B 111 -6.79 12.56 -36.63
N ASP B 112 -7.65 13.56 -36.82
CA ASP B 112 -7.34 14.79 -37.60
C ASP B 112 -6.92 14.45 -39.05
N TYR B 113 -7.55 13.49 -39.68
CA TYR B 113 -7.24 13.21 -41.11
C TYR B 113 -8.04 14.17 -41.99
N TYR B 114 -7.68 15.45 -41.95
CA TYR B 114 -8.23 16.51 -42.82
C TYR B 114 -7.06 17.30 -43.40
N PHE B 115 -7.30 18.04 -44.45
CA PHE B 115 -6.25 18.49 -45.40
C PHE B 115 -6.10 20.01 -45.43
N PRO B 116 -5.28 20.65 -44.57
CA PRO B 116 -5.06 22.08 -44.62
C PRO B 116 -4.32 22.62 -45.85
N PHE B 117 -3.39 21.86 -46.43
CA PHE B 117 -2.57 22.34 -47.60
C PHE B 117 -2.59 21.32 -48.73
N TRP B 118 -2.70 21.83 -49.95
CA TRP B 118 -2.86 21.05 -51.20
C TRP B 118 -1.88 21.53 -52.26
N GLY B 119 -1.36 20.61 -53.08
CA GLY B 119 -0.65 20.96 -54.32
C GLY B 119 -1.56 21.56 -55.39
N GLN B 120 -1.00 22.03 -56.49
CA GLN B 120 -1.78 22.72 -57.56
C GLN B 120 -2.62 21.70 -58.35
N GLY B 121 -2.39 20.39 -58.19
CA GLY B 121 -3.08 19.35 -58.94
C GLY B 121 -2.41 19.02 -60.26
N THR B 122 -2.27 17.74 -60.56
CA THR B 122 -1.71 17.20 -61.82
C THR B 122 -2.86 16.58 -62.60
N LEU B 123 -3.16 17.09 -63.79
CA LEU B 123 -4.17 16.41 -64.65
C LEU B 123 -3.55 15.14 -65.26
N VAL B 124 -4.18 13.99 -65.06
CA VAL B 124 -3.81 12.73 -65.76
C VAL B 124 -4.98 12.35 -66.67
N THR B 125 -4.72 12.24 -67.97
CA THR B 125 -5.75 11.83 -68.96
C THR B 125 -5.41 10.43 -69.45
N VAL B 126 -6.36 9.52 -69.43
CA VAL B 126 -6.15 8.15 -69.96
C VAL B 126 -6.93 8.02 -71.28
N ALA B 127 -6.19 7.97 -72.39
CA ALA B 127 -6.74 8.05 -73.77
C ALA B 127 -5.80 7.41 -74.80
N SER B 128 -6.32 7.08 -75.99
CA SER B 128 -5.57 6.44 -77.09
C SER B 128 -4.87 7.48 -78.01
N ALA B 129 -5.63 8.38 -78.64
CA ALA B 129 -5.20 9.17 -79.83
C ALA B 129 -3.94 10.01 -79.53
N GLU C 1 -18.16 1.57 -44.95
CA GLU C 1 -17.83 2.90 -45.54
C GLU C 1 -18.96 3.90 -45.21
N ILE C 2 -18.63 4.96 -44.47
CA ILE C 2 -19.62 6.02 -44.16
C ILE C 2 -19.89 6.81 -45.43
N VAL C 3 -21.17 7.06 -45.71
CA VAL C 3 -21.61 7.87 -46.87
C VAL C 3 -21.95 9.27 -46.36
N MET C 4 -21.27 10.25 -46.89
CA MET C 4 -21.65 11.67 -46.70
C MET C 4 -22.64 12.03 -47.81
N THR C 5 -23.59 12.91 -47.51
CA THR C 5 -24.53 13.45 -48.52
C THR C 5 -24.77 14.93 -48.24
N GLN C 6 -24.94 15.73 -49.29
CA GLN C 6 -25.09 17.20 -49.14
C GLN C 6 -26.35 17.69 -49.85
N SER C 7 -26.97 18.74 -49.32
CA SER C 7 -28.16 19.37 -49.94
C SER C 7 -28.21 20.87 -49.65
N PRO C 8 -28.76 21.68 -50.57
CA PRO C 8 -29.16 21.25 -51.92
C PRO C 8 -27.92 21.03 -52.82
N ALA C 9 -28.10 20.37 -53.96
CA ALA C 9 -27.00 20.10 -54.92
C ALA C 9 -26.49 21.43 -55.51
N THR C 10 -27.38 22.39 -55.76
CA THR C 10 -27.03 23.79 -56.09
C THR C 10 -27.85 24.74 -55.21
N LEU C 11 -27.19 25.74 -54.65
CA LEU C 11 -27.83 26.79 -53.84
C LEU C 11 -27.63 28.13 -54.53
N SER C 12 -28.69 28.78 -54.95
CA SER C 12 -28.63 30.03 -55.78
C SER C 12 -29.04 31.23 -54.92
N VAL C 13 -28.17 32.24 -54.81
CA VAL C 13 -28.21 33.24 -53.70
C VAL C 13 -27.77 34.62 -54.20
N SER C 14 -28.38 35.68 -53.67
CA SER C 14 -27.99 37.08 -53.98
C SER C 14 -26.72 37.46 -53.21
N PRO C 15 -25.79 38.23 -53.81
CA PRO C 15 -24.68 38.82 -53.06
C PRO C 15 -25.16 39.59 -51.81
N GLY C 16 -24.40 39.43 -50.72
CA GLY C 16 -24.70 40.02 -49.41
C GLY C 16 -25.61 39.15 -48.56
N ALA C 17 -26.43 38.26 -49.15
CA ALA C 17 -27.37 37.40 -48.38
C ALA C 17 -26.63 36.27 -47.63
N ARG C 18 -27.29 35.72 -46.62
CA ARG C 18 -26.82 34.54 -45.84
C ARG C 18 -27.16 33.24 -46.58
N ALA C 19 -26.26 32.25 -46.52
CA ALA C 19 -26.46 30.91 -47.13
C ALA C 19 -26.17 29.81 -46.11
N THR C 20 -26.96 28.74 -46.13
CA THR C 20 -26.68 27.53 -45.31
C THR C 20 -26.63 26.29 -46.18
N LEU C 21 -25.53 25.55 -46.06
CA LEU C 21 -25.30 24.29 -46.80
C LEU C 21 -25.34 23.15 -45.80
N PHE C 22 -26.09 22.10 -46.12
CA PHE C 22 -26.31 20.97 -45.19
C PHE C 22 -25.45 19.78 -45.62
N CYS C 23 -24.90 19.09 -44.64
CA CYS C 23 -24.20 17.80 -44.84
C CYS C 23 -24.74 16.80 -43.82
N ARG C 24 -25.01 15.58 -44.27
CA ARG C 24 -25.53 14.51 -43.41
C ARG C 24 -24.66 13.25 -43.61
N ALA C 25 -24.34 12.57 -42.52
CA ALA C 25 -23.51 11.35 -42.51
C ALA C 25 -24.40 10.12 -42.27
N SER C 26 -24.13 9.02 -42.96
CA SER C 26 -24.92 7.76 -42.84
C SER C 26 -24.74 7.11 -41.46
N ARG C 27 -23.77 7.58 -40.66
CA ARG C 27 -23.54 7.11 -39.28
C ARG C 27 -22.95 8.26 -38.47
N SER C 28 -22.96 8.20 -37.13
CA SER C 28 -22.37 9.27 -36.29
C SER C 28 -20.88 9.47 -36.62
N VAL C 29 -20.48 10.69 -36.95
CA VAL C 29 -19.06 11.08 -37.16
C VAL C 29 -18.64 12.10 -36.09
N SER C 30 -19.26 12.06 -34.90
CA SER C 30 -18.91 12.94 -33.76
C SER C 30 -18.84 14.40 -34.25
N ASP C 31 -17.74 15.10 -33.98
CA ASP C 31 -17.47 16.40 -34.65
C ASP C 31 -16.26 16.28 -35.58
N ASN C 32 -15.87 15.06 -35.95
CA ASN C 32 -14.75 14.79 -36.89
C ASN C 32 -15.23 15.05 -38.31
N LEU C 33 -15.55 16.30 -38.61
CA LEU C 33 -16.13 16.71 -39.90
C LEU C 33 -15.42 17.97 -40.36
N ALA C 34 -15.05 18.05 -41.63
CA ALA C 34 -14.37 19.21 -42.22
C ALA C 34 -15.17 19.75 -43.41
N TRP C 35 -14.95 21.00 -43.78
CA TRP C 35 -15.56 21.61 -44.97
C TRP C 35 -14.48 22.21 -45.85
N TYR C 36 -14.61 22.05 -47.17
CA TYR C 36 -13.65 22.62 -48.15
C TYR C 36 -14.38 23.49 -49.18
N GLN C 37 -13.82 24.65 -49.49
CA GLN C 37 -14.18 25.46 -50.68
C GLN C 37 -13.44 24.89 -51.89
N GLN C 38 -14.00 24.96 -53.08
CA GLN C 38 -13.22 24.77 -54.33
C GLN C 38 -13.74 25.73 -55.39
N LYS C 39 -12.91 26.68 -55.80
CA LYS C 39 -13.20 27.54 -56.98
C LYS C 39 -12.82 26.77 -58.25
N PRO C 40 -13.38 27.11 -59.43
CA PRO C 40 -13.03 26.39 -60.66
C PRO C 40 -11.52 26.44 -60.97
N GLY C 41 -10.96 25.30 -61.33
CA GLY C 41 -9.54 25.16 -61.74
C GLY C 41 -8.54 25.41 -60.62
N GLN C 42 -8.91 25.12 -59.37
CA GLN C 42 -7.99 25.24 -58.21
C GLN C 42 -8.11 24.00 -57.31
N ALA C 43 -7.11 23.79 -56.46
CA ALA C 43 -7.18 22.77 -55.40
C ALA C 43 -8.19 23.20 -54.35
N PRO C 44 -8.86 22.26 -53.63
CA PRO C 44 -9.72 22.64 -52.51
C PRO C 44 -8.97 23.42 -51.42
N ARG C 45 -9.73 24.23 -50.68
CA ARG C 45 -9.25 25.06 -49.54
C ARG C 45 -10.00 24.65 -48.29
N LEU C 46 -9.30 24.23 -47.24
CA LEU C 46 -9.94 23.86 -45.95
C LEU C 46 -10.55 25.11 -45.30
N LEU C 47 -11.84 25.07 -44.98
CA LEU C 47 -12.56 26.21 -44.33
C LEU C 47 -12.75 25.91 -42.85
N ILE C 48 -13.28 24.72 -42.53
CA ILE C 48 -13.73 24.36 -41.16
C ILE C 48 -13.18 22.99 -40.85
N PHE C 49 -12.78 22.75 -39.63
CA PHE C 49 -12.52 21.38 -39.12
C PHE C 49 -13.12 21.24 -37.72
N GLY C 50 -13.20 20.01 -37.21
CA GLY C 50 -13.88 19.72 -35.94
C GLY C 50 -15.31 20.23 -35.95
N ALA C 51 -15.98 20.16 -37.11
CA ALA C 51 -17.33 20.67 -37.40
C ALA C 51 -17.49 22.18 -37.20
N SER C 52 -16.63 22.89 -36.45
CA SER C 52 -16.90 24.30 -36.06
C SER C 52 -15.65 25.20 -35.99
N THR C 53 -14.44 24.65 -35.96
CA THR C 53 -13.19 25.44 -35.85
C THR C 53 -12.87 26.03 -37.23
N ARG C 54 -12.88 27.36 -37.37
CA ARG C 54 -12.43 28.03 -38.63
C ARG C 54 -10.93 27.82 -38.82
N ALA C 55 -10.53 27.38 -40.01
CA ALA C 55 -9.10 27.12 -40.34
C ALA C 55 -8.36 28.46 -40.53
N THR C 56 -7.03 28.41 -40.56
CA THR C 56 -6.17 29.61 -40.77
C THR C 56 -6.50 30.27 -42.11
N GLY C 57 -6.59 31.61 -42.11
CA GLY C 57 -6.87 32.40 -43.33
C GLY C 57 -8.29 32.24 -43.84
N VAL C 58 -9.25 31.97 -42.94
CA VAL C 58 -10.69 31.89 -43.28
C VAL C 58 -11.42 33.05 -42.61
N PRO C 59 -12.13 33.93 -43.37
CA PRO C 59 -12.77 35.10 -42.77
C PRO C 59 -13.94 34.74 -41.86
N ALA C 60 -14.21 35.62 -40.90
CA ALA C 60 -15.18 35.41 -39.80
C ALA C 60 -16.62 35.22 -40.31
N ARG C 61 -16.91 35.53 -41.58
CA ARG C 61 -18.27 35.33 -42.16
C ARG C 61 -18.61 33.84 -42.30
N PHE C 62 -17.63 32.95 -42.37
CA PHE C 62 -17.87 31.48 -42.35
C PHE C 62 -18.14 31.00 -40.92
N SER C 63 -19.07 30.07 -40.79
CA SER C 63 -19.40 29.41 -39.51
C SER C 63 -19.77 27.95 -39.78
N GLY C 64 -19.48 27.07 -38.85
CA GLY C 64 -19.90 25.66 -38.94
C GLY C 64 -20.54 25.17 -37.67
N SER C 65 -21.49 24.24 -37.77
CA SER C 65 -22.21 23.73 -36.59
C SER C 65 -22.76 22.32 -36.84
N GLY C 66 -23.03 21.62 -35.73
CA GLY C 66 -23.62 20.27 -35.76
C GLY C 66 -22.71 19.24 -35.14
N SER C 67 -23.27 18.06 -34.87
CA SER C 67 -22.55 16.91 -34.30
C SER C 67 -23.32 15.62 -34.59
N GLY C 68 -22.62 14.49 -34.55
CA GLY C 68 -23.23 13.18 -34.80
C GLY C 68 -23.48 12.95 -36.27
N THR C 69 -24.72 13.04 -36.74
CA THR C 69 -25.07 12.70 -38.14
C THR C 69 -25.36 13.95 -38.98
N GLN C 70 -25.60 15.14 -38.40
CA GLN C 70 -26.05 16.30 -39.23
C GLN C 70 -25.26 17.57 -38.94
N PHE C 71 -24.88 18.27 -39.99
CA PHE C 71 -23.93 19.41 -39.96
C PHE C 71 -24.38 20.51 -40.93
N THR C 72 -24.00 21.73 -40.62
CA THR C 72 -24.31 22.91 -41.45
C THR C 72 -23.04 23.76 -41.61
N LEU C 73 -22.81 24.28 -42.81
CA LEU C 73 -21.94 25.46 -43.01
C LEU C 73 -22.84 26.67 -43.25
N THR C 74 -22.66 27.72 -42.45
CA THR C 74 -23.36 29.01 -42.62
C THR C 74 -22.39 30.06 -43.16
N ILE C 75 -22.65 30.61 -44.34
CA ILE C 75 -21.86 31.76 -44.87
C ILE C 75 -22.71 33.00 -44.63
N SER C 76 -22.23 33.89 -43.76
CA SER C 76 -23.09 34.89 -43.08
C SER C 76 -23.50 36.02 -44.04
N SER C 77 -22.73 36.27 -45.10
CA SER C 77 -23.02 37.30 -46.13
C SER C 77 -22.16 37.04 -47.37
N LEU C 78 -22.73 36.48 -48.44
CA LEU C 78 -21.92 36.05 -49.61
C LEU C 78 -21.23 37.25 -50.28
N GLN C 79 -19.90 37.26 -50.24
CA GLN C 79 -19.09 38.16 -51.10
C GLN C 79 -18.79 37.46 -52.43
N SER C 80 -18.28 38.19 -53.42
CA SER C 80 -18.05 37.67 -54.79
C SER C 80 -17.08 36.47 -54.80
N GLU C 81 -16.20 36.35 -53.80
CA GLU C 81 -15.27 35.19 -53.67
C GLU C 81 -16.04 33.88 -53.39
N ASP C 82 -17.21 33.98 -52.74
CA ASP C 82 -17.83 32.81 -52.05
C ASP C 82 -18.59 31.92 -53.03
N PHE C 83 -18.79 32.34 -54.27
CA PHE C 83 -19.49 31.53 -55.31
C PHE C 83 -18.53 30.44 -55.81
N ALA C 84 -18.67 29.25 -55.22
CA ALA C 84 -17.72 28.12 -55.33
C ALA C 84 -18.45 26.81 -55.03
N VAL C 85 -17.82 25.68 -55.28
CA VAL C 85 -18.35 24.38 -54.75
C VAL C 85 -17.89 24.25 -53.30
N TYR C 86 -18.72 23.63 -52.46
CA TYR C 86 -18.36 23.32 -51.05
C TYR C 86 -18.54 21.84 -50.81
N TYR C 87 -17.51 21.19 -50.28
CA TYR C 87 -17.54 19.75 -49.92
C TYR C 87 -17.48 19.62 -48.42
N CYS C 88 -18.26 18.72 -47.82
CA CYS C 88 -17.97 18.20 -46.47
C CYS C 88 -17.12 16.93 -46.56
N GLN C 89 -16.43 16.59 -45.49
CA GLN C 89 -15.60 15.35 -45.40
C GLN C 89 -15.59 14.87 -43.97
N HIS C 90 -15.84 13.60 -43.71
CA HIS C 90 -15.63 13.09 -42.34
C HIS C 90 -14.19 12.63 -42.18
N TYR C 91 -13.70 12.69 -40.95
CA TYR C 91 -12.39 12.09 -40.59
C TYR C 91 -12.51 11.27 -39.31
N ASN C 92 -13.62 10.58 -39.17
CA ASN C 92 -14.01 9.92 -37.90
C ASN C 92 -13.38 8.54 -37.75
N ILE C 93 -12.32 8.42 -36.95
CA ILE C 93 -11.72 7.15 -36.45
C ILE C 93 -11.04 6.35 -37.57
N TRP C 94 -11.73 5.98 -38.66
CA TRP C 94 -11.30 4.89 -39.56
C TRP C 94 -11.61 5.26 -41.01
N PRO C 95 -10.74 4.87 -41.97
CA PRO C 95 -10.99 5.13 -43.39
C PRO C 95 -12.13 4.29 -43.95
N PRO C 96 -12.70 4.63 -45.14
CA PRO C 96 -12.24 5.73 -45.97
C PRO C 96 -12.71 7.11 -45.48
N TRP C 97 -11.88 8.09 -45.76
CA TRP C 97 -12.17 9.49 -45.40
C TRP C 97 -13.05 10.11 -46.49
N THR C 98 -14.30 9.68 -46.56
CA THR C 98 -15.19 10.01 -47.69
C THR C 98 -15.60 11.47 -47.68
N PHE C 99 -15.68 12.04 -48.87
CA PHE C 99 -16.23 13.41 -49.08
C PHE C 99 -17.69 13.33 -49.50
N GLY C 100 -18.44 14.42 -49.26
CA GLY C 100 -19.75 14.62 -49.88
C GLY C 100 -19.62 14.85 -51.38
N GLN C 101 -20.72 14.80 -52.11
CA GLN C 101 -20.68 15.04 -53.58
C GLN C 101 -20.59 16.54 -53.89
N GLY C 102 -20.65 17.42 -52.90
CA GLY C 102 -20.41 18.88 -53.05
C GLY C 102 -21.65 19.68 -53.43
N THR C 103 -21.81 20.86 -52.84
CA THR C 103 -22.88 21.83 -53.16
C THR C 103 -22.30 23.01 -53.93
N LYS C 104 -22.82 23.30 -55.12
CA LYS C 104 -22.44 24.51 -55.89
C LYS C 104 -23.18 25.74 -55.32
N VAL C 105 -22.46 26.82 -55.03
CA VAL C 105 -23.11 28.10 -54.63
C VAL C 105 -23.06 29.03 -55.83
N GLU C 106 -24.21 29.58 -56.19
CA GLU C 106 -24.44 30.26 -57.49
C GLU C 106 -25.02 31.67 -57.27
N ILE C 107 -24.61 32.63 -58.08
CA ILE C 107 -25.19 34.01 -58.04
C ILE C 107 -26.61 33.96 -58.60
N LYS C 108 -27.60 34.45 -57.84
CA LYS C 108 -29.03 34.38 -58.25
C LYS C 108 -29.32 35.22 -59.51
N ARG C 109 -30.07 34.61 -60.44
CA ARG C 109 -30.41 35.10 -61.82
C ARG C 109 -29.22 35.84 -62.46
N ALA D 105 -0.31 -32.45 2.13
CA ALA D 105 -1.10 -31.83 3.24
C ALA D 105 -2.32 -32.68 3.58
N GLU D 106 -2.91 -32.43 4.75
CA GLU D 106 -4.18 -33.07 5.21
C GLU D 106 -5.15 -31.97 5.65
N TYR D 107 -6.45 -32.23 5.59
CA TYR D 107 -7.45 -31.26 6.09
C TYR D 107 -7.33 -31.10 7.61
N ARG D 108 -7.59 -29.88 8.10
CA ARG D 108 -7.78 -29.58 9.53
C ARG D 108 -8.95 -30.36 10.11
N ASN D 109 -8.82 -30.82 11.36
CA ASN D 109 -9.95 -31.44 12.07
C ASN D 109 -10.23 -30.79 13.44
N TRP D 110 -9.36 -29.94 13.96
CA TRP D 110 -9.53 -29.25 15.29
C TRP D 110 -9.84 -30.22 16.44
N SER D 111 -9.45 -31.50 16.38
CA SER D 111 -9.89 -32.54 17.34
C SER D 111 -9.18 -32.44 18.71
N LYS D 112 -8.31 -31.46 18.90
CA LYS D 112 -7.70 -31.16 20.21
C LYS D 112 -8.70 -30.51 21.16
N PRO D 113 -8.57 -30.69 22.49
CA PRO D 113 -9.41 -30.00 23.46
C PRO D 113 -9.19 -28.49 23.46
N GLN D 114 -10.18 -27.75 23.93
CA GLN D 114 -10.02 -26.28 24.12
C GLN D 114 -9.01 -26.02 25.22
N CYS D 115 -8.14 -25.04 25.02
CA CYS D 115 -7.09 -24.67 26.00
C CYS D 115 -7.72 -24.20 27.29
N GLY D 116 -6.99 -24.36 28.39
CA GLY D 116 -7.30 -23.66 29.64
C GLY D 116 -7.18 -22.16 29.42
N ILE D 117 -8.16 -21.38 29.83
CA ILE D 117 -8.11 -19.91 29.58
C ILE D 117 -8.33 -19.22 30.92
N THR D 118 -7.45 -18.29 31.27
CA THR D 118 -7.57 -17.45 32.47
C THR D 118 -7.93 -16.02 32.09
N GLY D 119 -7.94 -15.74 30.80
CA GLY D 119 -8.09 -14.40 30.23
C GLY D 119 -7.33 -14.30 28.93
N PHE D 120 -7.11 -13.11 28.44
CA PHE D 120 -6.57 -12.86 27.09
C PHE D 120 -5.33 -11.96 27.19
N ALA D 121 -4.26 -12.36 26.53
CA ALA D 121 -3.01 -11.57 26.43
C ALA D 121 -2.98 -10.81 25.12
N PRO D 122 -2.35 -9.62 25.02
CA PRO D 122 -2.29 -8.88 23.76
C PRO D 122 -1.48 -9.64 22.70
N PHE D 123 -1.94 -9.61 21.46
CA PHE D 123 -1.36 -10.40 20.36
C PHE D 123 -0.98 -9.55 19.14
N SER D 124 -1.81 -8.59 18.72
CA SER D 124 -1.48 -7.77 17.52
C SER D 124 -2.29 -6.49 17.48
N LYS D 125 -1.80 -5.52 16.75
CA LYS D 125 -2.48 -4.22 16.55
C LYS D 125 -1.94 -3.66 15.25
N ASP D 126 -2.79 -3.04 14.43
CA ASP D 126 -2.36 -2.69 13.05
C ASP D 126 -2.03 -1.20 12.93
N ASN D 127 -2.56 -0.37 13.82
CA ASN D 127 -2.32 1.10 13.82
C ASN D 127 -2.74 1.77 12.50
N SER D 128 -3.66 1.17 11.73
CA SER D 128 -3.99 1.62 10.36
C SER D 128 -4.33 3.11 10.28
N ILE D 129 -5.10 3.67 11.20
CA ILE D 129 -5.58 5.07 11.03
C ILE D 129 -4.41 6.03 11.32
N ARG D 130 -3.57 5.75 12.32
CA ARG D 130 -2.39 6.61 12.60
C ARG D 130 -1.43 6.58 11.41
N LEU D 131 -1.20 5.40 10.82
CA LEU D 131 -0.35 5.25 9.61
C LEU D 131 -0.99 5.95 8.41
N SER D 132 -2.31 5.92 8.27
CA SER D 132 -3.05 6.60 7.18
C SER D 132 -2.76 8.10 7.11
N ALA D 133 -2.43 8.75 8.21
CA ALA D 133 -2.16 10.20 8.22
C ALA D 133 -0.84 10.54 7.52
N GLY D 134 -0.03 9.54 7.17
CA GLY D 134 1.24 9.74 6.46
C GLY D 134 1.63 8.50 5.67
N GLY D 135 0.75 8.09 4.75
CA GLY D 135 1.00 6.99 3.81
C GLY D 135 -0.28 6.42 3.23
N ASP D 136 -0.17 5.65 2.16
CA ASP D 136 -1.35 5.22 1.35
C ASP D 136 -1.89 3.92 1.94
N ILE D 137 -2.83 4.06 2.87
CA ILE D 137 -3.51 2.92 3.54
C ILE D 137 -4.96 2.87 3.05
N TRP D 138 -5.47 1.66 2.82
CA TRP D 138 -6.86 1.38 2.41
C TRP D 138 -7.89 1.84 3.45
N VAL D 139 -9.01 2.39 2.99
CA VAL D 139 -10.23 2.53 3.84
C VAL D 139 -10.88 1.16 3.98
N THR D 140 -11.24 0.77 5.18
CA THR D 140 -11.83 -0.57 5.43
C THR D 140 -12.92 -0.49 6.48
N ARG D 141 -13.73 -1.54 6.55
CA ARG D 141 -14.57 -1.86 7.73
C ARG D 141 -14.82 -3.36 7.73
N GLU D 142 -15.42 -3.82 8.82
CA GLU D 142 -15.85 -5.23 9.01
C GLU D 142 -14.63 -6.13 8.88
N PRO D 143 -13.56 -5.90 9.66
CA PRO D 143 -12.38 -6.75 9.63
C PRO D 143 -12.62 -8.10 10.28
N TYR D 144 -11.71 -9.00 10.03
CA TYR D 144 -11.62 -10.25 10.80
C TYR D 144 -10.26 -10.91 10.65
N VAL D 145 -9.97 -11.86 11.52
CA VAL D 145 -8.70 -12.62 11.48
C VAL D 145 -9.05 -14.07 11.24
N SER D 146 -8.24 -14.73 10.44
CA SER D 146 -8.28 -16.18 10.28
C SER D 146 -6.88 -16.67 10.04
N CYS D 147 -6.56 -17.89 10.38
CA CYS D 147 -5.17 -18.38 10.31
C CYS D 147 -5.10 -19.64 9.43
N ASP D 148 -4.05 -19.78 8.65
CA ASP D 148 -3.72 -21.11 8.07
C ASP D 148 -2.89 -21.91 9.07
N LEU D 149 -2.18 -22.93 8.61
CA LEU D 149 -1.42 -23.82 9.52
C LEU D 149 -0.26 -23.08 10.19
N ASP D 150 0.25 -22.03 9.55
CA ASP D 150 1.55 -21.40 9.90
C ASP D 150 1.36 -19.98 10.43
N LYS D 151 0.40 -19.24 9.91
CA LYS D 151 0.32 -17.78 10.06
C LYS D 151 -1.12 -17.32 10.24
N CYS D 152 -1.32 -16.20 10.89
CA CYS D 152 -2.65 -15.53 10.91
C CYS D 152 -2.70 -14.41 9.89
N TYR D 153 -3.86 -14.24 9.28
CA TYR D 153 -4.12 -13.24 8.25
C TYR D 153 -5.19 -12.31 8.76
N GLN D 154 -5.06 -11.05 8.44
CA GLN D 154 -6.12 -10.06 8.69
C GLN D 154 -6.86 -9.87 7.37
N PHE D 155 -8.17 -9.75 7.47
CA PHE D 155 -9.08 -9.53 6.34
C PHE D 155 -9.89 -8.27 6.64
N ALA D 156 -10.30 -7.59 5.61
CA ALA D 156 -11.30 -6.52 5.78
C ALA D 156 -11.99 -6.23 4.46
N LEU D 157 -13.15 -5.59 4.53
CA LEU D 157 -13.83 -5.15 3.30
C LEU D 157 -13.35 -3.76 2.98
N GLY D 158 -12.52 -3.64 1.95
CA GLY D 158 -12.06 -2.34 1.46
C GLY D 158 -13.22 -1.52 0.93
N GLN D 159 -13.08 -0.22 0.88
CA GLN D 159 -14.07 0.66 0.23
C GLN D 159 -13.57 1.07 -1.15
N GLY D 160 -12.69 0.28 -1.79
CA GLY D 160 -12.12 0.61 -3.11
C GLY D 160 -11.38 1.93 -3.16
N THR D 161 -10.75 2.36 -2.07
CA THR D 161 -10.03 3.66 -1.97
C THR D 161 -9.02 3.65 -0.84
N THR D 162 -7.94 4.41 -0.96
CA THR D 162 -7.07 4.75 0.20
C THR D 162 -7.72 5.89 0.98
N LEU D 163 -7.23 6.15 2.18
CA LEU D 163 -7.89 7.10 3.11
C LEU D 163 -7.55 8.52 2.73
N ASN D 164 -6.30 8.85 2.47
CA ASN D 164 -5.93 10.17 1.92
C ASN D 164 -6.15 10.13 0.41
N ASN D 165 -7.39 10.35 -0.01
CA ASN D 165 -7.87 10.16 -1.40
C ASN D 165 -9.16 10.96 -1.60
N VAL D 166 -9.51 11.40 -2.80
CA VAL D 166 -10.83 12.07 -2.99
C VAL D 166 -11.97 11.08 -2.80
N HIS D 167 -11.77 9.81 -3.09
CA HIS D 167 -12.83 8.78 -3.05
C HIS D 167 -13.16 8.36 -1.63
N SER D 168 -12.44 8.78 -0.60
CA SER D 168 -12.67 8.31 0.79
C SER D 168 -13.86 9.05 1.42
N ASN D 169 -14.28 10.18 0.87
CA ASN D 169 -15.54 10.86 1.26
C ASN D 169 -16.74 9.90 1.14
N ASN D 170 -17.74 10.03 2.01
CA ASN D 170 -18.97 9.20 2.00
C ASN D 170 -18.71 7.69 2.10
N THR D 171 -17.60 7.23 2.67
CA THR D 171 -17.34 5.77 2.85
C THR D 171 -18.09 5.19 4.05
N VAL D 172 -19.20 5.78 4.43
CA VAL D 172 -20.07 5.26 5.53
C VAL D 172 -20.98 4.14 4.99
N ARG D 173 -21.34 4.12 3.72
CA ARG D 173 -22.24 3.07 3.16
C ARG D 173 -21.58 1.70 3.20
N ASP D 174 -22.35 0.70 3.58
CA ASP D 174 -21.84 -0.66 3.77
C ASP D 174 -21.84 -1.45 2.46
N ARG D 175 -22.56 -1.03 1.41
CA ARG D 175 -22.65 -1.79 0.14
C ARG D 175 -22.45 -0.87 -1.05
N THR D 176 -21.39 -1.11 -1.82
CA THR D 176 -21.09 -0.41 -3.10
C THR D 176 -20.41 -1.40 -4.03
N PRO D 177 -20.39 -1.16 -5.36
CA PRO D 177 -19.78 -2.11 -6.27
C PRO D 177 -18.26 -2.27 -6.09
N TYR D 178 -17.64 -1.36 -5.34
CA TYR D 178 -16.16 -1.23 -5.29
C TYR D 178 -15.58 -1.99 -4.10
N ARG D 179 -16.40 -2.49 -3.17
CA ARG D 179 -15.88 -3.19 -1.98
C ARG D 179 -15.25 -4.49 -2.42
N THR D 180 -14.09 -4.77 -1.86
CA THR D 180 -13.32 -6.00 -2.16
C THR D 180 -12.80 -6.55 -0.83
N LEU D 181 -12.63 -7.84 -0.75
CA LEU D 181 -12.03 -8.45 0.44
C LEU D 181 -10.52 -8.27 0.36
N LEU D 182 -9.94 -7.50 1.26
CA LEU D 182 -8.47 -7.36 1.40
C LEU D 182 -7.92 -8.48 2.27
N MET D 183 -6.73 -8.99 1.97
CA MET D 183 -6.12 -10.08 2.78
C MET D 183 -4.62 -9.80 2.95
N ASN D 184 -4.12 -9.84 4.17
CA ASN D 184 -2.70 -9.59 4.50
C ASN D 184 -2.29 -10.52 5.62
N GLU D 185 -0.99 -10.79 5.79
CA GLU D 185 -0.53 -11.38 7.06
C GLU D 185 -0.89 -10.45 8.21
N LEU D 186 -1.24 -11.01 9.36
CA LEU D 186 -1.71 -10.18 10.51
C LEU D 186 -0.59 -9.22 10.92
N GLY D 187 -0.91 -7.96 11.05
CA GLY D 187 0.09 -6.96 11.48
C GLY D 187 0.74 -6.25 10.33
N VAL D 188 0.63 -6.75 9.11
CA VAL D 188 0.96 -5.94 7.89
C VAL D 188 -0.25 -5.05 7.63
N PRO D 189 -0.13 -3.72 7.74
CA PRO D 189 -1.29 -2.87 7.55
C PRO D 189 -1.74 -2.92 6.08
N PHE D 190 -2.96 -2.49 5.78
CA PHE D 190 -3.47 -2.57 4.39
C PHE D 190 -2.92 -1.39 3.58
N HIS D 191 -1.69 -1.54 3.09
CA HIS D 191 -1.00 -0.61 2.16
C HIS D 191 -1.36 -0.95 0.70
N LEU D 192 -0.91 -0.17 -0.28
CA LEU D 192 -1.32 -0.37 -1.70
C LEU D 192 -0.88 -1.73 -2.27
N GLY D 193 0.13 -2.40 -1.73
CA GLY D 193 0.50 -3.74 -2.20
C GLY D 193 -0.43 -4.85 -1.72
N THR D 194 -1.50 -4.52 -1.01
CA THR D 194 -2.46 -5.50 -0.45
C THR D 194 -3.19 -6.23 -1.57
N LYS D 195 -3.36 -7.54 -1.45
CA LYS D 195 -4.18 -8.32 -2.40
C LYS D 195 -5.67 -8.17 -2.12
N GLN D 196 -6.46 -7.80 -3.13
CA GLN D 196 -7.94 -7.90 -3.12
C GLN D 196 -8.30 -9.33 -3.55
N VAL D 197 -8.77 -10.17 -2.66
CA VAL D 197 -8.97 -11.60 -3.02
C VAL D 197 -10.28 -11.82 -3.76
N CYS D 198 -11.27 -10.94 -3.65
CA CYS D 198 -12.56 -11.10 -4.37
C CYS D 198 -13.42 -9.87 -4.27
N ILE D 199 -14.44 -9.76 -5.12
CA ILE D 199 -15.39 -8.60 -5.02
C ILE D 199 -16.39 -8.96 -3.93
N ALA D 200 -16.61 -8.06 -2.97
CA ALA D 200 -17.39 -8.40 -1.75
C ALA D 200 -17.80 -7.16 -0.99
N TRP D 201 -19.09 -7.00 -0.68
CA TRP D 201 -19.52 -6.05 0.39
C TRP D 201 -19.96 -6.82 1.63
N SER D 202 -19.93 -8.15 1.61
CA SER D 202 -20.03 -9.00 2.81
C SER D 202 -19.15 -10.22 2.56
N SER D 203 -18.54 -10.80 3.59
CA SER D 203 -17.66 -11.95 3.33
C SER D 203 -17.39 -12.84 4.53
N SER D 204 -16.79 -13.98 4.24
CA SER D 204 -16.24 -14.87 5.26
C SER D 204 -15.09 -15.63 4.62
N SER D 205 -14.12 -16.10 5.38
CA SER D 205 -12.97 -16.85 4.82
C SER D 205 -12.55 -17.90 5.81
N CYS D 206 -11.95 -18.97 5.33
CA CYS D 206 -11.28 -19.92 6.25
C CYS D 206 -10.34 -20.82 5.47
N HIS D 207 -9.39 -21.40 6.16
CA HIS D 207 -8.40 -22.32 5.56
C HIS D 207 -8.73 -23.70 6.06
N ASP D 208 -8.85 -24.65 5.14
CA ASP D 208 -9.35 -26.00 5.49
C ASP D 208 -8.19 -26.95 5.82
N GLY D 209 -6.95 -26.47 5.83
CA GLY D 209 -5.76 -27.32 5.97
C GLY D 209 -5.06 -27.58 4.63
N LYS D 210 -5.74 -27.36 3.51
CA LYS D 210 -5.13 -27.42 2.17
C LYS D 210 -5.12 -26.06 1.49
N ALA D 211 -6.21 -25.30 1.57
CA ALA D 211 -6.32 -24.02 0.86
C ALA D 211 -7.37 -23.10 1.47
N TRP D 212 -7.30 -21.83 1.08
CA TRP D 212 -8.30 -20.83 1.50
C TRP D 212 -9.61 -21.02 0.75
N LEU D 213 -10.71 -20.93 1.48
CA LEU D 213 -12.06 -20.65 0.94
C LEU D 213 -12.39 -19.20 1.27
N HIS D 214 -12.83 -18.45 0.29
CA HIS D 214 -13.47 -17.14 0.53
C HIS D 214 -14.90 -17.23 0.07
N VAL D 215 -15.81 -16.69 0.85
CA VAL D 215 -17.24 -16.54 0.49
C VAL D 215 -17.45 -15.07 0.33
N CYS D 216 -17.80 -14.64 -0.87
CA CYS D 216 -17.76 -13.22 -1.23
C CYS D 216 -19.11 -12.82 -1.79
N ILE D 217 -19.77 -11.84 -1.19
CA ILE D 217 -21.13 -11.46 -1.63
C ILE D 217 -21.11 -10.06 -2.22
N THR D 218 -21.72 -9.89 -3.39
CA THR D 218 -21.77 -8.59 -4.09
C THR D 218 -22.97 -8.54 -5.03
N GLY D 219 -23.34 -7.38 -5.51
CA GLY D 219 -24.47 -7.27 -6.43
C GLY D 219 -25.52 -6.28 -5.94
N ASP D 220 -26.66 -6.32 -6.59
CA ASP D 220 -27.84 -5.51 -6.23
C ASP D 220 -28.36 -5.95 -4.86
N ASP D 221 -28.87 -5.02 -4.05
CA ASP D 221 -29.47 -5.37 -2.72
C ASP D 221 -30.58 -6.40 -2.91
N LYS D 222 -31.40 -6.22 -3.94
CA LYS D 222 -32.57 -7.08 -4.19
C LYS D 222 -32.17 -8.38 -4.90
N ASN D 223 -30.92 -8.58 -5.30
CA ASN D 223 -30.56 -9.75 -6.13
C ASN D 223 -29.05 -10.00 -6.07
N ALA D 224 -28.48 -10.15 -4.88
CA ALA D 224 -27.02 -10.31 -4.70
C ALA D 224 -26.57 -11.71 -5.06
N THR D 225 -25.28 -11.84 -5.32
CA THR D 225 -24.60 -13.11 -5.66
C THR D 225 -23.60 -13.43 -4.57
N ALA D 226 -23.52 -14.67 -4.14
CA ALA D 226 -22.36 -15.14 -3.36
C ALA D 226 -21.47 -16.00 -4.25
N SER D 227 -20.19 -15.63 -4.36
CA SER D 227 -19.15 -16.42 -5.05
C SER D 227 -18.36 -17.21 -4.01
N PHE D 228 -18.10 -18.47 -4.28
CA PHE D 228 -17.29 -19.37 -3.43
C PHE D 228 -15.97 -19.57 -4.15
N ILE D 229 -14.92 -18.98 -3.65
CA ILE D 229 -13.59 -19.00 -4.29
C ILE D 229 -12.69 -19.88 -3.43
N TYR D 230 -12.17 -20.95 -3.99
CA TYR D 230 -11.36 -21.92 -3.24
C TYR D 230 -10.08 -22.20 -4.01
N ASN D 231 -8.96 -22.23 -3.30
CA ASN D 231 -7.63 -22.40 -3.91
C ASN D 231 -7.48 -21.46 -5.14
N GLY D 232 -7.91 -20.21 -4.97
CA GLY D 232 -7.60 -19.15 -5.93
C GLY D 232 -8.53 -19.10 -7.13
N ARG D 233 -9.50 -20.03 -7.24
CA ARG D 233 -10.44 -20.06 -8.39
C ARG D 233 -11.89 -20.13 -7.96
N LEU D 234 -12.78 -19.50 -8.72
CA LEU D 234 -14.22 -19.52 -8.42
C LEU D 234 -14.77 -20.93 -8.69
N VAL D 235 -15.33 -21.57 -7.67
CA VAL D 235 -15.80 -22.97 -7.77
C VAL D 235 -17.31 -23.01 -7.81
N ASP D 236 -17.99 -22.08 -7.15
CA ASP D 236 -19.46 -22.17 -7.04
C ASP D 236 -20.05 -20.79 -6.81
N SER D 237 -21.36 -20.66 -7.01
CA SER D 237 -22.07 -19.41 -6.66
C SER D 237 -23.52 -19.70 -6.33
N VAL D 238 -24.12 -18.82 -5.55
CA VAL D 238 -25.57 -18.92 -5.25
C VAL D 238 -26.18 -17.53 -5.26
N VAL D 239 -27.41 -17.45 -5.75
CA VAL D 239 -28.15 -16.17 -5.76
C VAL D 239 -28.92 -16.00 -4.44
N SER D 240 -29.13 -14.72 -4.06
CA SER D 240 -30.03 -14.27 -2.98
C SER D 240 -31.36 -15.03 -3.05
N TRP D 241 -31.71 -15.76 -1.99
CA TRP D 241 -32.93 -16.60 -1.94
C TRP D 241 -34.13 -15.86 -1.40
N SER D 242 -33.97 -14.81 -0.60
CA SER D 242 -35.09 -13.98 -0.10
C SER D 242 -35.10 -12.58 -0.74
N ASN D 243 -34.15 -12.28 -1.63
CA ASN D 243 -34.11 -11.03 -2.42
C ASN D 243 -34.10 -9.78 -1.53
N ASP D 244 -33.38 -9.80 -0.41
CA ASP D 244 -33.25 -8.62 0.49
C ASP D 244 -31.93 -8.71 1.23
N ILE D 245 -30.87 -8.32 0.55
CA ILE D 245 -29.47 -8.24 1.06
C ILE D 245 -29.01 -9.62 1.59
N LEU D 246 -28.66 -10.51 0.70
CA LEU D 246 -27.91 -11.72 1.09
C LEU D 246 -26.68 -11.30 1.86
N ARG D 247 -26.37 -11.95 2.98
CA ARG D 247 -25.21 -11.53 3.81
C ARG D 247 -24.64 -12.70 4.58
N THR D 248 -23.41 -12.58 5.03
CA THR D 248 -22.71 -13.66 5.77
C THR D 248 -21.98 -13.08 6.99
N GLN D 249 -21.01 -13.81 7.50
CA GLN D 249 -20.57 -13.69 8.90
C GLN D 249 -19.75 -12.44 9.18
N GLU D 250 -19.02 -11.89 8.21
CA GLU D 250 -17.96 -10.88 8.45
C GLU D 250 -16.92 -11.43 9.45
N SER D 251 -16.70 -12.75 9.46
CA SER D 251 -15.62 -13.39 10.25
C SER D 251 -15.33 -14.78 9.71
N GLU D 252 -14.39 -15.49 10.28
CA GLU D 252 -13.97 -16.77 9.67
C GLU D 252 -15.10 -17.79 9.69
N CYS D 253 -15.18 -18.56 8.60
CA CYS D 253 -15.94 -19.82 8.54
C CYS D 253 -15.10 -20.86 9.28
N VAL D 254 -15.61 -22.06 9.40
CA VAL D 254 -14.89 -23.14 10.12
C VAL D 254 -14.96 -24.38 9.26
N CYS D 255 -13.86 -25.12 9.17
CA CYS D 255 -13.79 -26.35 8.35
C CYS D 255 -13.34 -27.50 9.24
N ILE D 256 -14.03 -28.63 9.17
CA ILE D 256 -13.58 -29.90 9.80
C ILE D 256 -13.57 -30.97 8.72
N ASN D 257 -12.47 -31.69 8.57
CA ASN D 257 -12.28 -32.71 7.51
C ASN D 257 -12.64 -32.16 6.13
N GLY D 258 -12.30 -30.91 5.83
CA GLY D 258 -12.50 -30.33 4.49
C GLY D 258 -13.90 -29.85 4.24
N THR D 259 -14.88 -30.19 5.08
CA THR D 259 -16.22 -29.58 5.01
C THR D 259 -16.19 -28.25 5.75
N CYS D 260 -16.17 -27.15 5.01
CA CYS D 260 -16.37 -25.80 5.62
C CYS D 260 -17.85 -25.53 5.82
N THR D 261 -18.17 -24.73 6.83
CA THR D 261 -19.57 -24.26 7.01
C THR D 261 -19.60 -22.76 7.16
N VAL D 262 -20.59 -22.17 6.54
CA VAL D 262 -20.78 -20.71 6.61
C VAL D 262 -22.25 -20.45 6.88
N VAL D 263 -22.52 -19.57 7.81
CA VAL D 263 -23.91 -19.12 8.06
C VAL D 263 -24.21 -17.95 7.13
N MET D 264 -25.34 -18.01 6.46
CA MET D 264 -25.73 -16.97 5.50
C MET D 264 -27.20 -16.64 5.72
N THR D 265 -27.59 -15.45 5.37
CA THR D 265 -28.91 -14.94 5.74
C THR D 265 -29.41 -13.99 4.67
N ASP D 266 -30.71 -13.82 4.58
CA ASP D 266 -31.35 -12.98 3.56
C ASP D 266 -32.64 -12.44 4.16
N GLY D 267 -33.30 -11.45 3.58
CA GLY D 267 -34.52 -10.92 4.24
C GLY D 267 -34.20 -10.27 5.58
N ASN D 268 -35.14 -10.28 6.52
CA ASN D 268 -34.94 -9.79 7.91
C ASN D 268 -34.39 -10.91 8.83
N ALA D 269 -33.74 -11.91 8.25
CA ALA D 269 -32.98 -12.96 8.97
C ALA D 269 -33.89 -13.93 9.75
N THR D 270 -35.19 -14.02 9.47
CA THR D 270 -36.13 -14.87 10.24
C THR D 270 -35.83 -16.37 10.06
N GLY D 271 -35.33 -17.00 11.14
CA GLY D 271 -35.46 -18.45 11.42
C GLY D 271 -35.17 -19.35 10.22
N LYS D 272 -35.97 -20.40 10.04
CA LYS D 272 -35.82 -21.41 8.97
C LYS D 272 -35.98 -20.80 7.56
N ALA D 273 -36.77 -19.74 7.41
CA ALA D 273 -37.08 -19.13 6.09
C ALA D 273 -35.83 -18.47 5.49
N ASP D 274 -35.10 -17.69 6.28
CA ASP D 274 -34.10 -16.72 5.79
C ASP D 274 -32.66 -17.15 6.05
N THR D 275 -32.38 -17.84 7.16
CA THR D 275 -31.01 -18.20 7.51
C THR D 275 -30.74 -19.64 7.13
N LYS D 276 -29.66 -19.83 6.40
CA LYS D 276 -29.22 -21.16 5.95
C LYS D 276 -27.78 -21.36 6.35
N ILE D 277 -27.44 -22.59 6.59
CA ILE D 277 -26.05 -22.99 6.87
C ILE D 277 -25.60 -23.78 5.65
N LEU D 278 -24.58 -23.30 4.96
CA LEU D 278 -24.09 -23.93 3.71
C LEU D 278 -22.87 -24.75 4.06
N PHE D 279 -22.85 -25.99 3.62
CA PHE D 279 -21.73 -26.93 3.85
C PHE D 279 -20.99 -27.05 2.53
N ILE D 280 -19.70 -26.82 2.54
CA ILE D 280 -18.89 -26.53 1.33
C ILE D 280 -17.67 -27.48 1.35
N GLU D 281 -17.38 -28.12 0.23
CA GLU D 281 -16.19 -28.98 0.14
C GLU D 281 -15.39 -28.55 -1.08
N GLU D 282 -14.19 -28.02 -0.83
CA GLU D 282 -13.29 -27.48 -1.87
C GLU D 282 -14.00 -26.45 -2.74
N GLY D 283 -14.83 -25.62 -2.13
CA GLY D 283 -15.55 -24.53 -2.79
C GLY D 283 -16.89 -24.93 -3.36
N LYS D 284 -17.17 -26.21 -3.57
CA LYS D 284 -18.49 -26.71 -4.07
C LYS D 284 -19.48 -26.72 -2.92
N ILE D 285 -20.66 -26.13 -3.06
CA ILE D 285 -21.73 -26.23 -2.02
C ILE D 285 -22.31 -27.64 -2.08
N VAL D 286 -22.04 -28.47 -1.07
CA VAL D 286 -22.47 -29.89 -1.05
C VAL D 286 -23.78 -30.07 -0.30
N HIS D 287 -24.15 -29.17 0.60
CA HIS D 287 -25.42 -29.25 1.35
C HIS D 287 -25.87 -27.86 1.80
N THR D 288 -27.14 -27.73 2.13
CA THR D 288 -27.68 -26.49 2.68
C THR D 288 -28.81 -26.81 3.65
N SER D 289 -28.64 -26.45 4.91
CA SER D 289 -29.64 -26.66 5.99
C SER D 289 -30.34 -25.36 6.31
N LYS D 290 -31.67 -25.37 6.40
CA LYS D 290 -32.41 -24.24 7.00
C LYS D 290 -32.06 -24.17 8.49
N LEU D 291 -32.04 -22.98 9.06
CA LEU D 291 -31.88 -22.82 10.52
C LEU D 291 -33.03 -23.52 11.27
N SER D 292 -32.72 -24.22 12.35
CA SER D 292 -33.71 -24.95 13.18
C SER D 292 -33.44 -24.72 14.68
N GLY D 293 -34.46 -24.89 15.51
CA GLY D 293 -34.43 -24.46 16.91
C GLY D 293 -34.96 -23.05 17.09
N SER D 294 -34.74 -22.45 18.26
CA SER D 294 -35.53 -21.31 18.77
C SER D 294 -34.85 -19.96 18.55
N ALA D 295 -33.68 -19.88 17.90
CA ALA D 295 -33.08 -18.58 17.54
C ALA D 295 -33.94 -17.89 16.47
N GLN D 296 -34.42 -16.69 16.73
CA GLN D 296 -35.45 -16.08 15.86
C GLN D 296 -34.79 -15.32 14.73
N HIS D 297 -33.88 -14.40 15.05
CA HIS D 297 -33.14 -13.59 14.04
C HIS D 297 -31.65 -13.80 14.23
N VAL D 298 -30.93 -14.14 13.17
CA VAL D 298 -29.55 -14.68 13.30
C VAL D 298 -28.65 -14.11 12.24
N GLU D 299 -27.77 -13.19 12.60
CA GLU D 299 -26.86 -12.47 11.64
C GLU D 299 -25.43 -12.41 12.16
N GLU D 300 -24.48 -12.27 11.27
CA GLU D 300 -23.05 -11.99 11.56
C GLU D 300 -22.46 -12.97 12.56
N CYS D 301 -22.77 -14.23 12.46
CA CYS D 301 -22.25 -15.22 13.42
C CYS D 301 -20.73 -15.18 13.55
N SER D 302 -20.26 -15.25 14.78
CA SER D 302 -18.86 -15.57 15.13
C SER D 302 -18.80 -17.04 15.44
N CYS D 303 -18.06 -17.83 14.67
CA CYS D 303 -18.13 -19.29 14.80
C CYS D 303 -16.78 -19.85 15.20
N TYR D 304 -16.80 -20.99 15.89
CA TYR D 304 -15.58 -21.67 16.31
C TYR D 304 -15.75 -23.15 16.23
N PRO D 305 -14.69 -23.91 15.91
CA PRO D 305 -14.75 -25.35 15.96
C PRO D 305 -14.91 -25.79 17.41
N ARG D 306 -15.79 -26.76 17.59
CA ARG D 306 -16.07 -27.39 18.89
C ARG D 306 -16.28 -28.86 18.61
N TYR D 307 -15.18 -29.49 18.22
CA TYR D 307 -15.17 -30.82 17.59
C TYR D 307 -16.04 -31.78 18.41
N PRO D 308 -16.88 -32.64 17.78
CA PRO D 308 -17.00 -32.81 16.33
C PRO D 308 -17.81 -31.76 15.58
N GLY D 309 -18.40 -30.78 16.27
CA GLY D 309 -19.27 -29.82 15.60
C GLY D 309 -18.67 -28.43 15.44
N VAL D 310 -19.49 -27.50 15.03
CA VAL D 310 -19.14 -26.06 14.98
C VAL D 310 -20.18 -25.32 15.80
N ARG D 311 -19.77 -24.32 16.55
CA ARG D 311 -20.69 -23.52 17.38
C ARG D 311 -20.52 -22.06 16.99
N CYS D 312 -21.61 -21.33 16.96
CA CYS D 312 -21.65 -19.95 16.48
C CYS D 312 -22.40 -19.11 17.49
N VAL D 313 -21.93 -17.91 17.75
CA VAL D 313 -22.68 -16.92 18.57
C VAL D 313 -22.89 -15.69 17.70
N CYS D 314 -24.11 -15.20 17.62
CA CYS D 314 -24.55 -14.34 16.47
C CYS D 314 -25.21 -13.07 16.99
N ARG D 315 -25.77 -12.27 16.10
CA ARG D 315 -26.37 -10.93 16.38
C ARG D 315 -27.86 -11.03 16.12
N ASP D 316 -28.67 -10.66 17.09
CA ASP D 316 -30.14 -10.57 16.91
C ASP D 316 -30.51 -9.08 16.79
N ASN D 317 -30.89 -8.66 15.60
CA ASN D 317 -31.14 -7.24 15.32
C ASN D 317 -32.58 -6.83 15.65
N TRP D 318 -33.41 -7.73 16.16
CA TRP D 318 -34.87 -7.47 16.25
C TRP D 318 -35.41 -7.68 17.68
N LYS D 319 -35.12 -8.81 18.28
CA LYS D 319 -35.81 -9.25 19.51
C LYS D 319 -34.85 -9.34 20.70
N GLY D 320 -33.66 -9.88 20.53
CA GLY D 320 -32.72 -10.11 21.63
C GLY D 320 -31.73 -8.99 21.82
N SER D 321 -31.35 -8.73 23.07
CA SER D 321 -30.01 -8.18 23.42
C SER D 321 -29.14 -9.29 24.00
N ASN D 322 -29.71 -10.44 24.34
CA ASN D 322 -28.96 -11.69 24.42
C ASN D 322 -28.58 -12.12 23.00
N ARG D 323 -27.57 -13.00 22.86
CA ARG D 323 -27.05 -13.41 21.53
C ARG D 323 -27.56 -14.77 21.17
N PRO D 324 -27.94 -15.05 19.90
CA PRO D 324 -28.26 -16.41 19.49
C PRO D 324 -27.05 -17.34 19.44
N ILE D 325 -27.30 -18.61 19.67
CA ILE D 325 -26.31 -19.69 19.52
C ILE D 325 -26.80 -20.60 18.41
N ILE D 326 -25.89 -21.08 17.58
CA ILE D 326 -26.19 -22.18 16.63
C ILE D 326 -25.18 -23.26 16.89
N ASP D 327 -25.65 -24.48 17.07
CA ASP D 327 -24.80 -25.68 16.99
C ASP D 327 -25.02 -26.31 15.62
N ILE D 328 -23.93 -26.59 14.92
CA ILE D 328 -23.95 -27.17 13.57
C ILE D 328 -23.31 -28.54 13.67
N ASN D 329 -24.04 -29.58 13.31
CA ASN D 329 -23.47 -30.94 13.19
C ASN D 329 -22.87 -31.10 11.78
N ILE D 330 -21.57 -31.30 11.66
CA ILE D 330 -20.89 -31.44 10.34
C ILE D 330 -21.23 -32.80 9.70
N LYS D 331 -21.44 -33.86 10.49
CA LYS D 331 -21.54 -35.23 9.94
C LYS D 331 -22.93 -35.51 9.37
N ASP D 332 -23.99 -34.85 9.88
CA ASP D 332 -25.37 -35.10 9.40
C ASP D 332 -26.11 -33.80 9.07
N HIS D 333 -25.39 -32.69 9.06
CA HIS D 333 -25.88 -31.34 8.63
C HIS D 333 -27.03 -30.83 9.49
N SER D 334 -27.35 -31.46 10.63
CA SER D 334 -28.44 -30.99 11.51
C SER D 334 -28.06 -29.69 12.24
N ILE D 335 -29.04 -28.85 12.46
CA ILE D 335 -28.88 -27.51 13.09
C ILE D 335 -29.73 -27.46 14.35
N VAL D 336 -29.21 -26.83 15.39
CA VAL D 336 -29.90 -26.58 16.67
C VAL D 336 -29.56 -25.16 17.05
N SER D 337 -30.47 -24.46 17.70
CA SER D 337 -30.20 -23.05 18.07
C SER D 337 -30.96 -22.65 19.31
N SER D 338 -30.46 -21.60 19.96
CA SER D 338 -30.95 -21.07 21.24
C SER D 338 -30.35 -19.70 21.47
N TYR D 339 -30.28 -19.23 22.72
CA TYR D 339 -29.59 -17.97 23.07
C TYR D 339 -28.60 -18.19 24.22
N VAL D 340 -27.61 -17.32 24.30
CA VAL D 340 -26.58 -17.32 25.38
C VAL D 340 -27.28 -17.06 26.70
N CYS D 341 -27.21 -18.02 27.62
CA CYS D 341 -28.03 -17.99 28.85
C CYS D 341 -27.72 -16.77 29.71
N SER D 342 -26.46 -16.43 29.92
CA SER D 342 -25.93 -15.37 30.82
C SER D 342 -26.87 -14.17 31.02
N GLY D 343 -27.13 -13.81 32.27
CA GLY D 343 -27.92 -12.62 32.63
C GLY D 343 -27.14 -11.35 32.32
N LEU D 344 -25.82 -11.44 32.22
CA LEU D 344 -24.98 -10.38 31.62
C LEU D 344 -24.98 -10.60 30.11
N VAL D 345 -25.74 -9.82 29.36
CA VAL D 345 -25.92 -10.04 27.91
C VAL D 345 -24.84 -9.31 27.11
N GLY D 346 -24.58 -9.76 25.89
CA GLY D 346 -23.39 -9.35 25.10
C GLY D 346 -23.70 -8.44 23.93
N ASP D 347 -24.95 -8.17 23.60
CA ASP D 347 -25.28 -7.28 22.46
C ASP D 347 -25.24 -5.82 22.87
N THR D 348 -25.28 -4.93 21.89
CA THR D 348 -25.41 -3.48 22.09
C THR D 348 -26.39 -2.97 21.06
N PRO D 349 -27.48 -2.25 21.40
CA PRO D 349 -27.82 -1.84 22.76
C PRO D 349 -28.28 -3.00 23.65
N ARG D 350 -28.28 -2.74 24.96
CA ARG D 350 -28.79 -3.66 26.01
C ARG D 350 -29.20 -2.88 27.25
N LYS D 351 -29.90 -3.50 28.20
CA LYS D 351 -30.17 -2.86 29.51
C LYS D 351 -28.92 -2.87 30.38
N SER D 352 -28.86 -1.99 31.38
CA SER D 352 -27.76 -1.94 32.39
C SER D 352 -27.69 -3.30 33.14
N ASP D 353 -26.51 -3.70 33.61
CA ASP D 353 -26.32 -5.07 34.17
C ASP D 353 -27.22 -5.32 35.38
N SER D 354 -27.55 -4.29 36.16
CA SER D 354 -28.47 -4.44 37.32
C SER D 354 -29.89 -4.83 36.88
N SER D 355 -30.28 -4.48 35.64
CA SER D 355 -31.69 -4.56 35.18
C SER D 355 -31.88 -5.45 33.93
N SER D 356 -30.80 -5.90 33.30
CA SER D 356 -30.85 -6.89 32.19
C SER D 356 -31.30 -8.25 32.70
N SER D 357 -31.77 -9.09 31.79
CA SER D 357 -32.07 -10.52 32.03
C SER D 357 -31.89 -11.31 30.73
N SER D 358 -32.00 -12.60 30.78
CA SER D 358 -31.81 -13.44 29.59
C SER D 358 -32.62 -14.72 29.74
N HIS D 359 -32.67 -15.47 28.64
CA HIS D 359 -33.44 -16.73 28.55
C HIS D 359 -32.59 -17.67 27.73
N CYS D 360 -32.59 -18.95 28.08
CA CYS D 360 -31.75 -19.95 27.38
C CYS D 360 -32.30 -20.27 25.99
N LEU D 361 -33.58 -19.98 25.71
CA LEU D 361 -34.21 -20.40 24.43
C LEU D 361 -34.66 -19.19 23.62
N ASN D 362 -35.07 -18.11 24.25
CA ASN D 362 -35.84 -17.01 23.58
C ASN D 362 -35.06 -15.72 23.57
N PRO D 363 -35.31 -14.81 22.63
CA PRO D 363 -34.81 -13.44 22.76
C PRO D 363 -35.40 -12.78 24.00
N ASN D 364 -34.58 -12.03 24.73
CA ASN D 364 -34.98 -11.48 26.04
C ASN D 364 -35.96 -10.31 25.89
N ASN D 365 -36.19 -9.76 24.70
CA ASN D 365 -37.08 -8.58 24.41
C ASN D 365 -36.64 -7.32 25.16
N GLU D 366 -35.38 -7.22 25.57
CA GLU D 366 -34.87 -6.04 26.29
C GLU D 366 -33.97 -5.27 25.33
N GLU D 367 -34.32 -4.05 24.91
CA GLU D 367 -33.57 -3.30 23.87
C GLU D 367 -33.21 -4.24 22.69
N GLY D 368 -34.17 -5.02 22.23
CA GLY D 368 -33.93 -6.06 21.22
C GLY D 368 -33.37 -5.49 19.93
N GLY D 369 -33.99 -4.45 19.41
CA GLY D 369 -33.68 -3.89 18.08
C GLY D 369 -32.27 -3.40 17.95
N HIS D 370 -31.68 -3.57 16.78
CA HIS D 370 -30.25 -3.31 16.45
C HIS D 370 -29.34 -4.19 17.29
N GLY D 371 -28.04 -4.05 17.06
CA GLY D 371 -27.06 -4.99 17.64
C GLY D 371 -25.66 -4.64 17.24
N VAL D 372 -24.70 -5.48 17.63
CA VAL D 372 -23.33 -5.43 17.08
C VAL D 372 -22.80 -6.84 16.97
N LYS D 373 -21.95 -7.10 15.99
CA LYS D 373 -21.29 -8.40 15.88
C LYS D 373 -20.36 -8.59 17.06
N GLY D 374 -20.45 -9.73 17.72
CA GLY D 374 -19.65 -10.04 18.90
C GLY D 374 -19.44 -11.50 19.03
N TRP D 375 -19.04 -11.95 20.20
CA TRP D 375 -18.67 -13.38 20.38
C TRP D 375 -18.88 -13.80 21.82
N ALA D 376 -18.92 -15.10 22.03
CA ALA D 376 -18.84 -15.73 23.36
C ALA D 376 -18.39 -17.17 23.13
N PHE D 377 -17.83 -17.83 24.13
CA PHE D 377 -17.60 -19.29 24.02
C PHE D 377 -17.75 -19.95 25.38
N ASP D 378 -18.12 -21.21 25.36
CA ASP D 378 -18.34 -21.98 26.60
C ASP D 378 -17.01 -22.39 27.21
N ASP D 379 -17.00 -22.52 28.53
CA ASP D 379 -15.86 -23.09 29.28
C ASP D 379 -16.44 -23.95 30.41
N GLY D 380 -16.88 -25.16 30.06
CA GLY D 380 -17.86 -25.90 30.86
C GLY D 380 -19.18 -25.12 30.96
N ASN D 381 -19.67 -24.90 32.17
CA ASN D 381 -20.92 -24.10 32.36
C ASN D 381 -20.61 -22.63 32.43
N ASP D 382 -19.35 -22.22 32.52
CA ASP D 382 -19.02 -20.77 32.47
C ASP D 382 -19.01 -20.29 31.02
N VAL D 383 -19.15 -19.00 30.79
CA VAL D 383 -19.02 -18.44 29.43
C VAL D 383 -17.99 -17.31 29.45
N TRP D 384 -17.10 -17.31 28.48
CA TRP D 384 -16.21 -16.15 28.19
C TRP D 384 -16.89 -15.31 27.12
N MET D 385 -16.95 -14.02 27.29
CA MET D 385 -17.59 -13.19 26.26
C MET D 385 -16.99 -11.78 26.28
N GLY D 386 -17.12 -11.09 25.16
CA GLY D 386 -16.68 -9.70 25.01
C GLY D 386 -17.84 -8.84 24.62
N ARG D 387 -17.84 -7.59 25.04
CA ARG D 387 -18.90 -6.63 24.67
C ARG D 387 -18.40 -5.19 24.77
N THR D 388 -19.11 -4.26 24.18
CA THR D 388 -18.77 -2.84 24.36
C THR D 388 -19.02 -2.46 25.82
N ILE D 389 -18.23 -1.59 26.40
CA ILE D 389 -18.42 -1.23 27.83
C ILE D 389 -19.71 -0.43 27.93
N ASN D 390 -19.91 0.52 27.02
CA ASN D 390 -21.12 1.38 27.02
C ASN D 390 -22.31 0.55 26.53
N GLU D 391 -23.50 0.81 27.07
CA GLU D 391 -24.69 -0.05 26.82
C GLU D 391 -25.47 0.39 25.57
N THR D 392 -25.29 1.60 25.06
CA THR D 392 -26.14 2.16 23.99
C THR D 392 -25.34 2.69 22.81
N SER D 393 -24.02 2.61 22.85
CA SER D 393 -23.13 3.06 21.76
C SER D 393 -21.89 2.18 21.75
N ARG D 394 -21.20 2.09 20.63
CA ARG D 394 -20.03 1.17 20.52
C ARG D 394 -18.79 1.88 21.05
N LEU D 395 -18.78 2.19 22.35
CA LEU D 395 -17.61 2.73 23.05
C LEU D 395 -17.04 1.70 24.04
N GLY D 396 -15.71 1.67 24.08
CA GLY D 396 -14.96 0.74 24.92
C GLY D 396 -15.13 -0.69 24.51
N TYR D 397 -14.40 -1.55 25.17
CA TYR D 397 -14.56 -3.00 24.99
C TYR D 397 -14.04 -3.69 26.22
N GLU D 398 -14.81 -4.63 26.74
CA GLU D 398 -14.42 -5.43 27.92
C GLU D 398 -14.67 -6.90 27.61
N THR D 399 -13.88 -7.75 28.23
CA THR D 399 -14.13 -9.19 28.25
C THR D 399 -14.23 -9.66 29.69
N PHE D 400 -14.96 -10.74 29.94
CA PHE D 400 -15.02 -11.36 31.27
C PHE D 400 -15.57 -12.77 31.16
N LYS D 401 -15.39 -13.54 32.24
CA LYS D 401 -16.05 -14.85 32.39
C LYS D 401 -17.30 -14.65 33.23
N VAL D 402 -18.40 -15.31 32.89
CA VAL D 402 -19.60 -15.32 33.76
C VAL D 402 -19.73 -16.70 34.35
N VAL D 403 -19.74 -16.79 35.67
CA VAL D 403 -19.77 -18.12 36.34
C VAL D 403 -21.15 -18.77 36.11
N GLU D 404 -21.14 -20.00 35.62
CA GLU D 404 -22.36 -20.73 35.17
C GLU D 404 -23.13 -19.95 34.08
N GLY D 405 -22.54 -18.95 33.44
CA GLY D 405 -23.28 -18.11 32.48
C GLY D 405 -23.62 -18.81 31.17
N TRP D 406 -23.14 -20.02 30.91
CA TRP D 406 -23.58 -20.79 29.74
C TRP D 406 -24.82 -21.63 30.05
N SER D 407 -25.23 -21.79 31.31
CA SER D 407 -26.33 -22.72 31.68
C SER D 407 -27.37 -22.10 32.60
N ASN D 408 -26.99 -21.13 33.42
CA ASN D 408 -27.92 -20.44 34.35
C ASN D 408 -28.27 -19.06 33.78
N PRO D 409 -29.52 -18.83 33.32
CA PRO D 409 -29.88 -17.54 32.76
C PRO D 409 -30.06 -16.39 33.75
N LYS D 410 -30.06 -16.67 35.06
CA LYS D 410 -30.17 -15.63 36.11
C LYS D 410 -28.80 -15.23 36.65
N SER D 411 -27.72 -15.91 36.24
CA SER D 411 -26.34 -15.61 36.71
C SER D 411 -25.89 -14.23 36.24
N LYS D 412 -25.35 -13.43 37.17
CA LYS D 412 -24.61 -12.19 36.85
C LYS D 412 -23.26 -12.13 37.56
N LEU D 413 -22.73 -13.27 37.94
CA LEU D 413 -21.47 -13.35 38.69
C LEU D 413 -20.34 -13.31 37.66
N GLN D 414 -19.83 -12.12 37.34
CA GLN D 414 -18.63 -12.04 36.46
C GLN D 414 -17.33 -12.10 37.27
N ILE D 415 -16.28 -12.56 36.61
CA ILE D 415 -14.89 -12.60 37.15
C ILE D 415 -13.90 -12.50 35.98
N ASN D 416 -12.64 -12.21 36.25
CA ASN D 416 -11.57 -12.14 35.22
C ASN D 416 -11.93 -11.08 34.17
N ARG D 417 -12.46 -9.93 34.59
CA ARG D 417 -12.68 -8.84 33.63
C ARG D 417 -11.37 -8.27 33.11
N GLN D 418 -11.33 -7.88 31.84
CA GLN D 418 -10.25 -7.07 31.26
C GLN D 418 -10.84 -5.94 30.44
N VAL D 419 -10.37 -4.73 30.63
CA VAL D 419 -10.61 -3.64 29.65
C VAL D 419 -9.66 -3.87 28.49
N ILE D 420 -10.17 -3.90 27.27
CA ILE D 420 -9.33 -4.00 26.05
C ILE D 420 -9.26 -2.59 25.43
N VAL D 421 -10.38 -1.91 25.40
CA VAL D 421 -10.46 -0.51 24.94
C VAL D 421 -11.18 0.27 26.01
N ASP D 422 -10.58 1.34 26.49
CA ASP D 422 -11.17 2.17 27.56
C ASP D 422 -12.55 2.70 27.13
N ARG D 423 -13.43 2.92 28.09
CA ARG D 423 -14.85 3.24 27.81
C ARG D 423 -15.05 4.57 27.09
N GLY D 424 -14.04 5.43 26.96
CA GLY D 424 -14.16 6.69 26.20
C GLY D 424 -13.72 6.56 24.75
N ASP D 425 -13.20 5.41 24.34
CA ASP D 425 -12.58 5.20 23.01
C ASP D 425 -13.44 4.27 22.17
N ARG D 426 -13.54 4.54 20.87
CA ARG D 426 -14.46 3.80 19.98
C ARG D 426 -14.02 2.35 19.78
N SER D 427 -15.01 1.47 19.68
CA SER D 427 -14.83 0.08 19.25
C SER D 427 -15.69 -0.17 18.02
N GLY D 428 -16.33 -1.33 17.92
CA GLY D 428 -16.98 -1.76 16.66
C GLY D 428 -17.28 -3.23 16.72
N TYR D 429 -17.25 -3.89 15.57
CA TYR D 429 -17.44 -5.35 15.52
C TYR D 429 -16.33 -6.05 16.30
N SER D 430 -16.60 -7.26 16.74
CA SER D 430 -15.58 -8.14 17.28
C SER D 430 -15.96 -9.56 16.96
N GLY D 431 -14.98 -10.46 16.90
CA GLY D 431 -15.24 -11.84 16.49
C GLY D 431 -14.19 -12.75 17.00
N ILE D 432 -14.54 -14.00 17.15
CA ILE D 432 -13.61 -15.02 17.63
C ILE D 432 -12.80 -15.53 16.43
N PHE D 433 -11.62 -16.05 16.67
CA PHE D 433 -10.96 -17.01 15.77
C PHE D 433 -10.20 -18.02 16.59
N SER D 434 -10.00 -19.19 16.03
CA SER D 434 -9.38 -20.30 16.76
C SER D 434 -8.01 -20.59 16.19
N VAL D 435 -7.08 -20.87 17.07
CA VAL D 435 -5.67 -21.10 16.68
C VAL D 435 -5.25 -22.42 17.29
N GLU D 436 -4.65 -23.28 16.50
CA GLU D 436 -4.29 -24.61 16.98
C GLU D 436 -2.91 -24.55 17.62
N GLY D 437 -2.81 -24.91 18.89
CA GLY D 437 -1.53 -25.06 19.60
C GLY D 437 -1.00 -26.47 19.55
N LYS D 438 0.06 -26.72 20.31
CA LYS D 438 0.74 -28.03 20.34
C LYS D 438 -0.24 -29.08 20.88
N SER D 439 -1.07 -28.73 21.86
CA SER D 439 -1.87 -29.70 22.64
C SER D 439 -3.33 -29.30 22.80
N CYS D 440 -3.74 -28.12 22.36
CA CYS D 440 -5.12 -27.62 22.60
C CYS D 440 -5.47 -26.52 21.59
N ILE D 441 -6.76 -26.25 21.41
CA ILE D 441 -7.24 -25.16 20.51
C ILE D 441 -7.45 -23.91 21.33
N ASN D 442 -6.75 -22.85 21.00
CA ASN D 442 -6.87 -21.58 21.73
C ASN D 442 -7.98 -20.75 21.06
N ARG D 443 -8.64 -19.90 21.83
CA ARG D 443 -9.60 -18.92 21.31
C ARG D 443 -8.97 -17.55 21.39
N CYS D 444 -9.06 -16.82 20.31
CA CYS D 444 -8.56 -15.45 20.20
C CYS D 444 -9.71 -14.59 19.72
N PHE D 445 -9.60 -13.29 19.86
CA PHE D 445 -10.62 -12.43 19.28
C PHE D 445 -9.98 -11.16 18.76
N TYR D 446 -10.71 -10.45 17.93
CA TYR D 446 -10.26 -9.16 17.38
C TYR D 446 -11.35 -8.15 17.70
N VAL D 447 -10.96 -6.87 17.77
CA VAL D 447 -11.93 -5.79 17.90
C VAL D 447 -11.66 -4.81 16.76
N GLU D 448 -12.71 -4.47 16.05
CA GLU D 448 -12.69 -3.37 15.06
C GLU D 448 -12.72 -2.08 15.84
N LEU D 449 -11.86 -1.13 15.50
CA LEU D 449 -11.81 0.18 16.19
C LEU D 449 -12.23 1.22 15.16
N ILE D 450 -13.54 1.48 15.06
CA ILE D 450 -14.08 2.32 13.98
C ILE D 450 -13.75 3.79 14.27
N ARG D 451 -13.35 4.55 13.27
CA ARG D 451 -13.11 5.99 13.38
C ARG D 451 -13.77 6.74 12.22
N GLY D 452 -14.12 7.98 12.46
CA GLY D 452 -14.69 8.87 11.45
C GLY D 452 -16.20 8.87 11.45
N ARG D 453 -16.81 9.22 10.32
CA ARG D 453 -18.27 9.40 10.18
C ARG D 453 -19.02 8.12 10.56
N LYS D 454 -20.24 8.22 11.12
CA LYS D 454 -21.06 9.38 11.38
C LYS D 454 -20.63 10.19 12.62
N GLU D 455 -20.01 9.54 13.60
CA GLU D 455 -19.86 10.07 14.98
C GLU D 455 -18.82 11.20 15.04
N GLU D 456 -17.76 11.10 14.24
CA GLU D 456 -16.64 12.05 14.28
C GLU D 456 -16.67 12.89 13.00
N THR D 457 -17.13 14.12 13.10
CA THR D 457 -17.28 15.04 11.93
C THR D 457 -15.99 15.75 11.53
N GLU D 458 -14.87 15.47 12.21
CA GLU D 458 -13.55 16.08 11.87
C GLU D 458 -13.09 15.61 10.49
N VAL D 459 -13.59 14.46 10.06
CA VAL D 459 -13.11 13.78 8.83
C VAL D 459 -14.30 13.42 7.95
N LEU D 460 -14.07 13.20 6.68
CA LEU D 460 -15.14 12.85 5.70
C LEU D 460 -15.25 11.35 5.55
N TRP D 461 -14.28 10.59 6.02
CA TRP D 461 -14.23 9.12 5.80
C TRP D 461 -14.72 8.34 7.02
N THR D 462 -14.98 7.06 6.83
CA THR D 462 -15.19 6.08 7.91
C THR D 462 -14.19 4.96 7.67
N SER D 463 -13.45 4.56 8.68
CA SER D 463 -12.46 3.47 8.53
C SER D 463 -12.24 2.79 9.87
N ASN D 464 -11.46 1.72 9.91
CA ASN D 464 -11.15 1.07 11.19
C ASN D 464 -9.68 0.75 11.29
N SER D 465 -9.18 0.61 12.51
CA SER D 465 -7.98 -0.19 12.79
C SER D 465 -8.42 -1.43 13.56
N ILE D 466 -7.49 -2.28 13.95
CA ILE D 466 -7.84 -3.44 14.81
C ILE D 466 -6.88 -3.57 15.96
N VAL D 467 -7.36 -4.26 16.97
CA VAL D 467 -6.51 -4.84 18.03
C VAL D 467 -6.96 -6.26 18.23
N VAL D 468 -6.01 -7.12 18.55
CA VAL D 468 -6.23 -8.59 18.56
C VAL D 468 -5.63 -9.14 19.84
N PHE D 469 -6.35 -10.06 20.47
CA PHE D 469 -6.01 -10.64 21.78
C PHE D 469 -6.19 -12.13 21.69
N CYS D 470 -5.36 -12.88 22.38
CA CYS D 470 -5.48 -14.36 22.38
C CYS D 470 -5.62 -14.87 23.80
N GLY D 471 -6.38 -15.93 23.96
CA GLY D 471 -6.53 -16.62 25.25
C GLY D 471 -5.18 -17.05 25.77
N THR D 472 -4.98 -16.95 27.07
CA THR D 472 -3.74 -17.35 27.73
C THR D 472 -4.11 -18.24 28.92
N SER D 473 -3.28 -19.23 29.20
CA SER D 473 -3.39 -19.99 30.47
C SER D 473 -2.45 -19.36 31.50
N GLY D 474 -1.55 -18.49 31.06
CA GLY D 474 -0.64 -17.76 31.97
C GLY D 474 -1.33 -16.60 32.65
N THR D 475 -0.55 -15.66 33.13
CA THR D 475 -1.04 -14.45 33.80
C THR D 475 -0.86 -13.24 32.89
N TYR D 476 -1.54 -12.18 33.24
CA TYR D 476 -1.62 -10.98 32.39
C TYR D 476 -1.91 -9.79 33.30
N GLY D 477 -1.67 -8.60 32.80
CA GLY D 477 -1.85 -7.39 33.59
C GLY D 477 -3.02 -6.59 33.10
N THR D 478 -2.84 -5.29 32.95
CA THR D 478 -3.90 -4.35 32.53
C THR D 478 -3.35 -3.40 31.49
N GLY D 479 -4.26 -2.78 30.75
CA GLY D 479 -3.96 -1.79 29.73
C GLY D 479 -5.23 -1.33 29.06
N SER D 480 -5.05 -0.62 27.98
CA SER D 480 -6.11 -0.15 27.08
C SER D 480 -5.43 0.15 25.75
N TRP D 481 -5.86 -0.48 24.68
CA TRP D 481 -5.17 -0.36 23.38
C TRP D 481 -6.12 0.18 22.34
N PRO D 482 -6.48 1.48 22.40
CA PRO D 482 -7.43 2.05 21.47
C PRO D 482 -6.79 2.31 20.10
N ASP D 483 -7.57 2.86 19.20
CA ASP D 483 -7.13 3.21 17.83
C ASP D 483 -5.99 4.22 17.93
N GLY D 484 -6.21 5.35 18.60
CA GLY D 484 -5.12 6.29 18.91
C GLY D 484 -4.79 7.29 17.81
N ALA D 485 -5.56 7.38 16.73
CA ALA D 485 -5.41 8.47 15.76
C ALA D 485 -6.01 9.76 16.30
N ASP D 486 -5.39 10.90 15.98
CA ASP D 486 -5.90 12.22 16.39
C ASP D 486 -6.58 12.88 15.17
N LEU D 487 -7.90 12.74 15.07
CA LEU D 487 -8.63 13.22 13.89
C LEU D 487 -8.63 14.74 13.84
N ASN D 488 -8.30 15.43 14.95
CA ASN D 488 -8.20 16.91 14.91
C ASN D 488 -6.95 17.34 14.13
N LEU D 489 -5.93 16.49 14.03
CA LEU D 489 -4.67 16.83 13.34
C LEU D 489 -4.76 16.47 11.86
N MET D 490 -5.28 15.29 11.55
CA MET D 490 -5.54 14.89 10.14
C MET D 490 -6.91 15.41 9.69
N HIS D 491 -7.36 16.51 10.28
CA HIS D 491 -8.70 17.14 10.04
C HIS D 491 -8.84 17.60 8.60
N THR D 492 -10.05 17.42 8.07
CA THR D 492 -10.44 17.90 6.71
C THR D 492 -10.78 19.38 6.80
N VAL E 2 -42.62 18.32 -3.97
CA VAL E 2 -43.27 16.97 -4.15
C VAL E 2 -44.77 17.08 -3.85
N GLN E 3 -45.58 16.48 -4.70
CA GLN E 3 -47.05 16.32 -4.51
C GLN E 3 -47.36 14.84 -4.38
N LEU E 4 -48.28 14.50 -3.47
CA LEU E 4 -48.81 13.13 -3.30
C LEU E 4 -50.34 13.21 -3.37
N VAL E 5 -50.95 12.35 -4.17
CA VAL E 5 -52.44 12.27 -4.33
C VAL E 5 -52.86 10.83 -4.08
N GLN E 6 -53.89 10.63 -3.26
CA GLN E 6 -54.33 9.26 -2.89
C GLN E 6 -55.73 8.95 -3.45
N SER E 7 -56.04 7.67 -3.56
CA SER E 7 -57.40 7.13 -3.82
C SER E 7 -58.39 7.65 -2.77
N GLY E 8 -59.63 7.94 -3.19
CA GLY E 8 -60.73 8.37 -2.29
C GLY E 8 -61.14 7.33 -1.26
N ALA E 9 -62.04 7.70 -0.35
CA ALA E 9 -62.42 6.91 0.85
C ALA E 9 -62.99 5.52 0.49
N GLU E 10 -62.81 4.56 1.40
CA GLU E 10 -63.26 3.16 1.24
C GLU E 10 -64.10 2.73 2.45
N VAL E 11 -65.08 1.86 2.22
CA VAL E 11 -65.72 1.12 3.34
C VAL E 11 -65.74 -0.37 2.99
N LYS E 12 -65.29 -1.21 3.92
CA LYS E 12 -65.00 -2.64 3.66
C LYS E 12 -65.69 -3.52 4.70
N ARG E 13 -66.08 -4.72 4.27
CA ARG E 13 -66.50 -5.84 5.16
C ARG E 13 -65.33 -6.25 6.05
N PRO E 14 -65.55 -6.60 7.35
CA PRO E 14 -64.51 -7.22 8.16
C PRO E 14 -63.93 -8.51 7.54
N GLY E 15 -62.65 -8.77 7.83
CA GLY E 15 -61.90 -9.94 7.34
C GLY E 15 -61.48 -9.85 5.88
N SER E 16 -61.95 -8.85 5.11
CA SER E 16 -61.57 -8.64 3.69
C SER E 16 -60.25 -7.88 3.56
N SER E 17 -59.94 -7.35 2.37
CA SER E 17 -58.72 -6.55 2.07
C SER E 17 -59.06 -5.20 1.42
N VAL E 18 -58.19 -4.22 1.60
CA VAL E 18 -58.26 -2.87 0.94
C VAL E 18 -56.96 -2.64 0.20
N ARG E 19 -57.00 -1.85 -0.88
CA ARG E 19 -55.78 -1.46 -1.64
C ARG E 19 -55.81 0.04 -1.87
N VAL E 20 -55.20 0.79 -0.95
CA VAL E 20 -55.08 2.27 -1.07
C VAL E 20 -53.97 2.58 -2.06
N SER E 21 -54.13 3.62 -2.87
CA SER E 21 -53.10 4.04 -3.86
C SER E 21 -52.60 5.45 -3.56
N CYS E 22 -51.40 5.74 -4.03
CA CYS E 22 -50.69 7.01 -3.78
C CYS E 22 -49.88 7.34 -5.03
N LYS E 23 -50.28 8.37 -5.78
CA LYS E 23 -49.57 8.77 -7.00
C LYS E 23 -48.73 10.01 -6.69
N ALA E 24 -47.49 10.03 -7.17
CA ALA E 24 -46.44 10.99 -6.73
C ALA E 24 -45.86 11.79 -7.91
N SER E 25 -45.22 12.92 -7.60
CA SER E 25 -44.41 13.69 -8.59
C SER E 25 -43.35 12.82 -9.24
N GLU E 26 -43.06 13.05 -10.51
CA GLU E 26 -42.04 12.35 -11.32
C GLU E 26 -40.71 12.14 -10.56
N GLY E 27 -40.26 10.89 -10.49
CA GLY E 27 -38.95 10.51 -9.92
C GLY E 27 -38.94 10.34 -8.42
N THR E 28 -40.04 10.58 -7.71
CA THR E 28 -40.07 10.60 -6.21
C THR E 28 -39.50 9.30 -5.64
N PHE E 29 -39.84 8.16 -6.20
CA PHE E 29 -39.43 6.83 -5.65
C PHE E 29 -37.93 6.54 -5.87
N ASN E 30 -37.19 7.44 -6.51
CA ASN E 30 -35.71 7.34 -6.62
C ASN E 30 -35.04 8.22 -5.55
N LYS E 31 -35.75 9.20 -4.99
CA LYS E 31 -35.17 10.18 -4.04
C LYS E 31 -35.60 9.91 -2.60
N TYR E 32 -36.81 9.41 -2.38
CA TYR E 32 -37.39 9.24 -1.03
C TYR E 32 -37.85 7.80 -0.82
N THR E 33 -37.83 7.34 0.43
CA THR E 33 -38.62 6.14 0.82
C THR E 33 -40.09 6.54 0.74
N LEU E 34 -40.93 5.65 0.24
CA LEU E 34 -42.40 5.88 0.24
C LEU E 34 -42.97 5.07 1.40
N THR E 35 -43.62 5.76 2.32
CA THR E 35 -44.03 5.22 3.64
C THR E 35 -45.53 5.31 3.77
N TRP E 36 -46.13 4.34 4.43
CA TRP E 36 -47.56 4.40 4.84
C TRP E 36 -47.65 4.57 6.35
N VAL E 37 -48.45 5.54 6.77
CA VAL E 37 -48.72 5.85 8.20
C VAL E 37 -50.23 5.91 8.38
N ARG E 38 -50.78 5.37 9.46
CA ARG E 38 -52.23 5.51 9.73
C ARG E 38 -52.54 6.25 11.02
N GLN E 39 -53.74 6.80 11.07
CA GLN E 39 -54.27 7.54 12.25
C GLN E 39 -55.70 7.07 12.51
N ALA E 40 -55.88 6.18 13.48
CA ALA E 40 -57.23 5.84 13.99
C ALA E 40 -57.76 7.09 14.71
N PRO E 41 -59.07 7.42 14.61
CA PRO E 41 -59.58 8.69 15.15
C PRO E 41 -59.38 8.90 16.68
N GLY E 42 -59.30 7.81 17.44
CA GLY E 42 -59.06 7.83 18.89
C GLY E 42 -57.59 7.68 19.25
N GLN E 43 -56.66 7.90 18.30
CA GLN E 43 -55.23 7.58 18.51
C GLN E 43 -54.31 8.63 17.87
N GLY E 44 -53.02 8.55 18.21
CA GLY E 44 -51.94 9.23 17.46
C GLY E 44 -51.60 8.52 16.16
N LEU E 45 -50.56 9.01 15.50
CA LEU E 45 -50.02 8.49 14.21
C LEU E 45 -49.24 7.18 14.45
N GLU E 46 -49.24 6.32 13.44
CA GLU E 46 -48.72 4.93 13.56
C GLU E 46 -48.10 4.50 12.23
N TRP E 47 -46.80 4.26 12.23
CA TRP E 47 -46.05 3.86 11.01
C TRP E 47 -46.37 2.42 10.66
N MET E 48 -46.68 2.12 9.40
CA MET E 48 -46.98 0.72 8.97
C MET E 48 -45.78 0.10 8.25
N GLY E 49 -45.07 0.90 7.47
CA GLY E 49 -43.94 0.40 6.67
C GLY E 49 -43.58 1.37 5.56
N GLY E 50 -42.55 1.03 4.79
CA GLY E 50 -42.18 1.81 3.62
C GLY E 50 -41.33 1.03 2.65
N ILE E 51 -41.19 1.57 1.46
CA ILE E 51 -40.44 0.94 0.35
C ILE E 51 -39.29 1.89 -0.04
N ILE E 52 -38.08 1.36 -0.01
CA ILE E 52 -36.82 2.15 -0.04
C ILE E 52 -36.45 2.44 -1.49
N PRO E 53 -35.93 3.65 -1.83
CA PRO E 53 -35.58 3.95 -3.22
C PRO E 53 -34.45 3.05 -3.75
N ILE E 54 -34.33 3.05 -5.07
CA ILE E 54 -33.33 2.30 -5.88
C ILE E 54 -33.63 0.80 -5.78
N SER E 55 -33.48 0.15 -4.63
CA SER E 55 -33.64 -1.33 -4.54
C SER E 55 -35.12 -1.71 -4.48
N GLY E 56 -35.99 -0.82 -4.02
CA GLY E 56 -37.44 -1.08 -3.91
C GLY E 56 -37.76 -2.18 -2.92
N ILE E 57 -36.87 -2.50 -1.99
CA ILE E 57 -37.17 -3.45 -0.88
C ILE E 57 -38.11 -2.76 0.12
N ALA E 58 -39.04 -3.51 0.70
CA ALA E 58 -40.04 -2.95 1.63
C ALA E 58 -39.83 -3.47 3.05
N ASN E 59 -40.15 -2.60 4.00
CA ASN E 59 -39.88 -2.77 5.44
C ASN E 59 -41.18 -2.46 6.20
N TYR E 60 -41.61 -3.34 7.10
CA TYR E 60 -42.93 -3.22 7.77
C TYR E 60 -42.80 -3.24 9.28
N ALA E 61 -43.63 -2.47 9.97
CA ALA E 61 -43.74 -2.50 11.44
C ALA E 61 -44.17 -3.90 11.91
N GLN E 62 -43.63 -4.37 13.03
CA GLN E 62 -43.77 -5.76 13.50
C GLN E 62 -45.25 -6.16 13.58
N LYS E 63 -46.14 -5.25 13.97
CA LYS E 63 -47.58 -5.57 14.16
C LYS E 63 -48.31 -5.84 12.83
N PHE E 64 -47.75 -5.52 11.67
CA PHE E 64 -48.41 -5.71 10.35
C PHE E 64 -47.71 -6.78 9.48
N GLN E 65 -46.68 -7.47 9.96
CA GLN E 65 -45.82 -8.30 9.07
C GLN E 65 -46.56 -9.43 8.33
N GLY E 66 -47.73 -9.87 8.77
CA GLY E 66 -48.50 -10.89 8.02
C GLY E 66 -49.59 -10.30 7.12
N ARG E 67 -49.87 -9.00 7.20
CA ARG E 67 -51.16 -8.40 6.79
C ARG E 67 -50.96 -7.33 5.73
N VAL E 68 -49.83 -6.62 5.72
CA VAL E 68 -49.64 -5.47 4.79
C VAL E 68 -48.61 -5.84 3.72
N ALA E 69 -48.83 -5.33 2.52
CA ALA E 69 -47.82 -5.30 1.45
C ALA E 69 -47.75 -3.87 0.90
N ILE E 70 -46.53 -3.37 0.70
CA ILE E 70 -46.32 -2.06 0.02
C ILE E 70 -45.53 -2.32 -1.25
N THR E 71 -46.03 -1.83 -2.37
CA THR E 71 -45.36 -1.94 -3.69
C THR E 71 -45.40 -0.58 -4.39
N ALA E 72 -44.58 -0.43 -5.42
CA ALA E 72 -44.61 0.80 -6.24
C ALA E 72 -44.26 0.50 -7.69
N ASP E 73 -44.94 1.20 -8.58
CA ASP E 73 -44.67 1.20 -10.04
C ASP E 73 -44.04 2.56 -10.39
N GLU E 74 -42.80 2.53 -10.85
CA GLU E 74 -42.07 3.75 -11.30
C GLU E 74 -42.80 4.39 -12.48
N SER E 75 -43.34 3.57 -13.40
CA SER E 75 -43.84 4.02 -14.72
C SER E 75 -45.07 4.93 -14.58
N THR E 76 -46.05 4.52 -13.79
CA THR E 76 -47.21 5.36 -13.39
C THR E 76 -46.87 6.23 -12.19
N THR E 77 -45.66 6.11 -11.64
CA THR E 77 -45.18 6.78 -10.39
C THR E 77 -46.24 6.66 -9.28
N THR E 78 -46.75 5.45 -9.06
CA THR E 78 -47.84 5.17 -8.12
C THR E 78 -47.42 4.02 -7.20
N ALA E 79 -47.67 4.19 -5.90
CA ALA E 79 -47.45 3.17 -4.87
C ALA E 79 -48.76 2.70 -4.29
N TYR E 80 -48.78 1.46 -3.83
CA TYR E 80 -50.00 0.79 -3.32
C TYR E 80 -49.70 0.21 -1.95
N MET E 81 -50.65 0.36 -1.05
CA MET E 81 -50.63 -0.36 0.24
C MET E 81 -51.84 -1.27 0.26
N GLU E 82 -51.61 -2.56 0.39
CA GLU E 82 -52.69 -3.56 0.48
C GLU E 82 -52.70 -4.16 1.88
N LEU E 83 -53.80 -3.99 2.59
CA LEU E 83 -53.94 -4.46 3.99
C LEU E 83 -55.07 -5.49 4.02
N SER E 84 -54.83 -6.61 4.70
CA SER E 84 -55.70 -7.82 4.65
C SER E 84 -56.11 -8.27 6.05
N SER E 85 -57.15 -9.12 6.09
CA SER E 85 -57.79 -9.59 7.35
C SER E 85 -58.29 -8.38 8.16
N LEU E 86 -58.90 -7.40 7.49
CA LEU E 86 -59.27 -6.09 8.08
C LEU E 86 -60.13 -6.26 9.33
N ARG E 87 -59.62 -5.85 10.47
CA ARG E 87 -60.36 -5.85 11.77
C ARG E 87 -61.13 -4.53 11.86
N SER E 88 -62.15 -4.46 12.72
CA SER E 88 -62.89 -3.19 12.97
C SER E 88 -61.90 -2.08 13.39
N GLU E 89 -60.86 -2.48 14.12
CA GLU E 89 -59.76 -1.65 14.68
C GLU E 89 -58.90 -1.03 13.58
N ASP E 90 -58.91 -1.57 12.36
CA ASP E 90 -58.17 -0.98 11.22
C ASP E 90 -58.92 0.23 10.63
N SER E 91 -60.11 0.59 11.14
CA SER E 91 -60.81 1.83 10.73
C SER E 91 -59.94 3.05 11.08
N ALA E 92 -59.43 3.75 10.08
CA ALA E 92 -58.44 4.84 10.27
C ALA E 92 -58.29 5.67 9.00
N VAL E 93 -57.62 6.82 9.10
CA VAL E 93 -57.16 7.57 7.90
C VAL E 93 -55.74 7.09 7.59
N TYR E 94 -55.51 6.66 6.36
CA TYR E 94 -54.21 6.13 5.88
C TYR E 94 -53.53 7.18 5.01
N TYR E 95 -52.34 7.61 5.39
CA TYR E 95 -51.55 8.58 4.62
C TYR E 95 -50.37 7.87 3.96
N CYS E 96 -50.09 8.18 2.71
CA CYS E 96 -48.73 7.95 2.18
C CYS E 96 -47.88 9.18 2.51
N ALA E 97 -46.60 8.98 2.74
CA ALA E 97 -45.66 10.09 2.99
C ALA E 97 -44.28 9.72 2.47
N THR E 98 -43.52 10.72 2.03
CA THR E 98 -42.08 10.53 1.72
C THR E 98 -41.30 10.47 3.02
N ALA E 99 -40.40 9.53 3.21
CA ALA E 99 -39.36 9.63 4.26
C ALA E 99 -38.04 10.07 3.62
N VAL E 100 -37.31 10.99 4.23
CA VAL E 100 -35.99 11.46 3.70
C VAL E 100 -34.99 10.31 3.60
N SER E 101 -35.12 9.31 4.47
CA SER E 101 -34.32 8.07 4.46
C SER E 101 -34.28 7.45 3.07
N ASP E 102 -33.09 7.14 2.56
CA ASP E 102 -32.93 6.62 1.18
C ASP E 102 -31.92 5.49 1.09
N TYR E 103 -31.41 5.01 2.21
CA TYR E 103 -30.46 3.87 2.23
C TYR E 103 -30.54 3.15 3.57
N PHE E 104 -30.55 1.83 3.53
CA PHE E 104 -30.51 1.00 4.74
C PHE E 104 -29.14 0.37 4.84
N ASN E 105 -28.42 0.71 5.90
CA ASN E 105 -27.08 0.15 6.16
C ASN E 105 -27.27 -1.11 6.97
N ARG E 106 -26.83 -2.26 6.47
CA ARG E 106 -27.19 -3.55 7.06
C ARG E 106 -26.65 -3.65 8.49
N ASP E 107 -25.62 -2.88 8.80
CA ASP E 107 -25.06 -2.80 10.16
C ASP E 107 -25.75 -1.67 10.89
N LEU E 108 -25.71 -0.45 10.36
CA LEU E 108 -26.02 0.74 11.18
C LEU E 108 -27.49 1.17 11.10
N GLY E 109 -28.36 0.48 10.38
CA GLY E 109 -29.79 0.87 10.33
C GLY E 109 -30.07 2.03 9.39
N TRP E 110 -31.00 2.89 9.78
CA TRP E 110 -31.54 3.99 8.93
C TRP E 110 -31.15 5.35 9.48
N GLU E 111 -31.07 6.32 8.57
CA GLU E 111 -30.93 7.74 8.90
C GLU E 111 -32.13 8.50 8.34
N ASP E 112 -32.51 9.59 8.99
CA ASP E 112 -33.47 10.60 8.45
C ASP E 112 -34.83 9.95 8.11
N TYR E 113 -35.32 9.03 8.90
CA TYR E 113 -36.67 8.48 8.65
C TYR E 113 -37.71 9.40 9.30
N TYR E 114 -37.85 10.60 8.73
CA TYR E 114 -38.90 11.58 9.08
C TYR E 114 -39.56 12.04 7.78
N PHE E 115 -40.75 12.63 7.90
CA PHE E 115 -41.73 12.69 6.79
C PHE E 115 -42.00 14.12 6.32
N PRO E 116 -41.23 14.70 5.38
CA PRO E 116 -41.46 16.06 4.89
C PRO E 116 -42.75 16.28 4.08
N PHE E 117 -43.21 15.31 3.32
CA PHE E 117 -44.40 15.46 2.44
C PHE E 117 -45.37 14.29 2.64
N TRP E 118 -46.67 14.61 2.65
CA TRP E 118 -47.78 13.67 2.96
C TRP E 118 -48.88 13.78 1.91
N GLY E 119 -49.52 12.66 1.59
CA GLY E 119 -50.76 12.63 0.81
C GLY E 119 -51.94 13.20 1.60
N GLN E 120 -53.08 13.39 0.95
CA GLN E 120 -54.26 14.04 1.60
C GLN E 120 -54.92 13.08 2.61
N GLY E 121 -54.54 11.80 2.62
CA GLY E 121 -55.14 10.78 3.50
C GLY E 121 -56.38 10.14 2.89
N THR E 122 -56.49 8.83 3.01
CA THR E 122 -57.64 8.01 2.57
C THR E 122 -58.34 7.48 3.81
N LEU E 123 -59.60 7.81 4.03
CA LEU E 123 -60.37 7.18 5.13
C LEU E 123 -60.73 5.74 4.74
N VAL E 124 -60.35 4.76 5.55
CA VAL E 124 -60.81 3.35 5.41
C VAL E 124 -61.68 3.01 6.60
N THR E 125 -62.93 2.61 6.35
CA THR E 125 -63.87 2.19 7.41
C THR E 125 -64.07 0.69 7.32
N VAL E 126 -63.93 -0.02 8.43
CA VAL E 126 -64.19 -1.49 8.46
C VAL E 126 -65.48 -1.72 9.24
N ALA E 127 -66.57 -2.04 8.53
CA ALA E 127 -67.92 -2.11 9.15
C ALA E 127 -68.84 -3.12 8.44
N SER E 128 -69.76 -3.69 9.21
CA SER E 128 -70.77 -4.68 8.78
C SER E 128 -72.04 -4.02 8.23
N ALA E 129 -72.23 -2.71 8.35
CA ALA E 129 -73.43 -1.95 7.95
C ALA E 129 -73.75 -2.19 6.45
N GLU F 1 -38.66 -1.26 21.51
CA GLU F 1 -39.50 -0.16 20.96
C GLU F 1 -39.36 1.07 21.88
N ILE F 2 -38.88 2.19 21.35
CA ILE F 2 -38.84 3.44 22.14
C ILE F 2 -40.26 3.96 22.28
N VAL F 3 -40.63 4.38 23.48
CA VAL F 3 -41.92 5.08 23.75
C VAL F 3 -41.64 6.57 23.82
N MET F 4 -42.26 7.33 22.93
CA MET F 4 -42.30 8.80 23.05
C MET F 4 -43.51 9.15 23.91
N THR F 5 -43.35 10.13 24.79
CA THR F 5 -44.47 10.62 25.64
C THR F 5 -44.43 12.14 25.70
N GLN F 6 -45.60 12.76 25.65
CA GLN F 6 -45.69 14.24 25.55
C GLN F 6 -46.49 14.82 26.70
N SER F 7 -46.15 16.04 27.09
CA SER F 7 -46.89 16.75 28.16
C SER F 7 -46.90 18.26 27.91
N PRO F 8 -47.98 18.96 28.30
CA PRO F 8 -49.23 18.35 28.78
C PRO F 8 -50.03 17.74 27.61
N ALA F 9 -51.07 16.96 27.92
CA ALA F 9 -51.96 16.36 26.89
C ALA F 9 -52.72 17.48 26.16
N THR F 10 -53.16 18.51 26.88
CA THR F 10 -53.69 19.77 26.29
C THR F 10 -52.96 20.95 26.91
N LEU F 11 -52.47 21.86 26.08
CA LEU F 11 -51.91 23.15 26.54
C LEU F 11 -52.86 24.27 26.13
N SER F 12 -53.42 24.99 27.10
CA SER F 12 -54.43 26.05 26.85
C SER F 12 -53.82 27.44 27.03
N VAL F 13 -53.89 28.29 26.01
CA VAL F 13 -52.97 29.46 25.87
C VAL F 13 -53.71 30.65 25.24
N SER F 14 -53.33 31.87 25.64
CA SER F 14 -53.82 33.14 25.02
C SER F 14 -53.15 33.35 23.67
N PRO F 15 -53.89 33.85 22.63
CA PRO F 15 -53.27 34.33 21.40
C PRO F 15 -52.17 35.37 21.68
N GLY F 16 -51.09 35.28 20.91
CA GLY F 16 -49.90 36.15 21.05
C GLY F 16 -48.90 35.65 22.08
N ALA F 17 -49.31 34.83 23.05
CA ALA F 17 -48.41 34.33 24.12
C ALA F 17 -47.43 33.27 23.58
N ARG F 18 -46.34 33.06 24.32
CA ARG F 18 -45.34 31.98 24.09
C ARG F 18 -45.85 30.64 24.67
N ALA F 19 -45.57 29.55 23.98
CA ALA F 19 -46.02 28.18 24.35
C ALA F 19 -44.85 27.21 24.27
N THR F 20 -44.80 26.22 25.16
CA THR F 20 -43.74 25.19 25.19
C THR F 20 -44.37 23.82 25.34
N LEU F 21 -43.99 22.91 24.44
CA LEU F 21 -44.51 21.52 24.40
C LEU F 21 -43.33 20.61 24.73
N PHE F 22 -43.53 19.66 25.65
CA PHE F 22 -42.45 18.73 26.04
C PHE F 22 -42.66 17.37 25.39
N CYS F 23 -41.56 16.76 24.97
CA CYS F 23 -41.53 15.37 24.49
C CYS F 23 -40.38 14.66 25.20
N ARG F 24 -40.62 13.45 25.69
CA ARG F 24 -39.61 12.65 26.42
C ARG F 24 -39.58 11.24 25.81
N ALA F 25 -38.39 10.70 25.61
CA ALA F 25 -38.16 9.38 25.02
C ALA F 25 -37.75 8.37 26.09
N SER F 26 -38.27 7.15 26.02
CA SER F 26 -37.97 6.07 27.02
C SER F 26 -36.50 5.63 26.95
N ARG F 27 -35.76 6.02 25.91
CA ARG F 27 -34.30 5.77 25.78
C ARG F 27 -33.69 6.94 25.00
N SER F 28 -32.37 7.11 25.02
CA SER F 28 -31.69 8.16 24.23
C SER F 28 -32.01 8.02 22.73
N VAL F 29 -32.54 9.07 22.11
CA VAL F 29 -32.74 9.13 20.64
C VAL F 29 -31.74 10.09 19.98
N SER F 30 -30.62 10.40 20.65
CA SER F 30 -29.66 11.44 20.17
C SER F 30 -30.46 12.70 19.83
N ASP F 31 -30.22 13.31 18.68
CA ASP F 31 -31.06 14.43 18.19
C ASP F 31 -31.95 13.97 17.02
N ASN F 32 -32.11 12.67 16.83
CA ASN F 32 -32.94 12.09 15.75
C ASN F 32 -34.40 12.19 16.19
N LEU F 33 -34.93 13.39 16.28
CA LEU F 33 -36.30 13.65 16.77
C LEU F 33 -36.91 14.71 15.84
N ALA F 34 -38.16 14.51 15.44
CA ALA F 34 -38.91 15.42 14.56
C ALA F 34 -40.20 15.89 15.26
N TRP F 35 -40.74 17.02 14.82
CA TRP F 35 -42.03 17.52 15.32
C TRP F 35 -42.97 17.78 14.15
N TYR F 36 -44.25 17.44 14.31
CA TYR F 36 -45.29 17.69 13.29
C TYR F 36 -46.44 18.49 13.87
N GLN F 37 -47.00 19.40 13.07
CA GLN F 37 -48.27 20.11 13.36
C GLN F 37 -49.40 19.45 12.58
N GLN F 38 -50.55 19.20 13.20
CA GLN F 38 -51.71 18.67 12.47
C GLN F 38 -52.95 19.48 12.84
N LYS F 39 -53.52 20.17 11.85
CA LYS F 39 -54.83 20.85 12.01
C LYS F 39 -55.93 19.81 11.79
N PRO F 40 -57.16 20.02 12.32
CA PRO F 40 -58.25 19.07 12.12
C PRO F 40 -58.54 18.82 10.62
N GLY F 41 -58.68 17.55 10.25
CA GLY F 41 -59.02 17.10 8.89
C GLY F 41 -57.92 17.36 7.86
N GLN F 42 -56.65 17.40 8.28
CA GLN F 42 -55.50 17.57 7.35
C GLN F 42 -54.40 16.54 7.66
N ALA F 43 -53.52 16.31 6.69
CA ALA F 43 -52.29 15.52 6.91
C ALA F 43 -51.36 16.29 7.82
N PRO F 44 -50.49 15.63 8.62
CA PRO F 44 -49.46 16.31 9.38
C PRO F 44 -48.50 17.15 8.52
N ARG F 45 -47.93 18.17 9.12
CA ARG F 45 -46.93 19.08 8.52
C ARG F 45 -45.64 18.99 9.34
N LEU F 46 -44.52 18.62 8.72
CA LEU F 46 -43.20 18.61 9.42
C LEU F 46 -42.80 20.04 9.81
N LEU F 47 -42.50 20.27 11.09
CA LEU F 47 -42.04 21.59 11.59
C LEU F 47 -40.53 21.59 11.82
N ILE F 48 -40.04 20.56 12.51
CA ILE F 48 -38.65 20.48 13.02
C ILE F 48 -38.12 19.11 12.69
N PHE F 49 -36.84 19.00 12.38
CA PHE F 49 -36.13 17.70 12.39
C PHE F 49 -34.76 17.88 13.01
N GLY F 50 -34.08 16.78 13.32
CA GLY F 50 -32.79 16.81 14.04
C GLY F 50 -32.91 17.54 15.37
N ALA F 51 -34.07 17.44 16.02
CA ALA F 51 -34.46 18.14 17.27
C ALA F 51 -34.46 19.68 17.15
N SER F 52 -33.82 20.30 16.16
CA SER F 52 -33.58 21.77 16.16
C SER F 52 -33.67 22.41 14.78
N THR F 53 -33.45 21.67 13.68
CA THR F 53 -33.47 22.21 12.30
C THR F 53 -34.92 22.58 11.92
N ARG F 54 -35.19 23.85 11.68
CA ARG F 54 -36.55 24.29 11.27
C ARG F 54 -36.78 23.91 9.81
N ALA F 55 -37.87 23.23 9.49
CA ALA F 55 -38.09 22.65 8.15
C ALA F 55 -38.50 23.73 7.15
N THR F 56 -38.45 23.42 5.86
CA THR F 56 -38.78 24.37 4.77
C THR F 56 -40.23 24.86 4.90
N GLY F 57 -40.45 26.16 4.73
CA GLY F 57 -41.80 26.78 4.81
C GLY F 57 -42.38 26.79 6.22
N VAL F 58 -41.51 26.85 7.23
CA VAL F 58 -41.92 26.98 8.67
C VAL F 58 -41.47 28.34 9.17
N PRO F 59 -42.37 29.20 9.71
CA PRO F 59 -41.97 30.51 10.21
C PRO F 59 -41.07 30.41 11.45
N ALA F 60 -40.22 31.42 11.64
CA ALA F 60 -39.14 31.45 12.64
C ALA F 60 -39.67 31.38 14.08
N ARG F 61 -40.97 31.60 14.31
CA ARG F 61 -41.58 31.51 15.65
C ARG F 61 -41.52 30.08 16.21
N PHE F 62 -41.44 29.04 15.38
CA PHE F 62 -41.24 27.65 15.85
C PHE F 62 -39.76 27.39 16.11
N SER F 63 -39.44 26.80 17.26
CA SER F 63 -38.02 26.61 17.67
C SER F 63 -37.90 25.34 18.50
N GLY F 64 -37.09 24.39 18.07
CA GLY F 64 -36.87 23.13 18.81
C GLY F 64 -35.60 23.16 19.63
N SER F 65 -35.52 22.35 20.68
CA SER F 65 -34.29 22.13 21.45
C SER F 65 -34.29 20.79 22.17
N GLY F 66 -33.11 20.31 22.53
CA GLY F 66 -32.94 19.10 23.35
C GLY F 66 -32.12 18.03 22.64
N SER F 67 -31.66 17.06 23.40
CA SER F 67 -30.92 15.88 22.91
C SER F 67 -31.01 14.75 23.92
N GLY F 68 -30.80 13.52 23.48
CA GLY F 68 -30.84 12.34 24.34
C GLY F 68 -32.28 11.95 24.65
N THR F 69 -32.79 12.22 25.85
CA THR F 69 -34.10 11.70 26.29
C THR F 69 -35.15 12.79 26.36
N GLN F 70 -34.80 14.09 26.38
CA GLN F 70 -35.83 15.15 26.62
C GLN F 70 -35.69 16.29 25.60
N PHE F 71 -36.85 16.74 25.11
CA PHE F 71 -36.96 17.69 23.98
C PHE F 71 -38.08 18.68 24.24
N THR F 72 -37.92 19.88 23.69
CA THR F 72 -38.95 20.93 23.76
C THR F 72 -39.21 21.48 22.36
N LEU F 73 -40.47 21.73 22.04
CA LEU F 73 -40.83 22.64 20.94
C LEU F 73 -41.37 23.93 21.56
N THR F 74 -40.77 25.05 21.22
CA THR F 74 -41.24 26.39 21.65
C THR F 74 -41.92 27.07 20.47
N ILE F 75 -43.14 27.56 20.69
CA ILE F 75 -43.83 28.44 19.72
C ILE F 75 -43.80 29.85 20.32
N SER F 76 -43.11 30.76 19.65
CA SER F 76 -42.62 32.01 20.29
C SER F 76 -43.74 33.04 20.50
N SER F 77 -44.82 32.95 19.72
CA SER F 77 -46.01 33.83 19.85
C SER F 77 -47.17 33.22 19.05
N LEU F 78 -48.16 32.60 19.72
CA LEU F 78 -49.24 31.86 19.00
C LEU F 78 -50.05 32.81 18.11
N GLN F 79 -50.00 32.58 16.80
CA GLN F 79 -50.95 33.17 15.84
C GLN F 79 -52.15 32.23 15.68
N SER F 80 -53.21 32.68 15.02
CA SER F 80 -54.50 31.93 14.90
C SER F 80 -54.29 30.56 14.22
N GLU F 81 -53.27 30.40 13.39
CA GLU F 81 -52.96 29.11 12.70
C GLU F 81 -52.49 28.05 13.72
N ASP F 82 -51.90 28.46 14.83
CA ASP F 82 -51.04 27.58 15.66
C ASP F 82 -51.87 26.67 16.58
N PHE F 83 -53.16 26.92 16.72
CA PHE F 83 -54.05 26.10 17.58
C PHE F 83 -54.36 24.80 16.85
N ALA F 84 -53.50 23.81 17.09
CA ALA F 84 -53.42 22.53 16.35
C ALA F 84 -52.93 21.42 17.29
N VAL F 85 -52.97 20.16 16.86
CA VAL F 85 -52.27 19.08 17.61
C VAL F 85 -50.80 19.08 17.17
N TYR F 86 -49.90 18.76 18.08
CA TYR F 86 -48.46 18.64 17.79
C TYR F 86 -47.97 17.26 18.21
N TYR F 87 -47.29 16.56 17.31
CA TYR F 87 -46.69 15.24 17.57
C TYR F 87 -45.18 15.35 17.53
N CYS F 88 -44.49 14.72 18.47
CA CYS F 88 -43.06 14.42 18.29
C CYS F 88 -42.92 12.98 17.74
N GLN F 89 -41.79 12.70 17.11
CA GLN F 89 -41.49 11.38 16.53
C GLN F 89 -39.99 11.16 16.58
N HIS F 90 -39.51 10.03 17.05
CA HIS F 90 -38.07 9.72 16.91
C HIS F 90 -37.81 9.07 15.57
N TYR F 91 -36.60 9.22 15.07
CA TYR F 91 -36.12 8.47 13.88
C TYR F 91 -34.73 7.88 14.13
N ASN F 92 -34.50 7.43 15.34
CA ASN F 92 -33.17 7.07 15.85
C ASN F 92 -32.79 5.63 15.48
N ILE F 93 -31.94 5.46 14.48
CA ILE F 93 -31.23 4.22 14.11
C ILE F 93 -32.20 3.13 13.58
N TRP F 94 -33.24 2.74 14.33
CA TRP F 94 -33.94 1.45 14.12
C TRP F 94 -35.44 1.63 14.34
N PRO F 95 -36.31 0.94 13.55
CA PRO F 95 -37.75 1.00 13.75
C PRO F 95 -38.20 0.28 15.03
N PRO F 96 -39.44 0.49 15.51
CA PRO F 96 -40.42 1.37 14.88
C PRO F 96 -40.17 2.85 15.10
N TRP F 97 -40.53 3.62 14.10
CA TRP F 97 -40.44 5.10 14.15
C TRP F 97 -41.68 5.60 14.91
N THR F 98 -41.63 5.53 16.23
CA THR F 98 -42.83 5.78 17.06
C THR F 98 -43.09 7.26 17.16
N PHE F 99 -44.36 7.62 17.16
CA PHE F 99 -44.83 8.99 17.45
C PHE F 99 -45.27 9.09 18.91
N GLY F 100 -45.22 10.29 19.49
CA GLY F 100 -45.93 10.57 20.75
C GLY F 100 -47.44 10.55 20.55
N GLN F 101 -48.22 10.55 21.62
CA GLN F 101 -49.70 10.55 21.52
C GLN F 101 -50.23 11.95 21.17
N GLY F 102 -49.36 12.97 21.09
CA GLY F 102 -49.72 14.32 20.62
C GLY F 102 -50.24 15.25 21.71
N THR F 103 -49.91 16.53 21.59
CA THR F 103 -50.38 17.60 22.51
C THR F 103 -51.31 18.52 21.73
N LYS F 104 -52.54 18.71 22.20
CA LYS F 104 -53.48 19.69 21.60
C LYS F 104 -53.15 21.08 22.13
N VAL F 105 -52.98 22.07 21.24
CA VAL F 105 -52.82 23.48 21.66
C VAL F 105 -54.15 24.17 21.46
N GLU F 106 -54.64 24.81 22.53
CA GLU F 106 -56.05 25.25 22.66
C GLU F 106 -56.11 26.75 23.01
N ILE F 107 -57.09 27.47 22.46
CA ILE F 107 -57.29 28.90 22.84
C ILE F 107 -57.87 28.94 24.25
N LYS F 108 -57.25 29.72 25.15
CA LYS F 108 -57.74 29.89 26.55
C LYS F 108 -59.10 30.64 26.54
N ARG F 109 -60.18 29.88 26.82
CA ARG F 109 -61.62 30.29 26.81
C ARG F 109 -61.90 31.31 25.69
N ALA G 105 13.59 -29.13 10.22
CA ALA G 105 14.94 -28.71 10.70
C ALA G 105 15.13 -29.09 12.18
N GLU G 106 16.38 -29.18 12.61
CA GLU G 106 16.76 -29.41 14.03
C GLU G 106 16.87 -28.07 14.77
N TYR G 107 16.81 -28.07 16.10
CA TYR G 107 17.09 -26.85 16.88
C TYR G 107 18.56 -26.43 16.73
N ARG G 108 18.81 -25.11 16.77
CA ARG G 108 20.16 -24.54 16.92
C ARG G 108 20.82 -24.95 18.22
N ASN G 109 22.12 -25.20 18.19
CA ASN G 109 22.89 -25.49 19.43
C ASN G 109 24.14 -24.59 19.58
N TRP G 110 24.55 -23.82 18.58
CA TRP G 110 25.74 -22.91 18.62
C TRP G 110 27.02 -23.60 19.13
N SER G 111 27.17 -24.91 18.94
CA SER G 111 28.28 -25.71 19.53
C SER G 111 29.63 -25.46 18.85
N LYS G 112 29.71 -24.66 17.80
CA LYS G 112 30.99 -24.31 17.14
C LYS G 112 31.80 -23.35 18.00
N PRO G 113 33.14 -23.31 17.90
CA PRO G 113 33.95 -22.34 18.62
C PRO G 113 33.71 -20.91 18.13
N GLN G 114 33.99 -19.93 18.98
CA GLN G 114 33.94 -18.50 18.57
C GLN G 114 35.04 -18.26 17.54
N CYS G 115 34.73 -17.52 16.49
CA CYS G 115 35.67 -17.18 15.40
C CYS G 115 36.86 -16.40 15.94
N GLY G 116 37.98 -16.48 15.23
CA GLY G 116 39.06 -15.49 15.39
C GLY G 116 38.56 -14.11 15.00
N ILE G 117 38.86 -13.11 15.80
CA ILE G 117 38.40 -11.73 15.51
C ILE G 117 39.60 -10.80 15.59
N THR G 118 39.82 -10.01 14.55
CA THR G 118 40.87 -8.95 14.49
C THR G 118 40.24 -7.57 14.57
N GLY G 119 38.92 -7.52 14.54
CA GLY G 119 38.13 -6.30 14.43
C GLY G 119 36.87 -6.58 13.67
N PHE G 120 36.17 -5.55 13.24
CA PHE G 120 34.82 -5.65 12.67
C PHE G 120 34.79 -4.97 11.30
N ALA G 121 34.28 -5.68 10.30
CA ALA G 121 34.11 -5.15 8.93
C ALA G 121 32.67 -4.64 8.76
N PRO G 122 32.41 -3.62 7.91
CA PRO G 122 31.06 -3.12 7.71
C PRO G 122 30.14 -4.17 7.07
N PHE G 123 28.90 -4.25 7.54
CA PHE G 123 27.94 -5.31 7.11
C PHE G 123 26.62 -4.75 6.58
N SER G 124 26.03 -3.73 7.20
CA SER G 124 24.72 -3.20 6.73
C SER G 124 24.45 -1.83 7.29
N LYS G 125 23.57 -1.10 6.65
CA LYS G 125 23.13 0.23 7.07
C LYS G 125 21.76 0.43 6.45
N ASP G 126 20.82 1.03 7.18
CA ASP G 126 19.42 1.09 6.68
C ASP G 126 19.10 2.45 6.07
N ASN G 127 19.83 3.52 6.44
CA ASN G 127 19.60 4.89 5.93
C ASN G 127 18.16 5.38 6.20
N SER G 128 17.46 4.85 7.21
CA SER G 128 16.03 5.13 7.47
C SER G 128 15.72 6.63 7.55
N ILE G 129 16.52 7.45 8.21
CA ILE G 129 16.11 8.88 8.38
C ILE G 129 16.27 9.62 7.04
N ARG G 130 17.33 9.35 6.27
CA ARG G 130 17.51 10.00 4.95
C ARG G 130 16.37 9.60 4.01
N LEU G 131 15.97 8.33 4.01
CA LEU G 131 14.82 7.84 3.21
C LEU G 131 13.51 8.44 3.73
N SER G 132 13.36 8.65 5.02
CA SER G 132 12.14 9.27 5.62
C SER G 132 11.84 10.65 5.05
N ALA G 133 12.84 11.40 4.61
CA ALA G 133 12.62 12.76 4.09
C ALA G 133 11.92 12.74 2.73
N GLY G 134 11.76 11.57 2.10
CA GLY G 134 11.06 11.43 0.81
C GLY G 134 10.48 10.05 0.63
N GLY G 135 9.63 9.63 1.56
CA GLY G 135 8.89 8.35 1.51
C GLY G 135 8.35 7.96 2.87
N ASP G 136 7.42 7.01 2.91
CA ASP G 136 6.66 6.68 4.14
C ASP G 136 7.43 5.63 4.95
N ILE G 137 8.29 6.10 5.84
CA ILE G 137 9.11 5.24 6.74
C ILE G 137 8.59 5.37 8.17
N TRP G 138 8.55 4.26 8.90
CA TRP G 138 8.15 4.18 10.33
C TRP G 138 9.06 4.99 11.25
N VAL G 139 8.49 5.66 12.26
CA VAL G 139 9.27 6.13 13.44
C VAL G 139 9.59 4.94 14.32
N THR G 140 10.83 4.80 14.74
CA THR G 140 11.26 3.67 15.58
C THR G 140 12.26 4.12 16.64
N ARG G 141 12.47 3.26 17.63
CA ARG G 141 13.66 3.29 18.50
C ARG G 141 13.90 1.88 19.01
N GLU G 142 15.03 1.72 19.70
CA GLU G 142 15.44 0.48 20.39
C GLU G 142 15.50 -0.64 19.37
N PRO G 143 16.27 -0.49 18.27
CA PRO G 143 16.40 -1.54 17.27
C PRO G 143 17.26 -2.69 17.76
N TYR G 144 17.19 -3.77 17.03
CA TYR G 144 18.17 -4.87 17.17
C TYR G 144 18.15 -5.76 15.94
N VAL G 145 19.17 -6.59 15.83
CA VAL G 145 19.30 -7.56 14.72
C VAL G 145 19.30 -8.95 15.32
N SER G 146 18.68 -9.87 14.63
CA SER G 146 18.73 -11.30 14.97
C SER G 146 18.61 -12.08 13.68
N CYS G 147 19.15 -13.28 13.60
CA CYS G 147 19.20 -14.02 12.33
C CYS G 147 18.54 -15.40 12.50
N ASP G 148 17.85 -15.87 11.49
CA ASP G 148 17.51 -17.31 11.41
C ASP G 148 18.66 -18.07 10.76
N LEU G 149 18.41 -19.26 10.24
CA LEU G 149 19.47 -20.12 9.64
C LEU G 149 20.03 -19.49 8.37
N ASP G 150 19.25 -18.67 7.67
CA ASP G 150 19.54 -18.23 6.29
C ASP G 150 19.80 -16.73 6.20
N LYS G 151 19.13 -15.94 7.03
CA LYS G 151 19.04 -14.47 6.83
C LYS G 151 19.09 -13.75 8.17
N CYS G 152 19.52 -12.49 8.16
CA CYS G 152 19.41 -11.61 9.34
C CYS G 152 18.21 -10.68 9.17
N TYR G 153 17.55 -10.40 10.28
CA TYR G 153 16.35 -9.55 10.34
C TYR G 153 16.64 -8.38 11.25
N GLN G 154 16.13 -7.23 10.89
CA GLN G 154 16.21 -6.04 11.75
C GLN G 154 14.85 -5.91 12.42
N PHE G 155 14.88 -5.55 13.69
CA PHE G 155 13.70 -5.35 14.54
C PHE G 155 13.77 -3.96 15.11
N ALA G 156 12.63 -3.37 15.38
CA ALA G 156 12.60 -2.12 16.16
C ALA G 156 11.22 -1.92 16.77
N LEU G 157 11.15 -1.11 17.80
CA LEU G 157 9.84 -0.78 18.40
C LEU G 157 9.31 0.43 17.68
N GLY G 158 8.31 0.24 16.83
CA GLY G 158 7.63 1.34 16.14
C GLY G 158 6.94 2.26 17.11
N GLN G 159 6.69 3.50 16.73
CA GLN G 159 5.87 4.41 17.55
C GLN G 159 4.44 4.46 16.98
N GLY G 160 4.00 3.45 16.24
CA GLY G 160 2.65 3.44 15.64
C GLY G 160 2.40 4.59 14.68
N THR G 161 3.43 5.07 13.99
CA THR G 161 3.35 6.21 13.04
C THR G 161 4.51 6.18 12.05
N THR G 162 4.30 6.71 10.85
CA THR G 162 5.40 7.06 9.93
C THR G 162 5.98 8.41 10.37
N LEU G 163 7.13 8.77 9.84
CA LEU G 163 7.87 9.97 10.30
C LEU G 163 7.26 11.22 9.70
N ASN G 164 6.99 11.23 8.40
CA ASN G 164 6.26 12.33 7.75
C ASN G 164 4.75 12.08 7.98
N ASN G 165 4.26 12.52 9.13
CA ASN G 165 2.92 12.17 9.69
C ASN G 165 2.57 13.18 10.80
N VAL G 166 1.31 13.42 11.12
CA VAL G 166 0.97 14.27 12.30
C VAL G 166 1.28 13.52 13.59
N HIS G 167 1.19 12.21 13.62
CA HIS G 167 1.38 11.40 14.84
C HIS G 167 2.86 11.27 15.23
N SER G 168 3.81 11.74 14.43
CA SER G 168 5.25 11.61 14.74
C SER G 168 5.69 12.65 15.77
N ASN G 169 4.94 13.71 15.99
CA ASN G 169 5.19 14.68 17.10
C ASN G 169 5.19 13.94 18.45
N ASN G 170 5.99 14.40 19.41
CA ASN G 170 6.10 13.83 20.79
C ASN G 170 6.45 12.33 20.82
N THR G 171 7.11 11.79 19.81
CA THR G 171 7.52 10.35 19.80
C THR G 171 8.74 10.06 20.69
N VAL G 172 9.06 10.94 21.63
CA VAL G 172 10.20 10.72 22.57
C VAL G 172 9.82 9.73 23.68
N ARG G 173 8.54 9.58 24.03
CA ARG G 173 8.13 8.66 25.13
C ARG G 173 8.39 7.20 24.75
N ASP G 174 8.90 6.44 25.69
CA ASP G 174 9.32 5.06 25.44
C ASP G 174 8.14 4.09 25.59
N ARG G 175 7.02 4.48 26.23
CA ARG G 175 5.90 3.52 26.45
C ARG G 175 4.56 4.15 26.09
N THR G 176 3.88 3.59 25.09
CA THR G 176 2.51 3.97 24.67
C THR G 176 1.80 2.72 24.16
N PRO G 177 0.45 2.68 24.10
CA PRO G 177 -0.25 1.48 23.64
C PRO G 177 0.00 1.15 22.17
N TYR G 178 0.59 2.07 21.42
CA TYR G 178 0.70 1.99 19.94
C TYR G 178 2.02 1.40 19.51
N ARG G 179 2.98 1.21 20.41
CA ARG G 179 4.28 0.61 20.05
C ARG G 179 4.07 -0.84 19.70
N THR G 180 4.70 -1.24 18.60
CA THR G 180 4.62 -2.61 18.07
C THR G 180 6.03 -3.00 17.66
N LEU G 181 6.33 -4.27 17.71
CA LEU G 181 7.63 -4.78 17.24
C LEU G 181 7.55 -4.88 15.72
N LEU G 182 8.33 -4.07 15.01
CA LEU G 182 8.49 -4.18 13.54
C LEU G 182 9.55 -5.24 13.22
N MET G 183 9.38 -5.98 12.14
CA MET G 183 10.37 -6.99 11.70
C MET G 183 10.52 -6.92 10.18
N ASN G 184 11.75 -6.84 9.70
CA ASN G 184 12.10 -6.88 8.26
C ASN G 184 13.37 -7.69 8.06
N GLU G 185 13.64 -8.18 6.86
CA GLU G 185 15.00 -8.62 6.52
C GLU G 185 15.96 -7.44 6.70
N LEU G 186 17.18 -7.72 7.14
CA LEU G 186 18.16 -6.65 7.44
C LEU G 186 18.45 -5.86 6.16
N GLY G 187 18.36 -4.56 6.23
CA GLY G 187 18.66 -3.72 5.06
C GLY G 187 17.43 -3.35 4.24
N VAL G 188 16.31 -4.03 4.45
CA VAL G 188 15.00 -3.50 3.97
C VAL G 188 14.57 -2.44 4.99
N PRO G 189 14.44 -1.17 4.64
CA PRO G 189 14.05 -0.16 5.63
C PRO G 189 12.61 -0.42 6.11
N PHE G 190 12.20 0.20 7.20
CA PHE G 190 10.83 0.05 7.73
C PHE G 190 9.86 0.96 6.95
N HIS G 191 9.44 0.51 5.78
CA HIS G 191 8.39 1.12 4.93
C HIS G 191 6.99 0.60 5.35
N LEU G 192 5.91 1.08 4.74
CA LEU G 192 4.54 0.72 5.18
C LEU G 192 4.22 -0.77 5.02
N GLY G 193 4.90 -1.52 4.16
CA GLY G 193 4.66 -2.97 4.05
C GLY G 193 5.30 -3.77 5.17
N THR G 194 5.92 -3.13 6.16
CA THR G 194 6.61 -3.81 7.29
C THR G 194 5.59 -4.56 8.14
N LYS G 195 5.92 -5.77 8.56
CA LYS G 195 5.04 -6.51 9.50
C LYS G 195 5.24 -6.04 10.95
N GLN G 196 4.15 -5.69 11.64
CA GLN G 196 4.12 -5.54 13.11
C GLN G 196 3.91 -6.93 13.73
N VAL G 197 4.93 -7.54 14.34
CA VAL G 197 4.80 -8.97 14.76
C VAL G 197 4.07 -9.08 16.09
N CYS G 198 4.02 -8.04 16.92
CA CYS G 198 3.31 -8.10 18.22
C CYS G 198 3.19 -6.74 18.86
N ILE G 199 2.30 -6.59 19.85
CA ILE G 199 2.19 -5.27 20.55
C ILE G 199 3.28 -5.25 21.61
N ALA G 200 4.08 -4.18 21.65
CA ALA G 200 5.30 -4.15 22.48
C ALA G 200 5.82 -2.75 22.68
N TRP G 201 6.06 -2.31 23.91
CA TRP G 201 6.94 -1.14 24.15
C TRP G 201 8.29 -1.59 24.73
N SER G 202 8.50 -2.88 24.93
CA SER G 202 9.81 -3.48 25.20
C SER G 202 9.79 -4.87 24.59
N SER G 203 10.92 -5.39 24.11
CA SER G 203 10.89 -6.71 23.45
C SER G 203 12.22 -7.42 23.34
N SER G 204 12.14 -8.66 22.94
CA SER G 204 13.30 -9.46 22.55
C SER G 204 12.83 -10.49 21.55
N SER G 205 13.68 -11.01 20.68
CA SER G 205 13.30 -12.03 19.69
C SER G 205 14.46 -12.97 19.47
N CYS G 206 14.19 -14.19 19.08
CA CYS G 206 15.26 -15.08 18.60
C CYS G 206 14.66 -16.26 17.85
N HIS G 207 15.47 -16.89 17.02
CA HIS G 207 15.04 -18.04 16.22
C HIS G 207 15.74 -19.26 16.78
N ASP G 208 14.99 -20.31 17.06
CA ASP G 208 15.54 -21.48 17.79
C ASP G 208 16.05 -22.54 16.82
N GLY G 209 16.03 -22.29 15.50
CA GLY G 209 16.33 -23.32 14.49
C GLY G 209 15.10 -23.94 13.88
N LYS G 210 13.92 -23.76 14.49
CA LYS G 210 12.63 -24.17 13.90
C LYS G 210 11.75 -22.94 13.66
N ALA G 211 11.67 -21.99 14.58
CA ALA G 211 10.76 -20.84 14.46
C ALA G 211 11.18 -19.65 15.32
N TRP G 212 10.59 -18.51 15.04
CA TRP G 212 10.81 -17.29 15.84
C TRP G 212 10.07 -17.37 17.17
N LEU G 213 10.75 -16.96 18.23
CA LEU G 213 10.13 -16.55 19.51
C LEU G 213 10.21 -15.03 19.57
N HIS G 214 9.11 -14.38 19.86
CA HIS G 214 9.11 -12.96 20.24
C HIS G 214 8.63 -12.89 21.69
N VAL G 215 9.30 -12.07 22.49
CA VAL G 215 8.87 -11.71 23.85
C VAL G 215 8.45 -10.27 23.76
N CYS G 216 7.19 -10.00 24.04
CA CYS G 216 6.57 -8.71 23.74
C CYS G 216 5.93 -8.17 24.99
N ILE G 217 6.34 -6.98 25.44
CA ILE G 217 5.82 -6.44 26.72
C ILE G 217 4.98 -5.21 26.43
N THR G 218 3.79 -5.14 27.00
CA THR G 218 2.90 -3.96 26.82
C THR G 218 1.92 -3.86 27.97
N GLY G 219 1.26 -2.73 28.11
CA GLY G 219 0.27 -2.53 29.17
C GLY G 219 0.62 -1.38 30.06
N ASP G 220 -0.04 -1.31 31.21
CA ASP G 220 0.17 -0.25 32.21
C ASP G 220 1.57 -0.36 32.79
N ASP G 221 2.20 0.76 33.13
CA ASP G 221 3.53 0.78 33.81
C ASP G 221 3.46 -0.05 35.08
N LYS G 222 2.39 0.11 35.85
CA LYS G 222 2.22 -0.55 37.15
C LYS G 222 1.74 -2.00 36.99
N ASN G 223 1.45 -2.49 35.80
CA ASN G 223 0.80 -3.81 35.64
C ASN G 223 0.94 -4.30 34.20
N ALA G 224 2.16 -4.38 33.68
CA ALA G 224 2.42 -4.78 32.27
C ALA G 224 2.28 -6.29 32.10
N THR G 225 2.08 -6.70 30.85
CA THR G 225 1.99 -8.13 30.46
C THR G 225 3.15 -8.43 29.51
N ALA G 226 3.79 -9.56 29.66
CA ALA G 226 4.70 -10.08 28.62
C ALA G 226 4.00 -11.24 27.91
N SER G 227 3.85 -11.15 26.59
CA SER G 227 3.34 -12.21 25.70
C SER G 227 4.52 -12.94 25.09
N PHE G 228 4.46 -14.25 25.06
CA PHE G 228 5.48 -15.12 24.43
C PHE G 228 4.83 -15.67 23.17
N ILE G 229 5.25 -15.16 22.04
CA ILE G 229 4.65 -15.52 20.73
C ILE G 229 5.67 -16.39 19.99
N TYR G 230 5.31 -17.59 19.66
CA TYR G 230 6.23 -18.56 19.06
C TYR G 230 5.56 -19.19 17.85
N ASN G 231 6.29 -19.30 16.76
CA ASN G 231 5.75 -19.77 15.48
C ASN G 231 4.43 -19.04 15.16
N GLY G 232 4.40 -17.72 15.38
CA GLY G 232 3.32 -16.84 14.92
C GLY G 232 2.07 -16.88 15.79
N ARG G 233 2.06 -17.65 16.89
CA ARG G 233 0.89 -17.73 17.79
C ARG G 233 1.26 -17.49 19.25
N LEU G 234 0.35 -16.88 20.02
CA LEU G 234 0.61 -16.60 21.45
C LEU G 234 0.60 -17.89 22.25
N VAL G 235 1.70 -18.26 22.88
CA VAL G 235 1.83 -19.57 23.58
C VAL G 235 1.75 -19.37 25.09
N ASP G 236 2.21 -18.23 25.59
CA ASP G 236 2.28 -18.04 27.05
C ASP G 236 2.25 -16.56 27.40
N SER G 237 1.99 -16.25 28.66
CA SER G 237 2.14 -14.86 29.12
C SER G 237 2.49 -14.82 30.60
N VAL G 238 3.06 -13.69 31.03
CA VAL G 238 3.36 -13.49 32.46
C VAL G 238 3.11 -12.05 32.82
N VAL G 239 2.61 -11.83 34.03
CA VAL G 239 2.34 -10.45 34.50
C VAL G 239 3.59 -9.90 35.22
N SER G 240 3.73 -8.56 35.18
CA SER G 240 4.68 -7.76 36.00
C SER G 240 4.71 -8.29 37.45
N TRP G 241 5.88 -8.70 37.94
CA TRP G 241 6.03 -9.25 39.29
C TRP G 241 6.36 -8.21 40.33
N SER G 242 6.98 -7.08 39.99
CA SER G 242 7.29 -5.98 40.93
C SER G 242 6.45 -4.74 40.65
N ASN G 243 5.54 -4.78 39.68
CA ASN G 243 4.55 -3.70 39.41
C ASN G 243 5.21 -2.35 39.14
N ASP G 244 6.34 -2.31 38.45
CA ASP G 244 7.06 -1.04 38.13
C ASP G 244 7.87 -1.24 36.84
N ILE G 245 7.17 -1.19 35.73
CA ILE G 245 7.69 -1.27 34.33
C ILE G 245 8.45 -2.58 34.13
N LEU G 246 7.73 -3.66 33.96
CA LEU G 246 8.35 -4.92 33.46
C LEU G 246 9.07 -4.61 32.17
N ARG G 247 10.29 -5.12 31.98
CA ARG G 247 11.08 -4.77 30.77
C ARG G 247 12.05 -5.89 30.43
N THR G 248 12.51 -5.92 29.19
CA THR G 248 13.45 -6.99 28.73
C THR G 248 14.57 -6.36 27.89
N GLN G 249 15.22 -7.17 27.08
CA GLN G 249 16.58 -6.91 26.59
C GLN G 249 16.67 -5.77 25.56
N GLU G 250 15.64 -5.53 24.76
CA GLU G 250 15.73 -4.72 23.51
C GLU G 250 16.85 -5.26 22.60
N SER G 251 17.08 -6.58 22.62
CA SER G 251 18.00 -7.27 21.68
C SER G 251 17.67 -8.76 21.68
N GLU G 252 18.39 -9.52 20.88
CA GLU G 252 18.01 -10.92 20.70
C GLU G 252 18.16 -11.73 21.99
N CYS G 253 17.23 -12.64 22.20
CA CYS G 253 17.35 -13.75 23.17
C CYS G 253 18.28 -14.76 22.53
N VAL G 254 18.59 -15.83 23.23
CA VAL G 254 19.49 -16.87 22.72
C VAL G 254 18.83 -18.20 23.00
N CYS G 255 18.86 -19.12 22.04
CA CYS G 255 18.26 -20.46 22.20
C CYS G 255 19.34 -21.51 21.97
N ILE G 256 19.45 -22.46 22.87
CA ILE G 256 20.31 -23.66 22.69
C ILE G 256 19.41 -24.87 22.88
N ASN G 257 19.42 -25.80 21.92
CA ASN G 257 18.54 -27.00 21.90
C ASN G 257 17.08 -26.60 22.13
N GLY G 258 16.60 -25.49 21.56
CA GLY G 258 15.19 -25.09 21.66
C GLY G 258 14.81 -24.46 22.98
N THR G 259 15.67 -24.49 23.99
CA THR G 259 15.48 -23.71 25.23
C THR G 259 15.98 -22.28 24.99
N CYS G 260 15.09 -21.37 24.76
CA CYS G 260 15.43 -19.93 24.65
C CYS G 260 15.52 -19.31 26.04
N THR G 261 16.38 -18.34 26.23
CA THR G 261 16.50 -17.64 27.52
C THR G 261 16.46 -16.16 27.31
N VAL G 262 15.71 -15.52 28.19
CA VAL G 262 15.51 -14.06 28.09
C VAL G 262 15.70 -13.50 29.50
N VAL G 263 16.45 -12.42 29.61
CA VAL G 263 16.56 -11.69 30.89
C VAL G 263 15.43 -10.68 30.96
N MET G 264 14.73 -10.65 32.07
CA MET G 264 13.59 -9.72 32.26
C MET G 264 13.70 -9.11 33.64
N THR G 265 13.20 -7.91 33.80
CA THR G 265 13.37 -7.20 35.07
C THR G 265 12.20 -6.27 35.33
N ASP G 266 12.02 -5.85 36.58
CA ASP G 266 10.86 -5.05 37.02
C ASP G 266 11.33 -4.18 38.18
N GLY G 267 10.54 -3.31 38.75
CA GLY G 267 11.04 -2.46 39.86
C GLY G 267 12.17 -1.56 39.40
N ASN G 268 13.14 -1.29 40.28
CA ASN G 268 14.41 -0.60 39.89
C ASN G 268 15.47 -1.63 39.43
N ALA G 269 15.06 -2.84 39.03
CA ALA G 269 15.93 -3.92 38.52
C ALA G 269 16.96 -4.43 39.56
N THR G 270 16.69 -4.32 40.87
CA THR G 270 17.63 -4.85 41.90
C THR G 270 17.65 -6.38 41.92
N GLY G 271 18.78 -6.96 41.54
CA GLY G 271 19.24 -8.30 42.02
C GLY G 271 18.20 -9.40 41.93
N LYS G 272 18.17 -10.29 42.91
CA LYS G 272 17.26 -11.47 42.97
C LYS G 272 15.78 -11.05 43.09
N ALA G 273 15.50 -9.88 43.67
CA ALA G 273 14.12 -9.38 43.88
C ALA G 273 13.43 -9.08 42.54
N ASP G 274 14.16 -8.52 41.58
CA ASP G 274 13.56 -7.84 40.41
C ASP G 274 13.94 -8.48 39.09
N THR G 275 15.12 -9.05 38.97
CA THR G 275 15.59 -9.58 37.67
C THR G 275 15.44 -11.09 37.68
N LYS G 276 14.80 -11.61 36.65
CA LYS G 276 14.60 -13.05 36.47
C LYS G 276 15.08 -13.45 35.10
N ILE G 277 15.53 -14.67 34.99
CA ILE G 277 15.91 -15.26 33.69
C ILE G 277 14.84 -16.32 33.39
N LEU G 278 14.12 -16.13 32.30
CA LEU G 278 13.04 -17.05 31.92
C LEU G 278 13.58 -18.03 30.88
N PHE G 279 13.35 -19.31 31.09
CA PHE G 279 13.76 -20.38 30.15
C PHE G 279 12.49 -20.85 29.47
N ILE G 280 12.50 -20.84 28.15
CA ILE G 280 11.27 -20.92 27.30
C ILE G 280 11.48 -22.03 26.28
N GLU G 281 10.49 -22.90 26.11
CA GLU G 281 10.57 -23.98 25.11
C GLU G 281 9.34 -23.92 24.22
N GLU G 282 9.55 -23.57 22.96
CA GLU G 282 8.46 -23.38 21.96
C GLU G 282 7.42 -22.39 22.47
N GLY G 283 7.86 -21.34 23.15
CA GLY G 283 6.99 -20.27 23.65
C GLY G 283 6.45 -20.51 25.04
N LYS G 284 6.44 -21.74 25.55
CA LYS G 284 5.99 -22.07 26.93
C LYS G 284 7.11 -21.68 27.92
N ILE G 285 6.82 -20.90 28.95
CA ILE G 285 7.82 -20.61 30.02
C ILE G 285 7.98 -21.88 30.87
N VAL G 286 9.11 -22.57 30.77
CA VAL G 286 9.32 -23.87 31.45
C VAL G 286 10.06 -23.69 32.77
N HIS G 287 10.83 -22.62 32.94
CA HIS G 287 11.56 -22.36 34.20
C HIS G 287 11.79 -20.88 34.41
N THR G 288 12.03 -20.48 35.64
CA THR G 288 12.34 -19.07 35.96
C THR G 288 13.32 -19.01 37.12
N SER G 289 14.50 -18.47 36.87
CA SER G 289 15.57 -18.32 37.89
C SER G 289 15.64 -16.86 38.33
N LYS G 290 15.69 -16.60 39.63
CA LYS G 290 16.07 -15.26 40.15
C LYS G 290 17.53 -15.00 39.80
N LEU G 291 17.88 -13.75 39.54
CA LEU G 291 19.30 -13.35 39.34
C LEU G 291 20.08 -13.67 40.62
N SER G 292 21.30 -14.18 40.47
CA SER G 292 22.18 -14.59 41.60
C SER G 292 23.62 -14.17 41.32
N GLY G 293 24.45 -14.06 42.35
CA GLY G 293 25.79 -13.46 42.23
C GLY G 293 25.77 -11.96 42.50
N SER G 294 26.85 -11.27 42.13
CA SER G 294 27.19 -9.94 42.69
C SER G 294 26.75 -8.77 41.78
N ALA G 295 26.13 -9.01 40.63
CA ALA G 295 25.57 -7.92 39.80
C ALA G 295 24.37 -7.33 40.55
N GLN G 296 24.41 -6.03 40.83
CA GLN G 296 23.39 -5.41 41.70
C GLN G 296 22.20 -4.97 40.87
N HIS G 297 22.42 -4.25 39.76
CA HIS G 297 21.33 -3.73 38.91
C HIS G 297 21.58 -4.14 37.47
N VAL G 298 20.60 -4.71 36.81
CA VAL G 298 20.79 -5.48 35.55
C VAL G 298 19.64 -5.16 34.60
N GLU G 299 19.89 -4.41 33.56
CA GLU G 299 18.90 -4.04 32.53
C GLU G 299 19.46 -4.23 31.12
N GLU G 300 18.57 -4.41 30.16
CA GLU G 300 18.85 -4.35 28.71
C GLU G 300 20.02 -5.24 28.30
N CYS G 301 20.10 -6.43 28.83
CA CYS G 301 21.21 -7.33 28.52
C CYS G 301 21.40 -7.54 27.02
N SER G 302 22.64 -7.49 26.56
CA SER G 302 23.07 -7.98 25.25
C SER G 302 23.63 -9.38 25.47
N CYS G 303 23.03 -10.39 24.89
CA CYS G 303 23.38 -11.78 25.21
C CYS G 303 23.90 -12.51 23.99
N TYR G 304 24.75 -13.48 24.22
CA TYR G 304 25.32 -14.29 23.14
C TYR G 304 25.49 -15.72 23.58
N PRO G 305 25.33 -16.69 22.67
CA PRO G 305 25.60 -18.07 23.00
C PRO G 305 27.09 -18.23 23.23
N ARG G 306 27.40 -18.98 24.27
CA ARG G 306 28.77 -19.30 24.68
C ARG G 306 28.73 -20.74 25.17
N TYR G 307 28.52 -21.62 24.20
CA TYR G 307 28.15 -23.02 24.44
C TYR G 307 29.06 -23.63 25.51
N PRO G 308 28.54 -24.41 26.50
CA PRO G 308 27.14 -24.82 26.60
C PRO G 308 26.15 -23.80 27.16
N GLY G 309 26.62 -22.62 27.56
CA GLY G 309 25.76 -21.66 28.24
C GLY G 309 25.44 -20.44 27.40
N VAL G 310 24.86 -19.45 28.05
CA VAL G 310 24.61 -18.14 27.45
C VAL G 310 25.29 -17.10 28.33
N ARG G 311 25.88 -16.09 27.73
CA ARG G 311 26.55 -15.02 28.49
C ARG G 311 25.93 -13.69 28.05
N CYS G 312 25.75 -12.79 29.00
CA CYS G 312 25.05 -11.53 28.78
C CYS G 312 25.88 -10.41 29.37
N VAL G 313 25.97 -9.28 28.69
CA VAL G 313 26.59 -8.07 29.25
C VAL G 313 25.53 -6.98 29.23
N CYS G 314 25.32 -6.30 30.34
CA CYS G 314 24.06 -5.56 30.61
C CYS G 314 24.33 -4.13 31.00
N ARG G 315 23.30 -3.40 31.41
CA ARG G 315 23.35 -1.96 31.75
C ARG G 315 23.10 -1.85 33.25
N ASP G 316 23.90 -1.07 33.96
CA ASP G 316 23.66 -0.79 35.40
C ASP G 316 23.32 0.68 35.52
N ASN G 317 22.07 0.99 35.86
CA ASN G 317 21.60 2.39 35.84
C ASN G 317 21.80 3.05 37.19
N TRP G 318 22.45 2.42 38.17
CA TRP G 318 22.43 2.93 39.56
C TRP G 318 23.82 3.07 40.15
N LYS G 319 24.68 2.09 39.96
CA LYS G 319 25.95 1.99 40.70
C LYS G 319 27.14 1.88 39.75
N GLY G 320 27.06 1.09 38.71
CA GLY G 320 28.19 0.86 37.79
C GLY G 320 28.22 1.81 36.60
N SER G 321 29.41 2.25 36.21
CA SER G 321 29.71 2.60 34.81
C SER G 321 30.50 1.45 34.14
N ASN G 322 30.99 0.50 34.92
CA ASN G 322 31.31 -0.84 34.42
C ASN G 322 30.00 -1.59 34.15
N ARG G 323 30.04 -2.62 33.31
CA ARG G 323 28.82 -3.35 32.87
C ARG G 323 28.70 -4.65 33.63
N PRO G 324 27.49 -5.07 34.06
CA PRO G 324 27.30 -6.40 34.63
C PRO G 324 27.45 -7.53 33.60
N ILE G 325 27.83 -8.69 34.09
CA ILE G 325 27.87 -9.93 33.30
C ILE G 325 26.90 -10.91 33.95
N ILE G 326 26.19 -11.69 33.14
CA ILE G 326 25.42 -12.84 33.64
C ILE G 326 25.89 -14.05 32.86
N ASP G 327 26.24 -15.12 33.55
CA ASP G 327 26.37 -16.44 32.93
C ASP G 327 25.11 -17.23 33.27
N ILE G 328 24.50 -17.81 32.25
CA ILE G 328 23.25 -18.57 32.37
C ILE G 328 23.56 -20.00 31.98
N ASN G 329 23.33 -20.93 32.88
CA ASN G 329 23.47 -22.37 32.58
C ASN G 329 22.15 -22.90 32.01
N ILE G 330 22.14 -23.36 30.77
CA ILE G 330 20.91 -23.86 30.10
C ILE G 330 20.50 -25.23 30.67
N LYS G 331 21.42 -26.07 31.12
CA LYS G 331 21.09 -27.47 31.50
C LYS G 331 20.47 -27.54 32.89
N ASP G 332 20.84 -26.63 33.81
CA ASP G 332 20.38 -26.72 35.22
C ASP G 332 19.83 -25.38 35.73
N HIS G 333 19.66 -24.43 34.83
CA HIS G 333 19.00 -23.12 35.06
C HIS G 333 19.74 -22.27 36.09
N SER G 334 20.95 -22.62 36.52
CA SER G 334 21.72 -21.83 37.50
C SER G 334 22.22 -20.52 36.87
N ILE G 335 22.30 -19.49 37.69
CA ILE G 335 22.71 -18.13 37.26
C ILE G 335 23.91 -17.72 38.09
N VAL G 336 24.87 -17.07 37.44
CA VAL G 336 26.05 -16.44 38.10
C VAL G 336 26.16 -15.03 37.53
N SER G 337 26.65 -14.09 38.30
CA SER G 337 26.84 -12.72 37.78
C SER G 337 27.99 -12.00 38.46
N SER G 338 28.47 -10.97 37.79
CA SER G 338 29.70 -10.21 38.13
C SER G 338 29.74 -8.97 37.25
N TYR G 339 30.89 -8.33 37.09
CA TYR G 339 31.05 -7.15 36.21
C TYR G 339 32.24 -7.34 35.26
N VAL G 340 32.20 -6.65 34.12
CA VAL G 340 33.30 -6.64 33.11
C VAL G 340 34.53 -6.03 33.77
N CYS G 341 35.61 -6.81 33.90
CA CYS G 341 36.76 -6.40 34.72
C CYS G 341 37.42 -5.13 34.20
N SER G 342 37.61 -5.01 32.88
CA SER G 342 38.31 -3.91 32.15
C SER G 342 38.31 -2.55 32.85
N GLY G 343 39.49 -1.96 33.03
CA GLY G 343 39.64 -0.60 33.58
C GLY G 343 39.12 0.43 32.61
N LEU G 344 39.09 0.10 31.31
CA LEU G 344 38.34 0.89 30.31
C LEU G 344 36.88 0.46 30.36
N VAL G 345 36.03 1.26 30.99
CA VAL G 345 34.61 0.88 31.20
C VAL G 345 33.75 1.30 30.00
N GLY G 346 32.64 0.61 29.82
CA GLY G 346 31.85 0.67 28.58
C GLY G 346 30.49 1.26 28.70
N ASP G 347 30.08 1.79 29.84
CA ASP G 347 28.79 2.51 29.96
C ASP G 347 28.96 3.98 29.59
N THR G 348 27.85 4.69 29.49
CA THR G 348 27.79 6.17 29.39
C THR G 348 26.66 6.63 30.28
N PRO G 349 26.85 7.57 31.24
CA PRO G 349 28.12 8.25 31.49
C PRO G 349 29.16 7.35 32.17
N ARG G 350 30.41 7.83 32.16
CA ARG G 350 31.59 7.19 32.82
C ARG G 350 32.67 8.25 33.08
N LYS G 351 33.70 7.93 33.86
CA LYS G 351 34.87 8.83 34.01
C LYS G 351 35.77 8.73 32.77
N SER G 352 36.61 9.74 32.56
CA SER G 352 37.65 9.75 31.50
C SER G 352 38.60 8.55 31.67
N ASP G 353 39.18 8.03 30.59
CA ASP G 353 40.00 6.79 30.66
C ASP G 353 41.22 6.98 31.57
N SER G 354 41.74 8.20 31.69
CA SER G 354 42.86 8.58 32.57
C SER G 354 42.47 8.46 34.05
N SER G 355 41.20 8.36 34.42
CA SER G 355 40.73 8.42 35.82
C SER G 355 39.72 7.31 36.16
N SER G 356 39.15 6.61 35.18
CA SER G 356 38.20 5.48 35.41
C SER G 356 38.90 4.31 36.08
N SER G 357 38.11 3.50 36.77
CA SER G 357 38.55 2.22 37.34
C SER G 357 37.41 1.21 37.26
N SER G 358 37.69 -0.03 37.58
CA SER G 358 36.65 -1.07 37.54
C SER G 358 36.94 -2.12 38.60
N HIS G 359 36.01 -3.03 38.77
CA HIS G 359 36.08 -4.13 39.75
C HIS G 359 35.46 -5.34 39.08
N CYS G 360 35.94 -6.53 39.34
CA CYS G 360 35.39 -7.75 38.70
C CYS G 360 34.04 -8.13 39.31
N LEU G 361 33.75 -7.73 40.54
CA LEU G 361 32.58 -8.24 41.30
C LEU G 361 31.57 -7.15 41.58
N ASN G 362 32.02 -5.92 41.77
CA ASN G 362 31.18 -4.81 42.26
C ASN G 362 30.98 -3.76 41.17
N PRO G 363 29.89 -2.97 41.26
CA PRO G 363 29.83 -1.73 40.51
C PRO G 363 30.94 -0.77 40.96
N ASN G 364 31.53 -0.06 40.01
CA ASN G 364 32.70 0.77 40.28
C ASN G 364 32.34 2.08 41.01
N ASN G 365 31.05 2.44 41.13
CA ASN G 365 30.55 3.68 41.80
C ASN G 365 31.05 4.97 41.12
N GLU G 366 31.54 4.91 39.88
CA GLU G 366 32.04 6.11 39.16
C GLU G 366 31.03 6.51 38.10
N GLU G 367 30.41 7.69 38.23
CA GLU G 367 29.26 8.10 37.37
C GLU G 367 28.27 6.93 37.24
N GLY G 368 27.97 6.24 38.33
CA GLY G 368 27.22 4.98 38.27
C GLY G 368 25.84 5.15 37.69
N GLY G 369 25.12 6.20 38.11
CA GLY G 369 23.74 6.44 37.72
C GLY G 369 23.59 6.63 36.22
N HIS G 370 22.44 6.18 35.69
CA HIS G 370 22.08 6.15 34.25
C HIS G 370 23.04 5.24 33.49
N GLY G 371 22.84 5.13 32.19
CA GLY G 371 23.62 4.22 31.36
C GLY G 371 23.19 4.21 29.92
N VAL G 372 23.74 3.30 29.14
CA VAL G 372 23.24 3.03 27.77
C VAL G 372 23.36 1.54 27.50
N LYS G 373 22.45 1.00 26.69
CA LYS G 373 22.56 -0.41 26.32
C LYS G 373 23.81 -0.59 25.45
N GLY G 374 24.62 -1.60 25.77
CA GLY G 374 25.85 -1.85 25.02
C GLY G 374 26.24 -3.28 25.08
N TRP G 375 27.47 -3.59 24.76
CA TRP G 375 27.90 -5.00 24.68
C TRP G 375 29.40 -5.12 24.95
N ALA G 376 29.81 -6.32 25.24
CA ALA G 376 31.21 -6.74 25.27
C ALA G 376 31.23 -8.27 25.09
N PHE G 377 32.34 -8.85 24.67
CA PHE G 377 32.46 -10.31 24.70
C PHE G 377 33.90 -10.70 24.97
N ASP G 378 34.09 -11.86 25.57
CA ASP G 378 35.44 -12.35 25.91
C ASP G 378 36.13 -12.84 24.64
N ASP G 379 37.45 -12.76 24.64
CA ASP G 379 38.31 -13.41 23.62
C ASP G 379 39.52 -14.00 24.36
N GLY G 380 39.34 -15.14 24.99
CA GLY G 380 40.28 -15.61 26.02
C GLY G 380 40.27 -14.68 27.21
N ASN G 381 41.40 -14.11 27.62
CA ASN G 381 41.44 -13.12 28.72
C ASN G 381 41.23 -11.72 28.20
N ASP G 382 41.28 -11.49 26.90
CA ASP G 382 41.00 -10.14 26.34
C ASP G 382 39.50 -9.91 26.28
N VAL G 383 39.08 -8.66 26.17
CA VAL G 383 37.64 -8.37 25.92
C VAL G 383 37.52 -7.48 24.69
N TRP G 384 36.59 -7.79 23.81
CA TRP G 384 36.13 -6.85 22.76
C TRP G 384 34.92 -6.09 23.27
N MET G 385 34.88 -4.81 23.07
CA MET G 385 33.71 -4.04 23.56
C MET G 385 33.50 -2.79 22.73
N GLY G 386 32.29 -2.28 22.74
CA GLY G 386 31.94 -1.02 22.07
C GLY G 386 31.42 -0.01 23.08
N ARG G 387 31.62 1.27 22.80
CA ARG G 387 31.08 2.35 23.65
C ARG G 387 30.95 3.65 22.87
N THR G 388 30.18 4.58 23.39
CA THR G 388 30.14 5.92 22.79
C THR G 388 31.50 6.57 22.98
N ILE G 389 32.00 7.28 21.99
CA ILE G 389 33.34 7.91 22.09
C ILE G 389 33.33 8.98 23.19
N ASN G 390 32.25 9.70 23.29
CA ASN G 390 32.06 10.69 24.36
C ASN G 390 31.80 9.97 25.69
N GLU G 391 32.26 10.56 26.79
CA GLU G 391 32.12 9.96 28.14
C GLU G 391 30.81 10.32 28.82
N THR G 392 30.09 11.36 28.41
CA THR G 392 28.89 11.81 29.18
C THR G 392 27.60 11.71 28.37
N SER G 393 27.70 11.69 27.04
CA SER G 393 26.50 11.72 26.18
C SER G 393 26.70 10.82 24.95
N ARG G 394 25.62 10.41 24.32
CA ARG G 394 25.67 9.30 23.34
C ARG G 394 26.10 9.84 21.98
N LEU G 395 27.35 10.29 21.90
CA LEU G 395 27.97 10.79 20.65
C LEU G 395 29.13 9.86 20.27
N GLY G 396 29.24 9.63 18.97
CA GLY G 396 30.25 8.74 18.40
C GLY G 396 30.04 7.29 18.81
N TYR G 397 30.85 6.42 18.26
CA TYR G 397 30.91 5.04 18.68
C TYR G 397 32.25 4.45 18.29
N GLU G 398 32.89 3.76 19.21
CA GLU G 398 34.19 3.09 19.00
C GLU G 398 34.10 1.67 19.51
N THR G 399 34.86 0.79 18.89
CA THR G 399 35.11 -0.54 19.43
C THR G 399 36.61 -0.73 19.60
N PHE G 400 37.01 -1.55 20.55
CA PHE G 400 38.43 -1.92 20.73
C PHE G 400 38.54 -3.19 21.51
N LYS G 401 39.72 -3.78 21.46
CA LYS G 401 40.09 -4.91 22.34
C LYS G 401 40.83 -4.34 23.54
N VAL G 402 40.59 -4.87 24.74
CA VAL G 402 41.42 -4.50 25.91
C VAL G 402 42.21 -5.73 26.28
N VAL G 403 43.53 -5.61 26.31
CA VAL G 403 44.40 -6.81 26.54
C VAL G 403 44.27 -7.24 28.01
N GLU G 404 43.96 -8.52 28.25
CA GLU G 404 43.59 -9.07 29.57
C GLU G 404 42.37 -8.34 30.17
N GLY G 405 41.62 -7.55 29.44
CA GLY G 405 40.53 -6.74 30.03
C GLY G 405 39.33 -7.56 30.45
N TRP G 406 39.25 -8.85 30.15
CA TRP G 406 38.17 -9.69 30.73
C TRP G 406 38.56 -10.16 32.13
N SER G 407 39.85 -10.41 32.36
CA SER G 407 40.34 -11.08 33.60
C SER G 407 40.94 -10.08 34.60
N ASN G 408 41.54 -8.99 34.14
CA ASN G 408 42.41 -8.12 34.97
C ASN G 408 41.75 -6.75 35.06
N PRO G 409 41.26 -6.31 36.24
CA PRO G 409 40.52 -5.06 36.35
C PRO G 409 41.37 -3.78 36.30
N LYS G 410 42.70 -3.90 36.37
CA LYS G 410 43.59 -2.71 36.31
C LYS G 410 44.09 -2.47 34.88
N SER G 411 43.80 -3.38 33.95
CA SER G 411 44.22 -3.25 32.54
C SER G 411 43.52 -2.08 31.85
N LYS G 412 44.30 -1.23 31.18
CA LYS G 412 43.78 -0.22 30.23
C LYS G 412 44.56 -0.24 28.92
N LEU G 413 45.25 -1.34 28.62
CA LEU G 413 46.01 -1.51 27.37
C LEU G 413 45.01 -1.85 26.27
N GLN G 414 44.49 -0.84 25.56
CA GLN G 414 43.63 -1.12 24.39
C GLN G 414 44.46 -1.28 23.11
N ILE G 415 43.90 -2.02 22.16
CA ILE G 415 44.45 -2.19 20.81
C ILE G 415 43.31 -2.42 19.82
N ASN G 416 43.56 -2.29 18.53
CA ASN G 416 42.56 -2.58 17.46
C ASN G 416 41.35 -1.66 17.63
N ARG G 417 41.55 -0.40 17.96
CA ARG G 417 40.43 0.57 17.97
C ARG G 417 39.88 0.81 16.56
N GLN G 418 38.57 0.91 16.45
CA GLN G 418 37.88 1.36 15.22
C GLN G 418 36.86 2.42 15.62
N VAL G 419 36.83 3.52 14.92
CA VAL G 419 35.66 4.40 14.92
C VAL G 419 34.60 3.76 14.05
N ILE G 420 33.39 3.68 14.56
CA ILE G 420 32.20 3.27 13.75
C ILE G 420 31.42 4.55 13.42
N VAL G 421 31.26 5.41 14.38
CA VAL G 421 30.57 6.71 14.20
C VAL G 421 31.48 7.78 14.76
N ASP G 422 31.80 8.79 13.98
CA ASP G 422 32.71 9.87 14.41
C ASP G 422 32.15 10.55 15.68
N ARG G 423 33.04 11.09 16.51
CA ARG G 423 32.69 11.67 17.83
C ARG G 423 31.70 12.84 17.76
N GLY G 424 31.44 13.44 16.60
CA GLY G 424 30.50 14.56 16.48
C GLY G 424 29.11 14.11 16.08
N ASP G 425 28.92 12.83 15.78
CA ASP G 425 27.64 12.30 15.25
C ASP G 425 26.94 11.42 16.30
N ARG G 426 25.62 11.50 16.37
CA ARG G 426 24.84 10.80 17.41
C ARG G 426 24.89 9.28 17.23
N SER G 427 24.92 8.59 18.36
CA SER G 427 24.72 7.14 18.44
C SER G 427 23.50 6.86 19.33
N GLY G 428 23.58 5.85 20.20
CA GLY G 428 22.39 5.29 20.87
C GLY G 428 22.68 3.92 21.41
N TYR G 429 21.66 3.10 21.52
CA TYR G 429 21.82 1.70 21.97
C TYR G 429 22.72 0.94 21.01
N SER G 430 23.36 -0.08 21.51
CA SER G 430 24.09 -1.03 20.66
C SER G 430 24.01 -2.39 21.32
N GLY G 431 24.11 -3.44 20.51
CA GLY G 431 23.92 -4.79 21.02
C GLY G 431 24.61 -5.78 20.14
N ILE G 432 24.96 -6.91 20.73
CA ILE G 432 25.60 -8.00 19.99
C ILE G 432 24.53 -8.84 19.31
N PHE G 433 24.90 -9.51 18.22
CA PHE G 433 24.17 -10.71 17.75
C PHE G 433 25.16 -11.69 17.17
N SER G 434 24.80 -12.95 17.19
CA SER G 434 25.75 -14.02 16.82
C SER G 434 25.29 -14.68 15.54
N VAL G 435 26.23 -14.99 14.67
CA VAL G 435 25.92 -15.53 13.33
C VAL G 435 26.75 -16.79 13.18
N GLU G 436 26.12 -17.87 12.74
CA GLU G 436 26.83 -19.13 12.58
C GLU G 436 27.49 -19.19 11.21
N GLY G 437 28.81 -19.31 11.19
CA GLY G 437 29.58 -19.56 9.97
C GLY G 437 29.80 -21.02 9.70
N LYS G 438 30.62 -21.32 8.70
CA LYS G 438 30.90 -22.72 8.28
C LYS G 438 31.54 -23.49 9.45
N SER G 439 32.43 -22.84 10.20
CA SER G 439 33.33 -23.53 11.15
C SER G 439 33.40 -22.84 12.51
N CYS G 440 32.77 -21.69 12.69
CA CYS G 440 32.86 -20.92 13.96
C CYS G 440 31.64 -20.00 14.11
N ILE G 441 31.39 -19.52 15.33
CA ILE G 441 30.31 -18.54 15.60
C ILE G 441 30.90 -17.14 15.57
N ASN G 442 30.42 -16.30 14.70
CA ASN G 442 30.90 -14.91 14.58
C ASN G 442 30.09 -14.02 15.52
N ARG G 443 30.70 -12.95 16.01
CA ARG G 443 30.01 -11.90 16.78
C ARG G 443 29.87 -10.69 15.90
N CYS G 444 28.68 -10.14 15.88
CA CYS G 444 28.37 -8.92 15.11
C CYS G 444 27.72 -7.95 16.07
N PHE G 445 27.65 -6.69 15.72
CA PHE G 445 26.90 -5.75 16.57
C PHE G 445 26.21 -4.73 15.70
N TYR G 446 25.25 -4.05 16.29
CA TYR G 446 24.51 -2.96 15.63
C TYR G 446 24.63 -1.73 16.50
N VAL G 447 24.52 -0.56 15.88
CA VAL G 447 24.45 0.70 16.63
C VAL G 447 23.17 1.41 16.19
N GLU G 448 22.37 1.80 17.15
CA GLU G 448 21.23 2.69 16.94
C GLU G 448 21.79 4.09 16.74
N LEU G 449 21.33 4.79 15.71
CA LEU G 449 21.77 6.16 15.44
C LEU G 449 20.56 7.07 15.67
N ILE G 450 20.40 7.55 16.89
CA ILE G 450 19.16 8.29 17.28
C ILE G 450 19.23 9.69 16.69
N ARG G 451 18.13 10.18 16.15
CA ARG G 451 18.03 11.57 15.65
C ARG G 451 16.74 12.21 16.15
N GLY G 452 16.75 13.53 16.23
CA GLY G 452 15.59 14.33 16.63
C GLY G 452 15.56 14.62 18.12
N ARG G 453 14.35 14.85 18.65
CA ARG G 453 14.15 15.29 20.06
C ARG G 453 14.70 14.25 21.03
N LYS G 454 15.19 14.66 22.21
CA LYS G 454 15.22 15.99 22.80
C LYS G 454 16.36 16.88 22.27
N GLU G 455 17.46 16.28 21.81
CA GLU G 455 18.76 16.97 21.60
C GLU G 455 18.72 17.86 20.35
N GLU G 456 18.01 17.44 19.33
CA GLU G 456 17.86 18.20 18.06
C GLU G 456 16.44 18.74 18.01
N THR G 457 16.29 20.06 17.92
CA THR G 457 14.97 20.75 17.96
C THR G 457 14.48 21.24 16.59
N GLU G 458 15.19 20.96 15.51
CA GLU G 458 14.75 21.22 14.12
C GLU G 458 13.49 20.40 13.79
N VAL G 459 13.29 19.31 14.49
CA VAL G 459 12.20 18.34 14.18
C VAL G 459 11.38 18.06 15.43
N LEU G 460 10.16 17.60 15.24
CA LEU G 460 9.25 17.30 16.38
C LEU G 460 9.35 15.81 16.75
N TRP G 461 9.97 14.99 15.94
CA TRP G 461 9.99 13.52 16.15
C TRP G 461 11.32 13.06 16.78
N THR G 462 11.32 11.84 17.29
CA THR G 462 12.52 11.10 17.68
C THR G 462 12.52 9.81 16.91
N SER G 463 13.61 9.47 16.24
CA SER G 463 13.65 8.22 15.46
C SER G 463 15.08 7.74 15.35
N ASN G 464 15.31 6.57 14.79
CA ASN G 464 16.70 6.09 14.61
C ASN G 464 16.89 5.55 13.21
N SER G 465 18.13 5.52 12.76
CA SER G 465 18.58 4.57 11.72
C SER G 465 19.51 3.56 12.38
N ILE G 466 20.08 2.64 11.62
CA ILE G 466 21.11 1.73 12.19
C ILE G 466 22.31 1.62 11.27
N VAL G 467 23.40 1.18 11.87
CA VAL G 467 24.56 0.63 11.13
C VAL G 467 24.94 -0.65 11.83
N VAL G 468 25.44 -1.60 11.07
CA VAL G 468 25.71 -2.97 11.56
C VAL G 468 27.08 -3.39 11.07
N PHE G 469 27.83 -4.05 11.95
CA PHE G 469 29.23 -4.47 11.71
C PHE G 469 29.37 -5.93 12.14
N CYS G 470 30.19 -6.70 11.47
CA CYS G 470 30.44 -8.08 11.87
C CYS G 470 31.93 -8.32 12.11
N GLY G 471 32.25 -9.16 13.06
CA GLY G 471 33.62 -9.56 13.34
C GLY G 471 34.26 -10.20 12.11
N THR G 472 35.55 -9.96 11.91
CA THR G 472 36.31 -10.49 10.77
C THR G 472 37.65 -11.00 11.27
N SER G 473 38.19 -12.01 10.64
CA SER G 473 39.58 -12.43 10.83
C SER G 473 40.46 -11.78 9.77
N GLY G 474 39.86 -11.16 8.75
CA GLY G 474 40.60 -10.44 7.71
C GLY G 474 41.11 -9.09 8.17
N THR G 475 41.53 -8.29 7.22
CA THR G 475 41.91 -6.90 7.47
C THR G 475 40.78 -5.96 7.08
N TYR G 476 40.88 -4.74 7.58
CA TYR G 476 39.84 -3.73 7.44
C TYR G 476 40.51 -2.36 7.54
N GLY G 477 39.80 -1.33 7.13
CA GLY G 477 40.41 0.00 7.02
C GLY G 477 39.78 0.94 8.03
N THR G 478 39.46 2.15 7.61
CA THR G 478 38.85 3.17 8.47
C THR G 478 37.69 3.84 7.72
N GLY G 479 36.81 4.43 8.52
CA GLY G 479 35.63 5.13 8.03
C GLY G 479 34.88 5.74 9.19
N SER G 480 33.69 6.18 8.87
CA SER G 480 32.71 6.67 9.84
C SER G 480 31.38 6.60 9.12
N TRP G 481 30.43 5.85 9.68
CA TRP G 481 29.15 5.60 9.00
C TRP G 481 27.99 6.12 9.84
N PRO G 482 27.83 7.45 9.94
CA PRO G 482 26.80 8.02 10.79
C PRO G 482 25.43 7.93 10.12
N ASP G 483 24.42 8.49 10.78
CA ASP G 483 23.04 8.50 10.27
C ASP G 483 23.00 9.25 8.95
N GLY G 484 23.48 10.50 8.93
CA GLY G 484 23.65 11.22 7.66
C GLY G 484 22.43 11.99 7.18
N ALA G 485 21.33 12.04 7.94
CA ALA G 485 20.19 12.92 7.58
C ALA G 485 20.49 14.37 7.94
N ASP G 486 20.01 15.31 7.14
CA ASP G 486 20.18 16.75 7.38
C ASP G 486 18.87 17.34 7.92
N LEU G 487 18.76 17.43 9.24
CA LEU G 487 17.48 17.85 9.88
C LEU G 487 17.20 19.32 9.57
N ASN G 488 18.17 20.10 9.11
CA ASN G 488 17.92 21.49 8.66
C ASN G 488 17.05 21.51 7.40
N LEU G 489 17.07 20.46 6.60
CA LEU G 489 16.36 20.42 5.31
C LEU G 489 15.00 19.78 5.51
N MET G 490 14.92 18.68 6.23
CA MET G 490 13.61 18.06 6.59
C MET G 490 13.03 18.72 7.85
N HIS G 491 13.37 19.99 8.05
CA HIS G 491 12.98 20.86 9.19
C HIS G 491 11.47 21.07 9.21
N THR G 492 10.91 21.12 10.41
CA THR G 492 9.49 21.47 10.67
C THR G 492 9.31 22.99 10.54
N VAL H 2 -1.94 25.87 42.48
CA VAL H 2 -1.95 24.63 43.34
C VAL H 2 -1.71 25.02 44.80
N GLN H 3 -2.59 24.56 45.69
CA GLN H 3 -2.38 24.64 47.15
C GLN H 3 -1.96 23.27 47.67
N LEU H 4 -1.01 23.25 48.61
CA LEU H 4 -0.64 22.03 49.37
C LEU H 4 -0.75 22.37 50.87
N VAL H 5 -1.50 21.58 51.63
CA VAL H 5 -1.67 21.79 53.09
C VAL H 5 -1.22 20.53 53.80
N GLN H 6 -0.33 20.67 54.78
CA GLN H 6 0.23 19.51 55.50
C GLN H 6 -0.32 19.40 56.92
N SER H 7 -0.18 18.21 57.53
CA SER H 7 -0.46 17.98 58.97
C SER H 7 0.43 18.87 59.86
N GLY H 8 -0.05 19.20 61.06
CA GLY H 8 0.70 19.95 62.08
C GLY H 8 1.93 19.21 62.62
N ALA H 9 2.74 19.90 63.42
CA ALA H 9 4.05 19.42 63.93
C ALA H 9 3.92 18.13 64.77
N GLU H 10 5.00 17.35 64.80
CA GLU H 10 5.09 16.07 65.53
C GLU H 10 6.31 16.04 66.46
N VAL H 11 6.19 15.33 67.58
CA VAL H 11 7.38 14.86 68.33
C VAL H 11 7.25 13.35 68.56
N LYS H 12 8.31 12.61 68.25
CA LYS H 12 8.29 11.12 68.21
C LYS H 12 9.47 10.57 69.02
N ARG H 13 9.26 9.44 69.69
CA ARG H 13 10.35 8.65 70.33
C ARG H 13 11.25 8.07 69.23
N PRO H 14 12.59 8.00 69.44
CA PRO H 14 13.48 7.27 68.52
C PRO H 14 13.05 5.81 68.29
N GLY H 15 13.37 5.30 67.10
CA GLY H 15 13.05 3.92 66.68
C GLY H 15 11.61 3.73 66.23
N SER H 16 10.74 4.74 66.40
CA SER H 16 9.31 4.67 65.98
C SER H 16 9.15 5.11 64.51
N SER H 17 7.91 5.43 64.10
CA SER H 17 7.56 5.92 62.74
C SER H 17 6.69 7.17 62.81
N VAL H 18 6.74 8.00 61.78
CA VAL H 18 5.88 9.21 61.62
C VAL H 18 5.14 9.10 60.28
N ARG H 19 3.95 9.68 60.19
CA ARG H 19 3.16 9.67 58.93
C ARG H 19 2.64 11.08 58.66
N VAL H 20 3.42 11.88 57.94
CA VAL H 20 3.02 13.25 57.55
C VAL H 20 2.03 13.14 56.38
N SER H 21 1.05 14.02 56.33
CA SER H 21 0.05 14.10 55.23
C SER H 21 0.18 15.41 54.47
N CYS H 22 -0.30 15.40 53.24
CA CYS H 22 -0.23 16.55 52.31
C CYS H 22 -1.50 16.53 51.45
N LYS H 23 -2.44 17.43 51.71
CA LYS H 23 -3.68 17.51 50.92
C LYS H 23 -3.51 18.59 49.84
N ALA H 24 -3.80 18.22 48.60
CA ALA H 24 -3.57 19.08 47.43
C ALA H 24 -4.89 19.61 46.87
N SER H 25 -4.83 20.62 46.00
CA SER H 25 -5.92 20.98 45.06
C SER H 25 -6.33 19.74 44.24
N GLU H 26 -7.62 19.54 43.99
CA GLU H 26 -8.09 18.28 43.37
C GLU H 26 -7.47 18.10 41.97
N GLY H 27 -7.04 16.87 41.66
CA GLY H 27 -6.45 16.49 40.37
C GLY H 27 -4.95 16.77 40.28
N THR H 28 -4.31 17.34 41.31
CA THR H 28 -2.84 17.58 41.34
C THR H 28 -2.06 16.32 40.97
N PHE H 29 -2.45 15.15 41.49
CA PHE H 29 -1.65 13.91 41.31
C PHE H 29 -1.79 13.33 39.90
N ASN H 30 -2.54 13.98 39.00
CA ASN H 30 -2.53 13.63 37.55
C ASN H 30 -1.59 14.55 36.77
N LYS H 31 -1.26 15.72 37.29
CA LYS H 31 -0.47 16.75 36.55
C LYS H 31 0.98 16.81 37.03
N TYR H 32 1.21 16.60 38.32
CA TYR H 32 2.54 16.76 38.94
C TYR H 32 2.96 15.48 39.65
N THR H 33 4.26 15.22 39.71
CA THR H 33 4.82 14.29 40.71
C THR H 33 4.62 14.91 42.07
N LEU H 34 4.24 14.13 43.07
CA LEU H 34 4.16 14.64 44.45
C LEU H 34 5.42 14.14 45.18
N THR H 35 6.20 15.09 45.66
CA THR H 35 7.59 14.87 46.13
C THR H 35 7.68 15.25 47.60
N TRP H 36 8.48 14.52 48.35
CA TRP H 36 8.84 14.88 49.75
C TRP H 36 10.29 15.31 49.83
N VAL H 37 10.52 16.44 50.47
CA VAL H 37 11.86 17.07 50.64
C VAL H 37 12.00 17.44 52.10
N ARG H 38 13.15 17.19 52.73
CA ARG H 38 13.33 17.56 54.15
C ARG H 38 14.50 18.50 54.36
N GLN H 39 14.44 19.25 55.45
CA GLN H 39 15.45 20.26 55.82
C GLN H 39 15.75 20.12 57.31
N ALA H 40 16.86 19.50 57.67
CA ALA H 40 17.37 19.48 59.07
C ALA H 40 17.71 20.92 59.47
N PRO H 41 17.44 21.35 60.72
CA PRO H 41 17.06 22.74 61.02
C PRO H 41 18.05 23.86 60.66
N GLY H 42 19.30 23.58 60.31
CA GLY H 42 20.20 24.58 59.68
C GLY H 42 21.12 23.98 58.64
N GLN H 43 20.78 22.81 58.09
CA GLN H 43 21.78 21.92 57.43
C GLN H 43 21.73 22.07 55.90
N GLY H 44 20.52 22.03 55.32
CA GLY H 44 20.33 22.02 53.85
C GLY H 44 19.15 21.17 53.40
N LEU H 45 18.66 21.41 52.19
CA LEU H 45 17.53 20.65 51.60
C LEU H 45 18.00 19.28 51.10
N GLU H 46 17.13 18.28 51.22
CA GLU H 46 17.37 16.93 50.73
C GLU H 46 16.06 16.34 50.20
N TRP H 47 16.08 15.89 48.96
CA TRP H 47 14.97 15.13 48.34
C TRP H 47 14.88 13.72 48.95
N MET H 48 13.70 13.27 49.31
CA MET H 48 13.48 11.91 49.88
C MET H 48 12.93 10.95 48.84
N GLY H 49 11.99 11.41 48.04
CA GLY H 49 11.35 10.59 47.00
C GLY H 49 10.12 11.30 46.45
N GLY H 50 9.43 10.65 45.52
CA GLY H 50 8.17 11.18 44.99
C GLY H 50 7.36 10.11 44.30
N ILE H 51 6.08 10.42 44.08
CA ILE H 51 5.13 9.48 43.44
C ILE H 51 4.64 10.12 42.14
N ILE H 52 4.81 9.38 41.04
CA ILE H 52 4.69 9.91 39.66
C ILE H 52 3.22 9.88 39.25
N PRO H 53 2.70 10.89 38.52
CA PRO H 53 1.32 10.87 38.07
C PRO H 53 1.00 9.71 37.13
N ILE H 54 -0.30 9.46 36.97
CA ILE H 54 -0.91 8.39 36.13
C ILE H 54 -0.59 7.01 36.72
N SER H 55 0.67 6.56 36.72
CA SER H 55 1.00 5.17 37.15
C SER H 55 1.05 5.08 38.68
N GLY H 56 1.33 6.19 39.37
CA GLY H 56 1.40 6.22 40.84
C GLY H 56 2.53 5.37 41.39
N ILE H 57 3.55 5.06 40.58
CA ILE H 57 4.78 4.37 41.07
C ILE H 57 5.61 5.40 41.86
N ALA H 58 6.27 4.96 42.93
CA ALA H 58 7.07 5.87 43.79
C ALA H 58 8.56 5.55 43.68
N ASN H 59 9.36 6.61 43.79
CA ASN H 59 10.82 6.61 43.57
C ASN H 59 11.48 7.27 44.77
N TYR H 60 12.49 6.64 45.36
CA TYR H 60 13.08 7.09 46.65
C TYR H 60 14.60 7.25 46.54
N ALA H 61 15.11 8.30 47.19
CA ALA H 61 16.56 8.56 47.29
C ALA H 61 17.25 7.42 48.04
N GLN H 62 18.46 7.06 47.62
CA GLN H 62 19.12 5.77 48.00
C GLN H 62 19.15 5.61 49.52
N LYS H 63 19.43 6.68 50.25
CA LYS H 63 19.61 6.60 51.73
C LYS H 63 18.31 6.27 52.49
N PHE H 64 17.14 6.50 51.90
CA PHE H 64 15.85 6.23 52.58
C PHE H 64 15.23 4.89 52.13
N GLN H 65 15.83 4.12 51.24
CA GLN H 65 15.16 2.89 50.73
C GLN H 65 15.00 1.88 51.87
N GLY H 66 13.82 1.28 52.02
CA GLY H 66 13.47 0.46 53.20
C GLY H 66 12.96 1.28 54.38
N ARG H 67 13.28 2.56 54.50
CA ARG H 67 12.83 3.38 55.65
C ARG H 67 11.59 4.22 55.34
N VAL H 68 11.41 4.63 54.09
CA VAL H 68 10.31 5.56 53.72
C VAL H 68 9.33 4.85 52.79
N ALA H 69 8.06 5.21 52.90
CA ALA H 69 7.03 4.92 51.88
C ALA H 69 6.30 6.22 51.54
N ILE H 70 6.03 6.43 50.26
CA ILE H 70 5.16 7.54 49.81
C ILE H 70 3.97 6.93 49.08
N THR H 71 2.76 7.32 49.48
CA THR H 71 1.51 6.88 48.84
C THR H 71 0.59 8.08 48.60
N ALA H 72 -0.42 7.92 47.76
CA ALA H 72 -1.38 9.02 47.50
C ALA H 72 -2.77 8.47 47.21
N ASP H 73 -3.76 8.95 47.95
CA ASP H 73 -5.19 8.72 47.66
C ASP H 73 -5.68 9.82 46.71
N GLU H 74 -6.08 9.45 45.50
CA GLU H 74 -6.68 10.37 44.52
C GLU H 74 -7.97 11.01 45.08
N SER H 75 -8.78 10.22 45.80
CA SER H 75 -10.18 10.55 46.14
C SER H 75 -10.23 11.73 47.12
N THR H 76 -9.48 11.69 48.21
CA THR H 76 -9.29 12.86 49.12
C THR H 76 -8.18 13.79 48.59
N THR H 77 -7.54 13.43 47.48
CA THR H 77 -6.33 14.10 46.91
C THR H 77 -5.32 14.39 48.02
N THR H 78 -5.01 13.37 48.80
CA THR H 78 -4.06 13.48 49.92
C THR H 78 -2.94 12.47 49.72
N ALA H 79 -1.71 12.96 49.75
CA ALA H 79 -0.49 12.14 49.74
C ALA H 79 0.04 11.99 51.16
N TYR H 80 0.77 10.92 51.42
CA TYR H 80 1.30 10.61 52.75
C TYR H 80 2.76 10.21 52.60
N MET H 81 3.59 10.63 53.54
CA MET H 81 4.98 10.16 53.64
C MET H 81 5.13 9.50 55.00
N GLU H 82 5.51 8.24 55.02
CA GLU H 82 5.71 7.50 56.28
C GLU H 82 7.21 7.19 56.40
N LEU H 83 7.86 7.74 57.42
CA LEU H 83 9.30 7.49 57.67
C LEU H 83 9.44 6.65 58.94
N SER H 84 10.22 5.60 58.87
CA SER H 84 10.31 4.54 59.91
C SER H 84 11.74 4.33 60.40
N SER H 85 11.87 3.69 61.56
CA SER H 85 13.16 3.52 62.28
C SER H 85 13.77 4.90 62.55
N LEU H 86 12.96 5.84 63.03
CA LEU H 86 13.35 7.27 63.19
C LEU H 86 14.60 7.40 64.06
N ARG H 87 15.69 7.90 63.49
CA ARG H 87 16.92 8.25 64.23
C ARG H 87 16.77 9.68 64.76
N SER H 88 17.56 10.09 65.75
CA SER H 88 17.54 11.49 66.26
C SER H 88 17.80 12.47 65.09
N GLU H 89 18.66 12.03 64.16
CA GLU H 89 19.11 12.73 62.94
C GLU H 89 17.97 13.01 61.95
N ASP H 90 16.86 12.28 62.05
CA ASP H 90 15.65 12.54 61.21
C ASP H 90 14.86 13.74 61.72
N SER H 91 15.27 14.41 62.80
CA SER H 91 14.65 15.68 63.25
C SER H 91 14.82 16.74 62.17
N ALA H 92 13.73 17.17 61.53
CA ALA H 92 13.77 18.07 60.35
C ALA H 92 12.40 18.67 60.07
N VAL H 93 12.34 19.70 59.26
CA VAL H 93 11.07 20.12 58.60
C VAL H 93 10.89 19.29 57.33
N TYR H 94 9.71 18.69 57.15
CA TYR H 94 9.35 17.88 55.98
C TYR H 94 8.37 18.67 55.13
N TYR H 95 8.71 18.93 53.87
CA TYR H 95 7.82 19.61 52.91
C TYR H 95 7.32 18.61 51.88
N CYS H 96 6.04 18.66 51.54
CA CYS H 96 5.60 18.12 50.24
C CYS H 96 5.76 19.21 49.18
N ALA H 97 6.05 18.82 47.95
CA ALA H 97 6.12 19.76 46.81
C ALA H 97 5.66 19.05 45.54
N THR H 98 5.10 19.80 44.61
CA THR H 98 4.89 19.33 43.22
C THR H 98 6.23 19.33 42.49
N ALA H 99 6.57 18.27 41.76
CA ALA H 99 7.63 18.37 40.73
C ALA H 99 6.97 18.44 39.36
N VAL H 100 7.49 19.27 38.46
CA VAL H 100 6.91 19.40 37.08
C VAL H 100 7.03 18.08 36.33
N SER H 101 8.03 17.26 36.64
CA SER H 101 8.23 15.91 36.08
C SER H 101 6.94 15.09 36.16
N ASP H 102 6.53 14.48 35.05
CA ASP H 102 5.27 13.70 35.01
C ASP H 102 5.43 12.39 34.24
N TYR H 103 6.64 12.00 33.83
CA TYR H 103 6.83 10.72 33.11
C TYR H 103 8.27 10.25 33.30
N PHE H 104 8.45 8.98 33.62
CA PHE H 104 9.79 8.37 33.70
C PHE H 104 10.03 7.55 32.44
N ASN H 105 10.99 7.99 31.66
CA ASN H 105 11.40 7.25 30.44
C ASN H 105 12.42 6.22 30.86
N ARG H 106 12.16 4.93 30.64
CA ARG H 106 12.99 3.87 31.26
C ARG H 106 14.41 3.97 30.73
N ASP H 107 14.59 4.53 29.55
CA ASP H 107 15.93 4.78 28.99
C ASP H 107 16.45 6.12 29.47
N LEU H 108 15.72 7.21 29.22
CA LEU H 108 16.29 8.56 29.28
C LEU H 108 16.08 9.24 30.64
N GLY H 109 15.47 8.58 31.63
CA GLY H 109 15.31 9.15 32.98
C GLY H 109 14.16 10.16 33.07
N TRP H 110 14.38 11.22 33.84
CA TRP H 110 13.34 12.20 34.20
C TRP H 110 13.64 13.56 33.58
N GLU H 111 12.62 14.22 33.06
CA GLU H 111 12.70 15.65 32.72
C GLU H 111 12.10 16.46 33.87
N ASP H 112 12.53 17.72 34.01
CA ASP H 112 11.81 18.77 34.76
C ASP H 112 11.55 18.37 36.22
N TYR H 113 12.48 17.69 36.87
CA TYR H 113 12.29 17.37 38.31
C TYR H 113 12.76 18.54 39.14
N TYR H 114 11.98 19.63 39.09
CA TYR H 114 12.15 20.83 39.95
C TYR H 114 10.79 21.19 40.51
N PHE H 115 10.76 22.04 41.53
CA PHE H 115 9.63 22.12 42.50
C PHE H 115 8.92 23.47 42.48
N PRO H 116 7.91 23.71 41.63
CA PRO H 116 7.23 25.00 41.60
C PRO H 116 6.33 25.34 42.81
N PHE H 117 5.69 24.35 43.44
CA PHE H 117 4.75 24.60 44.57
C PHE H 117 5.08 23.71 45.76
N TRP H 118 5.01 24.26 46.97
CA TRP H 118 5.44 23.60 48.24
C TRP H 118 4.34 23.71 49.30
N GLY H 119 4.19 22.69 50.13
CA GLY H 119 3.39 22.76 51.37
C GLY H 119 4.04 23.68 52.41
N GLN H 120 3.33 23.98 53.50
CA GLN H 120 3.83 24.92 54.53
C GLN H 120 4.97 24.28 55.34
N GLY H 121 5.23 22.97 55.22
CA GLY H 121 6.25 22.26 56.00
C GLY H 121 5.74 21.78 57.35
N THR H 122 6.04 20.54 57.70
CA THR H 122 5.70 19.90 58.98
C THR H 122 6.99 19.66 59.75
N LEU H 123 7.12 20.25 60.94
CA LEU H 123 8.29 19.94 61.80
C LEU H 123 8.10 18.56 62.43
N VAL H 124 9.07 17.67 62.27
CA VAL H 124 9.13 16.38 63.01
C VAL H 124 10.37 16.42 63.92
N THR H 125 10.17 16.26 65.22
CA THR H 125 11.28 16.18 66.21
C THR H 125 11.40 14.75 66.70
N VAL H 126 12.60 14.19 66.68
CA VAL H 126 12.84 12.80 67.16
C VAL H 126 13.66 12.88 68.45
N ALA H 127 13.01 12.69 69.59
CA ALA H 127 13.59 12.96 70.93
C ALA H 127 12.93 12.11 72.02
N SER H 128 13.65 11.87 73.11
CA SER H 128 13.20 11.02 74.26
C SER H 128 12.18 11.76 75.16
N ALA H 129 12.40 13.06 75.39
CA ALA H 129 11.76 13.86 76.47
C ALA H 129 10.22 13.81 76.41
N GLU I 1 26.44 10.59 42.00
CA GLU I 1 25.68 11.71 42.66
C GLU I 1 26.38 13.04 42.36
N ILE I 2 25.70 13.95 41.67
CA ILE I 2 26.30 15.28 41.36
C ILE I 2 26.32 16.09 42.66
N VAL I 3 27.44 16.73 42.95
CA VAL I 3 27.58 17.67 44.09
C VAL I 3 27.42 19.08 43.55
N MET I 4 26.38 19.77 44.03
CA MET I 4 26.24 21.22 43.83
C MET I 4 27.03 21.91 44.93
N THR I 5 27.68 23.02 44.61
CA THR I 5 28.39 23.84 45.62
C THR I 5 28.15 25.31 45.31
N GLN I 6 28.02 26.13 46.35
CA GLN I 6 27.66 27.55 46.21
C GLN I 6 28.70 28.45 46.88
N SER I 7 28.91 29.61 46.31
CA SER I 7 29.82 30.63 46.88
C SER I 7 29.34 32.04 46.57
N PRO I 8 29.58 33.02 47.47
CA PRO I 8 30.10 32.77 48.82
C PRO I 8 29.02 32.15 49.74
N ALA I 9 29.41 31.62 50.89
CA ALA I 9 28.47 31.02 51.87
C ALA I 9 27.53 32.11 52.41
N THR I 10 28.06 33.32 52.64
CA THR I 10 27.26 34.53 52.98
C THR I 10 27.70 35.68 52.08
N LEU I 11 26.74 36.43 51.55
CA LEU I 11 26.98 37.57 50.66
C LEU I 11 26.38 38.82 51.32
N SER I 12 27.22 39.64 51.94
CA SER I 12 26.81 40.91 52.60
C SER I 12 26.69 42.01 51.53
N VAL I 13 25.53 42.69 51.47
CA VAL I 13 25.22 43.67 50.39
C VAL I 13 24.43 44.85 50.95
N SER I 14 24.63 46.04 50.38
CA SER I 14 23.84 47.26 50.70
C SER I 14 22.49 47.19 50.01
N PRO I 15 21.36 47.58 50.67
CA PRO I 15 20.07 47.65 49.98
C PRO I 15 20.11 48.54 48.73
N GLY I 16 19.44 48.09 47.67
CA GLY I 16 19.46 48.74 46.34
C GLY I 16 20.61 48.28 45.46
N ALA I 17 21.70 47.75 46.00
CA ALA I 17 22.87 47.30 45.21
C ALA I 17 22.59 45.96 44.49
N ARG I 18 23.42 45.66 43.49
CA ARG I 18 23.37 44.39 42.71
C ARG I 18 24.13 43.28 43.45
N ALA I 19 23.62 42.06 43.38
CA ALA I 19 24.21 40.84 44.00
C ALA I 19 24.35 39.74 42.95
N THR I 20 25.42 38.95 43.01
CA THR I 20 25.60 37.74 42.18
C THR I 20 25.98 36.56 43.07
N LEU I 21 25.24 35.47 42.92
CA LEU I 21 25.43 34.20 43.67
C LEU I 21 25.91 33.16 42.67
N PHE I 22 26.97 32.44 43.00
CA PHE I 22 27.57 31.43 42.10
C PHE I 22 27.16 30.04 42.56
N CYS I 23 26.81 29.20 41.61
CA CYS I 23 26.58 27.76 41.85
C CYS I 23 27.39 26.97 40.84
N ARG I 24 28.08 25.95 41.32
CA ARG I 24 28.97 25.11 40.48
C ARG I 24 28.60 23.64 40.71
N ALA I 25 28.50 22.90 39.63
CA ALA I 25 28.11 21.47 39.64
C ALA I 25 29.36 20.61 39.40
N SER I 26 29.48 19.49 40.11
CA SER I 26 30.67 18.59 40.00
C SER I 26 30.72 17.89 38.64
N ARG I 27 29.64 17.95 37.85
CA ARG I 27 29.57 17.39 36.48
C ARG I 27 28.64 18.27 35.66
N SER I 28 28.67 18.19 34.33
CA SER I 28 27.77 19.01 33.48
C SER I 28 26.30 18.68 33.80
N VAL I 29 25.51 19.69 34.17
CA VAL I 29 24.04 19.53 34.38
C VAL I 29 23.29 20.23 33.23
N SER I 30 23.91 20.42 32.07
CA SER I 30 23.30 21.12 30.91
C SER I 30 22.72 22.45 31.39
N ASP I 31 21.46 22.75 31.09
CA ASP I 31 20.75 23.89 31.71
C ASP I 31 19.66 23.38 32.67
N ASN I 32 19.71 22.12 33.08
CA ASN I 32 18.76 21.50 34.04
C ASN I 32 19.12 21.95 35.45
N LEU I 33 18.96 23.23 35.73
CA LEU I 33 19.39 23.83 37.02
C LEU I 33 18.28 24.81 37.43
N ALA I 34 17.91 24.78 38.70
CA ALA I 34 16.86 25.64 39.28
C ALA I 34 17.45 26.46 40.44
N TRP I 35 16.82 27.57 40.77
CA TRP I 35 17.17 28.36 41.98
C TRP I 35 15.93 28.54 42.83
N TYR I 36 16.08 28.44 44.15
CA TYR I 36 15.01 28.70 45.14
C TYR I 36 15.44 29.77 46.12
N GLN I 37 14.48 30.59 46.54
CA GLN I 37 14.62 31.55 47.66
C GLN I 37 13.93 30.97 48.88
N GLN I 38 14.57 31.02 50.05
CA GLN I 38 13.86 30.65 51.30
C GLN I 38 14.10 31.76 52.32
N LYS I 39 13.02 32.40 52.76
CA LYS I 39 13.07 33.36 53.91
C LYS I 39 12.99 32.54 55.20
N PRO I 40 13.42 33.08 56.36
CA PRO I 40 13.26 32.39 57.64
C PRO I 40 11.78 32.04 57.92
N GLY I 41 11.54 30.79 58.35
CA GLY I 41 10.20 30.29 58.72
C GLY I 41 9.25 30.17 57.54
N GLN I 42 9.74 29.90 56.34
CA GLN I 42 8.87 29.68 55.14
C GLN I 42 9.35 28.47 54.33
N ALA I 43 8.48 27.90 53.51
CA ALA I 43 8.86 26.89 52.51
C ALA I 43 9.69 27.58 51.42
N PRO I 44 10.62 26.86 50.75
CA PRO I 44 11.33 27.42 49.60
C PRO I 44 10.38 27.86 48.46
N ARG I 45 10.83 28.83 47.67
CA ARG I 45 10.06 29.45 46.57
C ARG I 45 10.89 29.33 45.29
N LEU I 46 10.39 28.69 44.25
CA LEU I 46 11.12 28.55 42.97
C LEU I 46 11.27 29.93 42.31
N LEU I 47 12.51 30.32 41.98
CA LEU I 47 12.78 31.59 41.27
C LEU I 47 13.08 31.34 39.80
N ILE I 48 13.95 30.40 39.52
CA ILE I 48 14.51 30.15 38.15
C ILE I 48 14.41 28.68 37.86
N PHE I 49 14.15 28.33 36.61
CA PHE I 49 14.36 26.94 36.14
C PHE I 49 14.98 26.99 34.74
N GLY I 50 15.48 25.86 34.25
CA GLY I 50 16.22 25.80 32.97
C GLY I 50 17.41 26.77 32.97
N ALA I 51 18.04 26.94 34.13
CA ALA I 51 19.15 27.89 34.40
C ALA I 51 18.77 29.36 34.19
N SER I 52 17.71 29.72 33.45
CA SER I 52 17.49 31.13 33.03
C SER I 52 16.02 31.56 32.96
N THR I 53 15.08 30.63 32.86
CA THR I 53 13.62 30.95 32.79
C THR I 53 13.12 31.42 34.16
N ARG I 54 12.62 32.65 34.27
CA ARG I 54 11.99 33.16 35.50
C ARG I 54 10.67 32.43 35.75
N ALA I 55 10.45 31.95 36.97
CA ALA I 55 9.18 31.29 37.36
C ALA I 55 8.07 32.33 37.55
N THR I 56 6.82 31.88 37.61
CA THR I 56 5.62 32.78 37.66
C THR I 56 5.66 33.66 38.92
N GLY I 57 5.38 34.96 38.75
CA GLY I 57 5.37 35.94 39.84
C GLY I 57 6.75 36.47 40.19
N VAL I 58 7.84 35.93 39.66
CA VAL I 58 9.21 36.36 40.04
C VAL I 58 9.53 37.66 39.31
N PRO I 59 9.84 38.76 40.03
CA PRO I 59 10.08 40.05 39.39
C PRO I 59 11.36 40.05 38.53
N ALA I 60 11.38 40.91 37.51
CA ALA I 60 12.40 40.95 36.43
C ALA I 60 13.81 41.24 36.99
N ARG I 61 13.94 41.73 38.22
CA ARG I 61 15.27 42.02 38.83
C ARG I 61 16.06 40.72 39.09
N PHE I 62 15.41 39.57 39.22
CA PHE I 62 16.10 38.26 39.28
C PHE I 62 16.46 37.80 37.87
N SER I 63 17.69 37.37 37.65
CA SER I 63 18.15 36.86 36.35
C SER I 63 19.10 35.68 36.57
N GLY I 64 18.88 34.59 35.83
CA GLY I 64 19.76 33.41 35.90
C GLY I 64 20.54 33.24 34.61
N SER I 65 21.76 32.72 34.70
CA SER I 65 22.61 32.50 33.51
C SER I 65 23.62 31.38 33.76
N GLY I 66 24.15 30.82 32.67
CA GLY I 66 25.13 29.74 32.72
C GLY I 66 24.63 28.44 32.12
N SER I 67 25.56 27.52 31.91
CA SER I 67 25.31 26.18 31.37
C SER I 67 26.47 25.25 31.72
N GLY I 68 26.21 23.95 31.70
CA GLY I 68 27.25 22.93 31.97
C GLY I 68 27.56 22.84 33.44
N THR I 69 28.71 23.32 33.88
CA THR I 69 29.16 23.17 35.29
C THR I 69 29.00 24.47 36.08
N GLN I 70 28.83 25.64 35.46
CA GLN I 70 28.82 26.91 36.24
C GLN I 70 27.63 27.80 35.92
N PHE I 71 27.04 28.34 36.97
CA PHE I 71 25.77 29.11 36.92
C PHE I 71 25.84 30.31 37.84
N THR I 72 25.11 31.35 37.49
CA THR I 72 24.98 32.56 38.31
C THR I 72 23.50 32.91 38.48
N LEU I 73 23.13 33.30 39.68
CA LEU I 73 21.88 34.05 39.91
C LEU I 73 22.27 35.50 40.21
N THR I 74 21.75 36.42 39.43
CA THR I 74 21.97 37.87 39.60
C THR I 74 20.69 38.47 40.16
N ILE I 75 20.79 39.21 41.27
CA ILE I 75 19.67 40.03 41.76
C ILE I 75 20.05 41.48 41.48
N SER I 76 19.32 42.14 40.61
CA SER I 76 19.77 43.40 39.93
C SER I 76 19.77 44.59 40.90
N SER I 77 18.95 44.56 41.95
CA SER I 77 18.86 45.63 42.97
C SER I 77 18.13 45.09 44.19
N LEU I 78 18.85 44.79 45.28
CA LEU I 78 18.22 44.13 46.46
C LEU I 78 17.16 45.05 47.09
N GLN I 79 15.92 44.62 47.05
CA GLN I 79 14.82 45.17 47.90
C GLN I 79 14.85 44.43 49.24
N SER I 80 14.16 44.95 50.26
CA SER I 80 14.14 44.35 51.62
C SER I 80 13.61 42.91 51.61
N GLU I 81 12.79 42.55 50.61
CA GLU I 81 12.26 41.17 50.41
C GLU I 81 13.39 40.19 50.08
N ASP I 82 14.47 40.65 49.45
CA ASP I 82 15.44 39.77 48.75
C ASP I 82 16.49 39.23 49.72
N PHE I 83 16.54 39.71 50.96
CA PHE I 83 17.47 39.20 52.00
C PHE I 83 16.93 37.86 52.50
N ALA I 84 17.51 36.78 51.99
CA ALA I 84 17.01 35.39 52.10
C ALA I 84 18.16 34.42 51.87
N VAL I 85 17.93 33.11 52.08
CA VAL I 85 18.91 32.07 51.69
C VAL I 85 18.52 31.53 50.32
N TYR I 86 19.48 31.46 49.41
CA TYR I 86 19.24 31.01 48.02
C TYR I 86 19.90 29.66 47.79
N TYR I 87 19.12 28.71 47.30
CA TYR I 87 19.60 27.34 47.00
C TYR I 87 19.57 27.16 45.48
N CYS I 88 20.64 26.62 44.91
CA CYS I 88 20.58 26.03 43.56
C CYS I 88 20.25 24.53 43.67
N GLN I 89 19.72 23.94 42.60
CA GLN I 89 19.35 22.52 42.54
C GLN I 89 19.51 22.04 41.11
N HIS I 90 20.16 20.91 40.86
CA HIS I 90 20.15 20.34 39.50
C HIS I 90 18.95 19.41 39.35
N TYR I 91 18.48 19.26 38.13
CA TYR I 91 17.45 18.25 37.80
C TYR I 91 17.84 17.51 36.52
N ASN I 92 19.12 17.24 36.39
CA ASN I 92 19.72 16.69 35.15
C ASN I 92 19.58 15.17 35.04
N ILE I 93 18.63 14.69 34.25
CA ILE I 93 18.48 13.29 33.77
C ILE I 93 18.13 12.32 34.90
N TRP I 94 18.91 12.22 35.99
CA TRP I 94 18.86 11.07 36.91
C TRP I 94 19.04 11.54 38.35
N PRO I 95 18.35 10.93 39.34
CA PRO I 95 18.49 11.29 40.75
C PRO I 95 19.84 10.88 41.33
N PRO I 96 20.26 11.40 42.50
CA PRO I 96 19.45 12.32 43.32
C PRO I 96 19.43 13.75 42.80
N TRP I 97 18.32 14.40 43.06
CA TRP I 97 18.10 15.81 42.67
C TRP I 97 18.73 16.71 43.74
N THR I 98 20.05 16.77 43.80
CA THR I 98 20.78 17.38 44.92
C THR I 98 20.64 18.90 44.90
N PHE I 99 20.54 19.47 46.08
CA PHE I 99 20.57 20.94 46.28
C PHE I 99 21.97 21.38 46.68
N GLY I 100 22.31 22.65 46.42
CA GLY I 100 23.48 23.30 47.05
C GLY I 100 23.24 23.51 48.53
N GLN I 101 24.27 23.80 49.31
CA GLN I 101 24.11 24.05 50.76
C GLN I 101 23.59 25.47 51.02
N GLY I 102 23.37 26.29 49.98
CA GLY I 102 22.68 27.59 50.08
C GLY I 102 23.61 28.75 50.39
N THR I 103 23.28 29.92 49.88
CA THR I 103 23.99 31.20 50.13
C THR I 103 23.06 32.16 50.85
N LYS I 104 23.45 32.68 52.01
CA LYS I 104 22.65 33.75 52.69
C LYS I 104 22.96 35.10 52.05
N VAL I 105 21.93 35.87 51.67
CA VAL I 105 22.11 37.28 51.26
C VAL I 105 21.76 38.17 52.46
N GLU I 106 22.66 39.06 52.83
CA GLU I 106 22.65 39.68 54.18
C GLU I 106 22.84 41.20 54.09
N ILE I 107 22.13 41.97 54.91
CA ILE I 107 22.18 43.46 54.84
C ILE I 107 23.54 43.92 55.39
N LYS I 108 24.27 44.75 54.64
CA LYS I 108 25.56 45.32 55.11
C LYS I 108 25.33 46.31 56.27
N ARG I 109 25.71 45.87 57.47
CA ARG I 109 25.49 46.52 58.80
C ARG I 109 24.15 47.28 58.86
N ALA J 105 21.45 -28.30 -3.98
CA ALA J 105 21.85 -27.67 -5.31
C ALA J 105 23.36 -27.77 -5.51
N GLU J 106 23.82 -28.06 -6.73
CA GLU J 106 25.27 -28.14 -7.06
C GLU J 106 25.80 -26.78 -7.47
N TYR J 107 27.12 -26.58 -7.39
CA TYR J 107 27.74 -25.34 -7.90
C TYR J 107 27.58 -25.21 -9.41
N ARG J 108 27.43 -23.96 -9.89
CA ARG J 108 27.50 -23.60 -11.33
C ARG J 108 28.87 -23.90 -11.90
N ASN J 109 28.90 -24.41 -13.14
CA ASN J 109 30.18 -24.64 -13.85
C ASN J 109 30.21 -23.96 -15.23
N TRP J 110 29.11 -23.44 -15.77
CA TRP J 110 29.03 -22.79 -17.10
C TRP J 110 29.65 -23.60 -18.23
N SER J 111 29.70 -24.94 -18.14
CA SER J 111 30.44 -25.82 -19.09
C SER J 111 29.73 -25.94 -20.46
N LYS J 112 28.58 -25.32 -20.66
CA LYS J 112 27.89 -25.28 -21.96
C LYS J 112 28.60 -24.35 -22.94
N PRO J 113 28.52 -24.63 -24.26
CA PRO J 113 29.13 -23.75 -25.27
C PRO J 113 28.45 -22.40 -25.34
N GLN J 114 29.14 -21.38 -25.81
CA GLN J 114 28.51 -20.03 -26.02
C GLN J 114 27.48 -20.14 -27.13
N CYS J 115 26.31 -19.57 -26.93
CA CYS J 115 25.20 -19.60 -27.91
C CYS J 115 25.64 -18.93 -29.21
N GLY J 116 25.05 -19.37 -30.32
CA GLY J 116 25.10 -18.58 -31.56
C GLY J 116 24.44 -17.23 -31.36
N ILE J 117 25.09 -16.18 -31.82
CA ILE J 117 24.55 -14.80 -31.63
C ILE J 117 24.51 -14.11 -32.98
N THR J 118 23.36 -13.55 -33.34
CA THR J 118 23.19 -12.74 -34.57
C THR J 118 23.03 -11.26 -34.22
N GLY J 119 22.93 -10.98 -32.94
CA GLY J 119 22.64 -9.65 -32.39
C GLY J 119 21.89 -9.80 -31.08
N PHE J 120 21.28 -8.74 -30.62
CA PHE J 120 20.69 -8.64 -29.28
C PHE J 120 19.23 -8.21 -29.38
N ALA J 121 18.34 -8.94 -28.72
CA ALA J 121 16.90 -8.62 -28.65
C ALA J 121 16.58 -7.91 -27.35
N PRO J 122 15.57 -7.01 -27.28
CA PRO J 122 15.26 -6.30 -26.04
C PRO J 122 14.75 -7.27 -24.96
N PHE J 123 15.16 -7.04 -23.72
CA PHE J 123 14.89 -7.97 -22.59
C PHE J 123 14.25 -7.27 -21.39
N SER J 124 14.68 -6.07 -20.99
CA SER J 124 14.09 -5.38 -19.82
C SER J 124 14.41 -3.91 -19.81
N LYS J 125 13.61 -3.14 -19.10
CA LYS J 125 13.83 -1.69 -18.94
C LYS J 125 13.14 -1.28 -17.65
N ASP J 126 13.75 -0.46 -16.83
CA ASP J 126 13.22 -0.22 -15.45
C ASP J 126 12.38 1.08 -15.37
N ASN J 127 12.61 2.02 -16.28
CA ASN J 127 11.88 3.32 -16.33
C ASN J 127 12.03 4.12 -15.02
N SER J 128 13.09 3.88 -14.23
CA SER J 128 13.24 4.44 -12.87
C SER J 128 13.07 5.96 -12.82
N ILE J 129 13.62 6.73 -13.76
CA ILE J 129 13.59 8.21 -13.61
C ILE J 129 12.17 8.72 -13.90
N ARG J 130 11.48 8.17 -14.88
CA ARG J 130 10.08 8.60 -15.17
C ARG J 130 9.17 8.25 -13.98
N LEU J 131 9.35 7.07 -13.38
CA LEU J 131 8.59 6.65 -12.17
C LEU J 131 8.98 7.53 -10.98
N SER J 132 10.23 7.96 -10.85
CA SER J 132 10.69 8.86 -9.77
C SER J 132 9.91 10.16 -9.71
N ALA J 133 9.40 10.65 -10.82
CA ALA J 133 8.67 11.93 -10.87
C ALA J 133 7.31 11.82 -10.17
N GLY J 134 6.86 10.63 -9.80
CA GLY J 134 5.60 10.44 -9.07
C GLY J 134 5.61 9.16 -8.28
N GLY J 135 6.57 9.02 -7.36
CA GLY J 135 6.85 7.74 -6.65
C GLY J 135 8.11 7.80 -5.84
N ASP J 136 8.22 7.04 -4.75
CA ASP J 136 9.45 7.07 -3.90
C ASP J 136 10.45 6.06 -4.44
N ILE J 137 11.27 6.50 -5.38
CA ILE J 137 12.30 5.64 -6.04
C ILE J 137 13.69 6.10 -5.58
N TRP J 138 14.57 5.14 -5.30
CA TRP J 138 15.98 5.36 -4.90
C TRP J 138 16.79 6.09 -5.96
N VAL J 139 17.64 7.03 -5.54
CA VAL J 139 18.74 7.53 -6.40
C VAL J 139 19.81 6.45 -6.51
N THR J 140 20.28 6.16 -7.71
CA THR J 140 21.31 5.13 -7.92
C THR J 140 22.31 5.55 -8.98
N ARG J 141 23.43 4.85 -9.03
CA ARG J 141 24.33 4.81 -10.20
C ARG J 141 25.10 3.51 -10.18
N GLU J 142 25.84 3.26 -11.25
CA GLU J 142 26.72 2.08 -11.42
C GLU J 142 25.89 0.82 -11.25
N PRO J 143 24.81 0.65 -12.04
CA PRO J 143 23.98 -0.55 -11.97
C PRO J 143 24.68 -1.77 -12.59
N TYR J 144 24.12 -2.92 -12.33
CA TYR J 144 24.47 -4.14 -13.08
C TYR J 144 23.40 -5.23 -12.91
N VAL J 145 23.47 -6.23 -13.76
CA VAL J 145 22.52 -7.36 -13.71
C VAL J 145 23.31 -8.62 -13.43
N SER J 146 22.75 -9.51 -12.65
CA SER J 146 23.30 -10.85 -12.42
C SER J 146 22.15 -11.79 -12.15
N CYS J 147 22.30 -13.07 -12.45
CA CYS J 147 21.18 -14.02 -12.38
C CYS J 147 21.56 -15.20 -11.51
N ASP J 148 20.62 -15.70 -10.72
CA ASP J 148 20.77 -17.02 -10.08
C ASP J 148 20.29 -18.10 -11.05
N LEU J 149 20.00 -19.29 -10.55
CA LEU J 149 19.58 -20.44 -11.39
C LEU J 149 18.25 -20.17 -12.09
N ASP J 150 17.39 -19.34 -11.51
CA ASP J 150 15.99 -19.18 -11.95
C ASP J 150 15.73 -17.79 -12.54
N LYS J 151 16.41 -16.76 -12.05
CA LYS J 151 15.90 -15.39 -12.22
C LYS J 151 17.02 -14.37 -12.24
N CYS J 152 16.80 -13.24 -12.89
CA CYS J 152 17.81 -12.17 -12.97
C CYS J 152 17.48 -11.04 -12.01
N TYR J 153 18.51 -10.46 -11.43
CA TYR J 153 18.41 -9.40 -10.42
C TYR J 153 19.10 -8.17 -10.97
N GLN J 154 18.57 -7.02 -10.66
CA GLN J 154 19.23 -5.75 -10.95
C GLN J 154 19.84 -5.27 -9.64
N PHE J 155 21.04 -4.75 -9.74
CA PHE J 155 21.82 -4.21 -8.62
C PHE J 155 22.17 -2.78 -8.94
N ALA J 156 22.28 -1.95 -7.94
CA ALA J 156 22.87 -0.62 -8.14
C ALA J 156 23.40 -0.06 -6.83
N LEU J 157 24.28 0.91 -6.92
CA LEU J 157 24.77 1.57 -5.70
C LEU J 157 23.84 2.72 -5.41
N GLY J 158 23.00 2.57 -4.40
CA GLY J 158 22.12 3.64 -3.93
C GLY J 158 22.92 4.81 -3.41
N GLN J 159 22.35 6.00 -3.39
CA GLN J 159 23.00 7.16 -2.77
C GLN J 159 22.37 7.42 -1.39
N GLY J 160 21.80 6.41 -0.75
CA GLY J 160 21.19 6.54 0.58
C GLY J 160 20.04 7.53 0.62
N THR J 161 19.30 7.69 -0.48
CA THR J 161 18.16 8.63 -0.59
C THR J 161 17.24 8.26 -1.73
N THR J 162 15.96 8.61 -1.63
CA THR J 162 15.03 8.63 -2.78
C THR J 162 15.27 9.91 -3.60
N LEU J 163 14.73 9.98 -4.80
CA LEU J 163 15.04 11.07 -5.74
C LEU J 163 14.26 12.32 -5.37
N ASN J 164 12.98 12.21 -5.11
CA ASN J 164 12.17 13.36 -4.63
C ASN J 164 12.37 13.48 -3.12
N ASN J 165 13.49 14.10 -2.71
CA ASN J 165 14.00 14.07 -1.31
C ASN J 165 14.97 15.25 -1.13
N VAL J 166 15.14 15.80 0.06
CA VAL J 166 16.16 16.86 0.26
C VAL J 166 17.57 16.28 0.13
N HIS J 167 17.77 15.01 0.43
CA HIS J 167 19.10 14.38 0.39
C HIS J 167 19.55 14.09 -1.04
N SER J 168 18.72 14.26 -2.07
CA SER J 168 19.10 13.89 -3.46
C SER J 168 20.00 14.95 -4.08
N ASN J 169 20.07 16.14 -3.52
CA ASN J 169 21.08 17.18 -3.92
C ASN J 169 22.52 16.62 -3.79
N ASN J 170 23.42 17.04 -4.67
CA ASN J 170 24.85 16.64 -4.70
C ASN J 170 25.07 15.14 -4.81
N THR J 171 24.12 14.35 -5.32
CA THR J 171 24.32 12.88 -5.51
C THR J 171 25.17 12.57 -6.74
N VAL J 172 25.82 13.59 -7.32
CA VAL J 172 26.95 13.43 -8.28
C VAL J 172 28.19 12.87 -7.58
N ARG J 173 28.34 13.02 -6.25
CA ARG J 173 29.51 12.46 -5.51
C ARG J 173 29.59 10.94 -5.59
N ASP J 174 30.77 10.43 -5.83
CA ASP J 174 30.96 9.02 -6.21
C ASP J 174 31.02 8.11 -4.96
N ARG J 175 31.50 8.64 -3.84
CA ARG J 175 31.82 7.83 -2.62
C ARG J 175 31.37 8.61 -1.38
N THR J 176 30.45 8.03 -0.62
CA THR J 176 29.91 8.61 0.64
C THR J 176 29.60 7.48 1.60
N PRO J 177 29.49 7.72 2.92
CA PRO J 177 29.24 6.63 3.87
C PRO J 177 27.88 5.95 3.68
N TYR J 178 26.98 6.58 2.91
CA TYR J 178 25.55 6.21 2.83
C TYR J 178 25.29 5.33 1.62
N ARG J 179 26.25 5.11 0.72
CA ARG J 179 26.01 4.26 -0.46
C ARG J 179 25.88 2.81 0.00
N THR J 180 24.89 2.14 -0.53
CA THR J 180 24.57 0.74 -0.19
C THR J 180 24.25 0.02 -1.49
N LEU J 181 24.51 -1.26 -1.55
CA LEU J 181 24.19 -2.05 -2.74
C LEU J 181 22.71 -2.41 -2.66
N LEU J 182 21.90 -1.88 -3.58
CA LEU J 182 20.47 -2.26 -3.71
C LEU J 182 20.37 -3.54 -4.55
N MET J 183 19.41 -4.38 -4.25
CA MET J 183 19.14 -5.60 -5.05
C MET J 183 17.61 -5.76 -5.22
N ASN J 184 17.17 -6.00 -6.44
CA ASN J 184 15.76 -6.33 -6.77
C ASN J 184 15.76 -7.39 -7.86
N GLU J 185 14.65 -8.10 -8.04
CA GLU J 185 14.45 -8.86 -9.30
C GLU J 185 14.46 -7.86 -10.46
N LEU J 186 14.96 -8.31 -11.61
CA LEU J 186 15.12 -7.41 -12.77
C LEU J 186 13.75 -6.89 -13.20
N GLY J 187 13.62 -5.58 -13.35
CA GLY J 187 12.36 -4.98 -13.80
C GLY J 187 11.49 -4.49 -12.66
N VAL J 188 11.74 -4.91 -11.44
CA VAL J 188 11.13 -4.24 -10.25
C VAL J 188 11.95 -2.99 -10.00
N PRO J 189 11.39 -1.78 -10.12
CA PRO J 189 12.20 -0.57 -9.94
C PRO J 189 12.64 -0.48 -8.47
N PHE J 190 13.64 0.36 -8.18
CA PHE J 190 14.14 0.50 -6.79
C PHE J 190 13.22 1.42 -5.99
N HIS J 191 12.11 0.86 -5.49
CA HIS J 191 11.15 1.52 -4.57
C HIS J 191 11.59 1.34 -3.11
N LEU J 192 10.88 1.89 -2.13
CA LEU J 192 11.33 1.86 -0.72
C LEU J 192 11.40 0.45 -0.13
N GLY J 193 10.69 -0.54 -0.66
CA GLY J 193 10.80 -1.92 -0.17
C GLY J 193 12.05 -2.65 -0.63
N THR J 194 12.93 -1.99 -1.37
CA THR J 194 14.18 -2.60 -1.92
C THR J 194 15.12 -2.99 -0.77
N LYS J 195 15.75 -4.14 -0.86
CA LYS J 195 16.76 -4.55 0.13
C LYS J 195 18.11 -3.90 -0.15
N GLN J 196 18.71 -3.26 0.85
CA GLN J 196 20.14 -2.87 0.82
C GLN J 196 20.97 -4.06 1.28
N VAL J 197 21.69 -4.75 0.41
CA VAL J 197 22.35 -6.02 0.81
C VAL J 197 23.67 -5.76 1.55
N CYS J 198 24.30 -4.60 1.40
CA CYS J 198 25.57 -4.30 2.12
C CYS J 198 25.95 -2.83 1.99
N ILE J 199 26.86 -2.35 2.83
CA ILE J 199 27.36 -0.95 2.67
C ILE J 199 28.43 -1.00 1.58
N ALA J 200 28.35 -0.13 0.58
CA ALA J 200 29.21 -0.18 -0.62
C ALA J 200 29.17 1.12 -1.40
N TRP J 201 30.33 1.68 -1.73
CA TRP J 201 30.41 2.69 -2.82
C TRP J 201 31.12 2.10 -4.04
N SER J 202 31.51 0.84 -3.99
CA SER J 202 31.92 0.05 -5.17
C SER J 202 31.53 -1.39 -4.89
N SER J 203 31.16 -2.18 -5.89
CA SER J 203 30.72 -3.55 -5.61
C SER J 203 30.76 -4.51 -6.80
N SER J 204 30.58 -5.77 -6.48
CA SER J 204 30.35 -6.82 -7.46
C SER J 204 29.52 -7.89 -6.78
N SER J 205 28.78 -8.71 -7.52
CA SER J 205 27.97 -9.80 -6.94
C SER J 205 27.95 -10.96 -7.90
N CYS J 206 27.75 -12.16 -7.42
CA CYS J 206 27.46 -13.30 -8.30
C CYS J 206 26.89 -14.45 -7.49
N HIS J 207 26.19 -15.34 -8.17
CA HIS J 207 25.58 -16.52 -7.53
C HIS J 207 26.36 -17.72 -8.00
N ASP J 208 26.78 -18.56 -7.08
CA ASP J 208 27.69 -19.68 -7.39
C ASP J 208 26.92 -20.97 -7.67
N GLY J 209 25.59 -20.93 -7.70
CA GLY J 209 24.76 -22.15 -7.81
C GLY J 209 24.22 -22.62 -6.46
N LYS J 210 24.74 -22.11 -5.35
CA LYS J 210 24.19 -22.34 -3.99
C LYS J 210 23.73 -21.01 -3.37
N ALA J 211 24.50 -19.94 -3.48
CA ALA J 211 24.17 -18.68 -2.80
C ALA J 211 24.83 -17.46 -3.44
N TRP J 212 24.33 -16.28 -3.08
CA TRP J 212 24.94 -15.01 -3.50
C TRP J 212 26.25 -14.75 -2.76
N LEU J 213 27.25 -14.30 -3.50
CA LEU J 213 28.42 -13.57 -2.99
C LEU J 213 28.24 -12.10 -3.35
N HIS J 214 28.40 -11.22 -2.40
CA HIS J 214 28.56 -9.77 -2.67
C HIS J 214 29.95 -9.35 -2.21
N VAL J 215 30.61 -8.56 -3.01
CA VAL J 215 31.89 -7.91 -2.67
C VAL J 215 31.58 -6.45 -2.54
N CYS J 216 31.75 -5.91 -1.34
CA CYS J 216 31.20 -4.59 -1.00
C CYS J 216 32.32 -3.73 -0.46
N ILE J 217 32.63 -2.62 -1.09
CA ILE J 217 33.79 -1.80 -0.69
C ILE J 217 33.30 -0.45 -0.13
N THR J 218 33.80 -0.06 1.04
CA THR J 218 33.40 1.19 1.71
C THR J 218 34.49 1.66 2.65
N GLY J 219 34.41 2.89 3.11
CA GLY J 219 35.42 3.46 4.02
C GLY J 219 36.03 4.72 3.49
N ASP J 220 37.13 5.16 4.10
CA ASP J 220 37.90 6.34 3.64
C ASP J 220 38.53 6.02 2.28
N ASP J 221 38.66 7.01 1.39
CA ASP J 221 39.32 6.82 0.08
C ASP J 221 40.72 6.26 0.29
N LYS J 222 41.46 6.78 1.26
CA LYS J 222 42.86 6.35 1.47
C LYS J 222 42.97 5.11 2.34
N ASN J 223 41.87 4.50 2.79
CA ASN J 223 41.97 3.30 3.66
C ASN J 223 40.69 2.46 3.63
N ALA J 224 40.20 2.09 2.47
CA ALA J 224 38.88 1.42 2.30
C ALA J 224 38.95 -0.07 2.70
N THR J 225 37.79 -0.63 2.97
CA THR J 225 37.59 -2.04 3.34
C THR J 225 36.74 -2.72 2.28
N ALA J 226 37.09 -3.92 1.87
CA ALA J 226 36.19 -4.77 1.07
C ALA J 226 35.64 -5.89 1.94
N SER J 227 34.33 -5.99 2.07
CA SER J 227 33.63 -7.07 2.81
C SER J 227 33.14 -8.12 1.82
N PHE J 228 33.36 -9.38 2.12
CA PHE J 228 32.91 -10.53 1.30
C PHE J 228 31.73 -11.15 2.03
N ILE J 229 30.54 -10.93 1.52
CA ILE J 229 29.28 -11.38 2.16
C ILE J 229 28.74 -12.53 1.33
N TYR J 230 28.62 -13.71 1.92
CA TYR J 230 28.20 -14.91 1.20
C TYR J 230 27.09 -15.59 1.99
N ASN J 231 26.06 -16.00 1.30
CA ASN J 231 24.86 -16.62 1.92
C ASN J 231 24.39 -15.76 3.12
N GLY J 232 24.35 -14.45 2.93
CA GLY J 232 23.68 -13.56 3.88
C GLY J 232 24.56 -13.13 5.03
N ARG J 233 25.79 -13.64 5.15
CA ARG J 233 26.67 -13.33 6.31
C ARG J 233 28.07 -12.91 5.88
N LEU J 234 28.69 -12.01 6.64
CA LEU J 234 30.06 -11.54 6.33
C LEU J 234 31.06 -12.66 6.60
N VAL J 235 31.78 -13.11 5.59
CA VAL J 235 32.70 -14.28 5.72
C VAL J 235 34.14 -13.82 5.77
N ASP J 236 34.48 -12.72 5.07
CA ASP J 236 35.89 -12.31 4.97
C ASP J 236 35.98 -10.83 4.69
N SER J 237 37.18 -10.27 4.80
CA SER J 237 37.39 -8.82 4.60
C SER J 237 38.84 -8.57 4.20
N VAL J 238 39.09 -7.49 3.48
CA VAL J 238 40.48 -7.12 3.12
C VAL J 238 40.60 -5.61 3.03
N VAL J 239 41.75 -5.09 3.45
CA VAL J 239 41.97 -3.62 3.45
C VAL J 239 42.64 -3.22 2.12
N SER J 240 42.40 -1.98 1.71
CA SER J 240 43.08 -1.25 0.63
C SER J 240 44.59 -1.48 0.69
N TRP J 241 45.16 -2.10 -0.34
CA TRP J 241 46.60 -2.46 -0.38
C TRP J 241 47.49 -1.34 -0.91
N SER J 242 46.93 -0.37 -1.62
CA SER J 242 47.70 0.78 -2.16
C SER J 242 47.20 2.10 -1.63
N ASN J 243 46.18 2.10 -0.77
CA ASN J 243 45.73 3.32 -0.03
C ASN J 243 45.30 4.44 -0.97
N ASP J 244 44.66 4.11 -2.08
CA ASP J 244 44.14 5.11 -3.03
C ASP J 244 42.93 4.53 -3.78
N ILE J 245 41.80 4.50 -3.08
CA ILE J 245 40.47 4.06 -3.57
C ILE J 245 40.53 2.62 -4.08
N LEU J 246 40.50 1.68 -3.16
CA LEU J 246 40.25 0.26 -3.53
C LEU J 246 38.93 0.24 -4.28
N ARG J 247 38.86 -0.49 -5.39
CA ARG J 247 37.63 -0.49 -6.22
C ARG J 247 37.50 -1.81 -6.95
N THR J 248 36.30 -2.15 -7.38
CA THR J 248 36.05 -3.44 -8.09
C THR J 248 35.15 -3.18 -9.30
N GLN J 249 34.51 -4.24 -9.78
CA GLN J 249 34.02 -4.30 -11.17
C GLN J 249 32.82 -3.39 -11.46
N GLU J 250 31.97 -3.09 -10.50
CA GLU J 250 30.60 -2.55 -10.75
C GLU J 250 29.84 -3.46 -11.73
N SER J 251 30.07 -4.76 -11.70
CA SER J 251 29.30 -5.77 -12.46
C SER J 251 29.52 -7.17 -11.87
N GLU J 252 28.88 -8.17 -12.41
CA GLU J 252 28.92 -9.48 -11.76
C GLU J 252 30.32 -10.08 -11.78
N CYS J 253 30.67 -10.75 -10.68
CA CYS J 253 31.80 -11.69 -10.62
C CYS J 253 31.36 -12.96 -11.33
N VAL J 254 32.23 -13.93 -11.43
CA VAL J 254 31.91 -15.19 -12.13
C VAL J 254 32.41 -16.34 -11.26
N CYS J 255 31.63 -17.42 -11.15
CA CYS J 255 31.99 -18.55 -10.30
C CYS J 255 32.00 -19.83 -11.14
N ILE J 256 33.07 -20.61 -11.05
CA ILE J 256 33.12 -21.95 -11.66
C ILE J 256 33.46 -22.94 -10.55
N ASN J 257 32.63 -23.97 -10.36
CA ASN J 257 32.77 -24.97 -9.30
C ASN J 257 32.96 -24.28 -7.92
N GLY J 258 32.20 -23.23 -7.63
CA GLY J 258 32.21 -22.65 -6.27
C GLY J 258 33.31 -21.65 -6.05
N THR J 259 34.36 -21.66 -6.85
CA THR J 259 35.41 -20.62 -6.82
C THR J 259 34.94 -19.42 -7.63
N CYS J 260 34.52 -18.37 -6.95
CA CYS J 260 34.20 -17.07 -7.58
C CYS J 260 35.47 -16.26 -7.77
N THR J 261 35.53 -15.46 -8.81
CA THR J 261 36.70 -14.58 -9.04
C THR J 261 36.24 -13.15 -9.24
N VAL J 262 36.96 -12.23 -8.63
CA VAL J 262 36.64 -10.80 -8.75
C VAL J 262 37.94 -10.04 -9.01
N VAL J 263 37.91 -9.13 -9.96
CA VAL J 263 39.07 -8.24 -10.22
C VAL J 263 38.90 -7.00 -9.36
N MET J 264 39.96 -6.61 -8.69
CA MET J 264 39.96 -5.44 -7.78
C MET J 264 41.21 -4.63 -8.04
N THR J 265 41.19 -3.36 -7.76
CA THR J 265 42.36 -2.52 -8.04
C THR J 265 42.43 -1.37 -7.05
N ASP J 266 43.63 -0.84 -6.86
CA ASP J 266 43.87 0.25 -5.90
C ASP J 266 45.00 1.09 -6.49
N GLY J 267 45.15 2.33 -6.07
CA GLY J 267 46.20 3.14 -6.67
C GLY J 267 45.69 4.02 -7.80
N ASN J 268 46.61 4.66 -8.48
CA ASN J 268 46.38 5.93 -9.21
C ASN J 268 45.34 5.78 -10.32
N ALA J 269 44.36 6.68 -10.42
CA ALA J 269 43.36 6.73 -11.53
C ALA J 269 44.00 7.06 -12.90
N THR J 270 45.24 7.57 -12.98
CA THR J 270 45.93 7.85 -14.27
C THR J 270 47.42 7.70 -14.01
N GLY J 271 47.80 6.48 -13.62
CA GLY J 271 49.16 6.03 -13.29
C GLY J 271 49.16 4.55 -12.93
N LYS J 272 50.29 4.00 -12.54
CA LYS J 272 50.51 2.52 -12.46
C LYS J 272 49.76 1.93 -11.25
N ALA J 273 48.43 1.76 -11.36
CA ALA J 273 47.59 1.18 -10.28
C ALA J 273 47.92 -0.29 -10.03
N ASP J 274 47.62 -0.78 -8.84
CA ASP J 274 47.90 -2.18 -8.42
C ASP J 274 46.66 -3.04 -8.48
N THR J 275 46.62 -3.97 -9.43
CA THR J 275 45.40 -4.77 -9.70
C THR J 275 45.62 -6.17 -9.19
N LYS J 276 44.65 -6.71 -8.48
CA LYS J 276 44.68 -8.11 -8.01
C LYS J 276 43.42 -8.85 -8.43
N ILE J 277 43.55 -10.13 -8.61
CA ILE J 277 42.40 -11.02 -8.87
C ILE J 277 42.24 -11.89 -7.63
N LEU J 278 41.10 -11.80 -6.97
CA LEU J 278 40.83 -12.57 -5.73
C LEU J 278 40.00 -13.80 -6.10
N PHE J 279 40.40 -14.94 -5.62
CA PHE J 279 39.66 -16.22 -5.79
C PHE J 279 38.99 -16.51 -4.46
N ILE J 280 37.70 -16.73 -4.49
CA ILE J 280 36.83 -16.73 -3.28
C ILE J 280 36.00 -18.02 -3.27
N GLU J 281 35.96 -18.72 -2.15
CA GLU J 281 35.16 -19.97 -2.03
C GLU J 281 34.27 -19.84 -0.82
N GLU J 282 32.97 -19.78 -1.07
CA GLU J 282 31.92 -19.54 -0.05
C GLU J 282 32.22 -18.28 0.77
N GLY J 283 32.72 -17.24 0.13
CA GLY J 283 33.00 -15.94 0.78
C GLY J 283 34.41 -15.83 1.36
N LYS J 284 35.11 -16.94 1.58
CA LYS J 284 36.51 -16.95 2.08
C LYS J 284 37.46 -16.61 0.93
N ILE J 285 38.34 -15.63 1.07
CA ILE J 285 39.40 -15.37 0.06
C ILE J 285 40.44 -16.49 0.14
N VAL J 286 40.49 -17.39 -0.85
CA VAL J 286 41.40 -18.56 -0.83
C VAL J 286 42.72 -18.26 -1.55
N HIS J 287 42.73 -17.31 -2.49
CA HIS J 287 43.96 -16.98 -3.25
C HIS J 287 43.88 -15.55 -3.76
N THR J 288 45.04 -14.98 -4.08
CA THR J 288 45.11 -13.62 -4.63
C THR J 288 46.29 -13.54 -5.60
N SER J 289 46.02 -13.30 -6.86
CA SER J 289 47.03 -13.16 -7.93
C SER J 289 47.23 -11.69 -8.28
N LYS J 290 48.47 -11.22 -8.39
CA LYS J 290 48.74 -9.91 -9.01
C LYS J 290 48.38 -9.99 -10.50
N LEU J 291 47.94 -8.88 -11.09
CA LEU J 291 47.76 -8.78 -12.55
C LEU J 291 49.10 -9.05 -13.25
N SER J 292 49.06 -9.81 -14.34
CA SER J 292 50.26 -10.19 -15.13
C SER J 292 49.92 -10.09 -16.62
N GLY J 293 50.94 -9.95 -17.46
CA GLY J 293 50.76 -9.65 -18.89
C GLY J 293 50.78 -8.16 -19.16
N SER J 294 50.34 -7.75 -20.35
CA SER J 294 50.71 -6.45 -20.95
C SER J 294 49.66 -5.34 -20.74
N ALA J 295 48.56 -5.60 -20.05
CA ALA J 295 47.58 -4.55 -19.70
C ALA J 295 48.16 -3.59 -18.65
N GLN J 296 47.97 -2.29 -18.80
CA GLN J 296 48.75 -1.27 -18.05
C GLN J 296 47.88 -0.42 -17.09
N HIS J 297 46.63 -0.16 -17.40
CA HIS J 297 45.62 0.33 -16.42
C HIS J 297 44.38 -0.53 -16.56
N VAL J 298 43.85 -1.10 -15.49
CA VAL J 298 42.85 -2.21 -15.64
C VAL J 298 41.76 -2.06 -14.59
N GLU J 299 40.61 -1.56 -15.00
CA GLU J 299 39.57 -1.03 -14.06
C GLU J 299 38.18 -1.44 -14.51
N GLU J 300 37.24 -1.56 -13.59
CA GLU J 300 35.80 -1.85 -13.84
C GLU J 300 35.57 -3.00 -14.81
N CYS J 301 36.30 -4.07 -14.67
CA CYS J 301 36.18 -5.22 -15.59
C CYS J 301 34.74 -5.69 -15.74
N SER J 302 34.32 -5.95 -16.97
CA SER J 302 33.10 -6.73 -17.29
C SER J 302 33.54 -8.15 -17.57
N CYS J 303 33.10 -9.12 -16.80
CA CYS J 303 33.65 -10.48 -16.88
C CYS J 303 32.58 -11.48 -17.30
N TYR J 304 33.02 -12.55 -17.93
CA TYR J 304 32.10 -13.62 -18.35
C TYR J 304 32.78 -14.96 -18.22
N PRO J 305 32.04 -16.03 -17.91
CA PRO J 305 32.59 -17.37 -17.92
C PRO J 305 32.90 -17.76 -19.35
N ARG J 306 34.06 -18.37 -19.52
CA ARG J 306 34.54 -18.90 -20.80
C ARG J 306 35.23 -20.21 -20.50
N TYR J 307 34.41 -21.17 -20.09
CA TYR J 307 34.85 -22.40 -19.43
C TYR J 307 35.99 -23.03 -20.23
N PRO J 308 37.08 -23.53 -19.60
CA PRO J 308 37.26 -23.64 -18.15
C PRO J 308 37.67 -22.36 -17.41
N GLY J 309 37.86 -21.26 -18.09
CA GLY J 309 38.37 -20.02 -17.47
C GLY J 309 37.32 -18.94 -17.33
N VAL J 310 37.76 -17.78 -16.92
CA VAL J 310 36.94 -16.55 -16.93
C VAL J 310 37.68 -15.53 -17.77
N ARG J 311 36.95 -14.73 -18.53
CA ARG J 311 37.54 -13.67 -19.36
C ARG J 311 36.89 -12.36 -18.97
N CYS J 312 37.67 -11.30 -18.96
CA CYS J 312 37.21 -9.97 -18.53
C CYS J 312 37.65 -8.96 -19.55
N VAL J 313 36.78 -8.03 -19.88
CA VAL J 313 37.15 -6.89 -20.74
C VAL J 313 36.93 -5.64 -19.90
N CYS J 314 37.92 -4.79 -19.81
CA CYS J 314 38.01 -3.77 -18.73
C CYS J 314 38.17 -2.38 -19.33
N ARG J 315 38.37 -1.41 -18.47
CA ARG J 315 38.55 0.03 -18.82
C ARG J 315 40.01 0.38 -18.59
N ASP J 316 40.63 1.02 -19.55
CA ASP J 316 41.99 1.59 -19.35
C ASP J 316 41.84 3.09 -19.21
N ASN J 317 42.09 3.59 -18.01
CA ASN J 317 41.82 5.02 -17.70
C ASN J 317 43.04 5.89 -17.99
N TRP J 318 44.13 5.33 -18.55
CA TRP J 318 45.45 6.01 -18.59
C TRP J 318 46.00 6.10 -20.02
N LYS J 319 46.11 4.97 -20.72
CA LYS J 319 46.82 4.88 -22.00
C LYS J 319 45.98 4.27 -23.13
N GLY J 320 45.05 3.39 -22.85
CA GLY J 320 44.18 2.77 -23.86
C GLY J 320 42.90 3.55 -24.13
N SER J 321 42.53 3.75 -25.39
CA SER J 321 41.09 3.83 -25.78
C SER J 321 40.65 2.48 -26.37
N ASN J 322 41.57 1.59 -26.68
CA ASN J 322 41.28 0.14 -26.73
C ASN J 322 41.06 -0.38 -25.32
N ARG J 323 40.38 -1.52 -25.18
CA ARG J 323 40.03 -2.08 -23.85
C ARG J 323 41.00 -3.19 -23.48
N PRO J 324 41.44 -3.30 -22.21
CA PRO J 324 42.21 -4.46 -21.75
C PRO J 324 41.38 -5.74 -21.70
N ILE J 325 42.07 -6.85 -21.84
CA ILE J 325 41.49 -8.20 -21.63
C ILE J 325 42.27 -8.85 -20.51
N ILE J 326 41.60 -9.61 -19.66
CA ILE J 326 42.25 -10.51 -18.67
C ILE J 326 41.68 -11.89 -18.91
N ASP J 327 42.54 -12.87 -19.04
CA ASP J 327 42.14 -14.28 -18.93
C ASP J 327 42.55 -14.76 -17.54
N ILE J 328 41.62 -15.37 -16.84
CA ILE J 328 41.82 -15.87 -15.45
C ILE J 328 41.69 -17.39 -15.52
N ASN J 329 42.74 -18.11 -15.16
CA ASN J 329 42.67 -19.57 -15.02
C ASN J 329 42.17 -19.91 -13.61
N ILE J 330 40.97 -20.44 -13.46
CA ILE J 330 40.37 -20.79 -12.13
C ILE J 330 41.12 -21.95 -11.47
N LYS J 331 41.71 -22.86 -12.24
CA LYS J 331 42.23 -24.13 -11.69
C LYS J 331 43.65 -23.95 -11.13
N ASP J 332 44.42 -22.97 -11.59
CA ASP J 332 45.81 -22.76 -11.12
C ASP J 332 46.09 -21.29 -10.79
N HIS J 333 45.04 -20.47 -10.78
CA HIS J 333 45.04 -19.04 -10.38
C HIS J 333 45.95 -18.16 -11.25
N SER J 334 46.46 -18.65 -12.39
CA SER J 334 47.34 -17.87 -13.28
C SER J 334 46.54 -16.81 -14.03
N ILE J 335 47.19 -15.69 -14.31
CA ILE J 335 46.58 -14.52 -14.99
C ILE J 335 47.37 -14.24 -16.26
N VAL J 336 46.66 -13.84 -17.31
CA VAL J 336 47.24 -13.35 -18.58
C VAL J 336 46.46 -12.11 -18.96
N SER J 337 47.07 -11.14 -19.62
CA SER J 337 46.32 -9.95 -20.07
C SER J 337 46.91 -9.36 -21.33
N SER J 338 46.09 -8.56 -22.02
CA SER J 338 46.35 -8.00 -23.36
C SER J 338 45.29 -6.93 -23.65
N TYR J 339 45.07 -6.56 -24.91
CA TYR J 339 44.01 -5.61 -25.28
C TYR J 339 43.16 -6.17 -26.42
N VAL J 340 41.93 -5.66 -26.53
CA VAL J 340 40.98 -5.99 -27.63
C VAL J 340 41.60 -5.49 -28.94
N CYS J 341 41.87 -6.42 -29.85
CA CYS J 341 42.69 -6.13 -31.05
C CYS J 341 41.98 -5.11 -31.95
N SER J 342 40.68 -5.24 -32.21
CA SER J 342 39.94 -4.47 -33.27
C SER J 342 40.35 -2.99 -33.40
N GLY J 343 40.50 -2.53 -34.64
CA GLY J 343 40.79 -1.14 -35.00
C GLY J 343 39.65 -0.21 -34.65
N LEU J 344 38.45 -0.74 -34.59
CA LEU J 344 37.29 -0.07 -33.95
C LEU J 344 37.38 -0.27 -32.45
N VAL J 345 37.59 0.80 -31.68
CA VAL J 345 37.88 0.67 -30.23
C VAL J 345 36.65 1.04 -29.40
N GLY J 346 36.56 0.49 -28.19
CA GLY J 346 35.31 0.43 -27.41
C GLY J 346 35.25 1.44 -26.26
N ASP J 347 36.33 2.14 -25.94
CA ASP J 347 36.32 3.12 -24.83
C ASP J 347 35.77 4.46 -25.28
N THR J 348 35.50 5.31 -24.30
CA THR J 348 35.13 6.74 -24.53
C THR J 348 35.89 7.56 -23.50
N PRO J 349 36.70 8.58 -23.87
CA PRO J 349 36.89 9.03 -25.23
C PRO J 349 37.71 8.07 -26.11
N ARG J 350 37.62 8.32 -27.43
CA ARG J 350 38.43 7.64 -28.46
C ARG J 350 38.50 8.51 -29.72
N LYS J 351 39.41 8.21 -30.64
CA LYS J 351 39.44 8.88 -31.96
C LYS J 351 38.33 8.31 -32.86
N SER J 352 37.96 9.08 -33.88
CA SER J 352 36.94 8.70 -34.90
C SER J 352 37.35 7.40 -35.60
N ASP J 353 36.40 6.59 -36.05
CA ASP J 353 36.71 5.23 -36.61
C ASP J 353 37.61 5.34 -37.86
N SER J 354 37.53 6.43 -38.60
CA SER J 354 38.37 6.68 -39.80
C SER J 354 39.83 6.93 -39.42
N SER J 355 40.14 7.24 -38.17
CA SER J 355 41.51 7.64 -37.73
C SER J 355 42.03 6.81 -36.55
N SER J 356 41.17 6.08 -35.82
CA SER J 356 41.59 5.23 -34.69
C SER J 356 42.43 4.06 -35.17
N SER J 357 43.22 3.53 -34.25
CA SER J 357 43.97 2.27 -34.44
C SER J 357 44.00 1.52 -33.11
N SER J 358 44.52 0.31 -33.15
CA SER J 358 44.61 -0.51 -31.92
C SER J 358 45.84 -1.40 -32.00
N HIS J 359 46.08 -2.12 -30.92
CA HIS J 359 47.23 -3.03 -30.76
C HIS J 359 46.72 -4.22 -29.95
N CYS J 360 47.21 -5.42 -30.19
CA CYS J 360 46.76 -6.60 -29.41
C CYS J 360 47.42 -6.61 -28.01
N LEU J 361 48.62 -6.05 -27.87
CA LEU J 361 49.39 -6.15 -26.62
C LEU J 361 49.42 -4.84 -25.84
N ASN J 362 49.44 -3.70 -26.50
CA ASN J 362 49.69 -2.39 -25.85
C ASN J 362 48.42 -1.57 -25.79
N PRO J 363 48.35 -0.59 -24.87
CA PRO J 363 47.41 0.51 -25.02
C PRO J 363 47.74 1.30 -26.29
N ASN J 364 46.71 1.73 -26.98
CA ASN J 364 46.86 2.37 -28.31
C ASN J 364 47.33 3.83 -28.20
N ASN J 365 47.42 4.42 -27.03
CA ASN J 365 47.82 5.84 -26.75
C ASN J 365 46.88 6.90 -27.34
N GLU J 366 46.07 6.62 -28.35
CA GLU J 366 45.03 7.54 -28.84
C GLU J 366 44.02 7.82 -27.74
N GLU J 367 44.02 9.06 -27.23
CA GLU J 367 43.07 9.53 -26.18
C GLU J 367 42.96 8.47 -25.08
N GLY J 368 44.12 7.99 -24.61
CA GLY J 368 44.18 6.96 -23.58
C GLY J 368 43.44 7.34 -22.31
N GLY J 369 43.70 8.54 -21.80
CA GLY J 369 43.22 8.97 -20.48
C GLY J 369 41.71 9.01 -20.38
N HIS J 370 41.19 8.73 -19.19
CA HIS J 370 39.74 8.61 -18.88
C HIS J 370 39.14 7.45 -19.66
N GLY J 371 37.86 7.17 -19.45
CA GLY J 371 37.23 5.99 -20.06
C GLY J 371 35.79 5.80 -19.64
N VAL J 372 35.18 4.70 -20.01
CA VAL J 372 33.87 4.30 -19.46
C VAL J 372 33.82 2.78 -19.35
N LYS J 373 33.11 2.25 -18.37
CA LYS J 373 32.96 0.80 -18.23
C LYS J 373 32.15 0.27 -19.41
N GLY J 374 32.64 -0.79 -20.03
CA GLY J 374 31.98 -1.37 -21.20
C GLY J 374 32.28 -2.82 -21.31
N TRP J 375 32.04 -3.39 -22.48
CA TRP J 375 32.19 -4.88 -22.61
C TRP J 375 32.52 -5.24 -24.05
N ALA J 376 33.02 -6.43 -24.23
CA ALA J 376 33.16 -7.10 -25.52
C ALA J 376 33.23 -8.61 -25.26
N PHE J 377 32.96 -9.44 -26.24
CA PHE J 377 33.24 -10.88 -26.09
C PHE J 377 33.60 -11.49 -27.44
N ASP J 378 34.40 -12.54 -27.39
CA ASP J 378 34.88 -13.21 -28.61
C ASP J 378 33.77 -14.06 -29.21
N ASP J 379 33.79 -14.21 -30.52
CA ASP J 379 32.90 -15.15 -31.24
C ASP J 379 33.72 -15.80 -32.36
N GLY J 380 34.56 -16.76 -32.00
CA GLY J 380 35.72 -17.16 -32.81
C GLY J 380 36.70 -16.01 -32.94
N ASN J 381 37.10 -15.66 -34.16
CA ASN J 381 38.02 -14.51 -34.39
C ASN J 381 37.25 -13.20 -34.39
N ASP J 382 35.93 -13.22 -34.53
CA ASP J 382 35.12 -11.98 -34.51
C ASP J 382 34.95 -11.50 -33.07
N VAL J 383 34.62 -10.24 -32.89
CA VAL J 383 34.29 -9.71 -31.54
C VAL J 383 32.95 -9.03 -31.58
N TRP J 384 32.10 -9.30 -30.61
CA TRP J 384 30.88 -8.51 -30.33
C TRP J 384 31.22 -7.48 -29.29
N MET J 385 30.83 -6.25 -29.49
CA MET J 385 31.11 -5.22 -28.49
C MET J 385 30.08 -4.12 -28.55
N GLY J 386 29.97 -3.39 -27.45
CA GLY J 386 29.12 -2.19 -27.35
C GLY J 386 29.96 -0.98 -27.02
N ARG J 387 29.51 0.19 -27.42
CA ARG J 387 30.16 1.47 -27.05
C ARG J 387 29.18 2.64 -27.19
N THR J 388 29.50 3.76 -26.58
CA THR J 388 28.71 4.98 -26.80
C THR J 388 28.86 5.40 -28.25
N ILE J 389 27.81 5.93 -28.86
CA ILE J 389 27.85 6.31 -30.29
C ILE J 389 28.76 7.52 -30.42
N ASN J 390 28.62 8.50 -29.54
CA ASN J 390 29.48 9.70 -29.53
C ASN J 390 30.88 9.29 -29.03
N GLU J 391 31.92 9.91 -29.59
CA GLU J 391 33.32 9.49 -29.34
C GLU J 391 33.91 10.18 -28.11
N THR J 392 33.36 11.29 -27.63
CA THR J 392 34.00 12.14 -26.60
C THR J 392 33.06 12.44 -25.41
N SER J 393 31.85 11.92 -25.44
CA SER J 393 30.84 12.09 -24.38
C SER J 393 29.97 10.83 -24.34
N ARG J 394 29.37 10.51 -23.20
CA ARG J 394 28.60 9.24 -23.06
C ARG J 394 27.18 9.47 -23.58
N LEU J 395 27.06 9.70 -24.89
CA LEU J 395 25.75 9.78 -25.57
C LEU J 395 25.57 8.61 -26.54
N GLY J 396 24.34 8.13 -26.59
CA GLY J 396 23.95 7.01 -27.46
C GLY J 396 24.59 5.71 -27.01
N TYR J 397 24.21 4.64 -27.67
CA TYR J 397 24.83 3.34 -27.45
C TYR J 397 24.58 2.47 -28.66
N GLU J 398 25.64 1.83 -29.15
CA GLU J 398 25.57 0.94 -30.33
C GLU J 398 26.28 -0.36 -29.98
N THR J 399 25.83 -1.45 -30.57
CA THR J 399 26.57 -2.72 -30.53
C THR J 399 26.81 -3.17 -31.96
N PHE J 400 27.88 -3.90 -32.19
CA PHE J 400 28.18 -4.48 -33.51
C PHE J 400 29.17 -5.62 -33.39
N LYS J 401 29.25 -6.41 -34.45
CA LYS J 401 30.30 -7.44 -34.59
C LYS J 401 31.41 -6.86 -35.46
N VAL J 402 32.66 -7.08 -35.09
CA VAL J 402 33.81 -6.70 -35.97
C VAL J 402 34.41 -7.97 -36.51
N VAL J 403 34.46 -8.12 -37.82
CA VAL J 403 34.94 -9.37 -38.45
C VAL J 403 36.44 -9.52 -38.21
N GLU J 404 36.85 -10.66 -37.66
CA GLU J 404 38.22 -10.93 -37.16
C GLU J 404 38.70 -9.88 -36.14
N GLY J 405 37.82 -9.09 -35.57
CA GLY J 405 38.23 -7.99 -34.66
C GLY J 405 38.75 -8.48 -33.32
N TRP J 406 38.67 -9.77 -33.00
CA TRP J 406 39.32 -10.28 -31.77
C TRP J 406 40.80 -10.55 -32.01
N SER J 407 41.26 -10.74 -33.25
CA SER J 407 42.62 -11.23 -33.54
C SER J 407 43.38 -10.43 -34.60
N ASN J 408 42.72 -9.57 -35.38
CA ASN J 408 43.37 -8.66 -36.34
C ASN J 408 43.25 -7.23 -35.85
N PRO J 409 44.37 -6.56 -35.47
CA PRO J 409 44.28 -5.20 -34.94
C PRO J 409 44.01 -4.08 -35.95
N LYS J 410 44.11 -4.37 -37.24
CA LYS J 410 43.82 -3.36 -38.31
C LYS J 410 42.44 -3.58 -38.89
N SER J 411 41.72 -4.64 -38.50
CA SER J 411 40.32 -4.90 -38.94
C SER J 411 39.38 -3.78 -38.45
N LYS J 412 38.59 -3.23 -39.38
CA LYS J 412 37.49 -2.29 -39.07
C LYS J 412 36.20 -2.69 -39.81
N LEU J 413 36.08 -3.97 -40.18
CA LEU J 413 34.90 -4.45 -40.91
C LEU J 413 33.81 -4.73 -39.88
N GLN J 414 32.97 -3.73 -39.57
CA GLN J 414 31.80 -3.99 -38.69
C GLN J 414 30.58 -4.45 -39.50
N ILE J 415 29.71 -5.20 -38.82
CA ILE J 415 28.45 -5.73 -39.37
C ILE J 415 27.49 -5.96 -38.20
N ASN J 416 26.19 -6.12 -38.48
CA ASN J 416 25.17 -6.39 -37.44
C ASN J 416 25.15 -5.25 -36.40
N ARG J 417 25.28 -4.01 -36.85
CA ARG J 417 25.11 -2.86 -35.94
C ARG J 417 23.67 -2.77 -35.45
N GLN J 418 23.51 -2.39 -34.18
CA GLN J 418 22.19 -2.02 -33.61
C GLN J 418 22.34 -0.76 -32.80
N VAL J 419 21.47 0.22 -33.01
CA VAL J 419 21.40 1.38 -32.08
C VAL J 419 20.52 0.95 -30.94
N ILE J 420 21.02 1.02 -29.71
CA ILE J 420 20.25 0.65 -28.49
C ILE J 420 19.73 1.95 -27.88
N VAL J 421 20.55 2.97 -27.85
CA VAL J 421 20.15 4.33 -27.43
C VAL J 421 20.56 5.28 -28.53
N ASP J 422 19.66 6.08 -29.04
CA ASP J 422 19.96 7.02 -30.13
C ASP J 422 21.08 7.97 -29.72
N ARG J 423 21.85 8.46 -30.69
CA ARG J 423 23.07 9.27 -30.45
C ARG J 423 22.80 10.59 -29.71
N GLY J 424 21.55 11.04 -29.59
CA GLY J 424 21.24 12.29 -28.88
C GLY J 424 20.85 12.05 -27.42
N ASP J 425 20.71 10.80 -26.99
CA ASP J 425 20.18 10.46 -25.65
C ASP J 425 21.30 9.89 -24.76
N ARG J 426 21.26 10.21 -23.48
CA ARG J 426 22.36 9.86 -22.54
C ARG J 426 22.49 8.35 -22.32
N SER J 427 23.72 7.96 -22.12
CA SER J 427 24.19 6.60 -21.88
C SER J 427 24.93 6.57 -20.54
N GLY J 428 25.93 5.70 -20.39
CA GLY J 428 26.66 5.52 -19.12
C GLY J 428 27.42 4.23 -19.14
N TYR J 429 27.64 3.65 -17.97
CA TYR J 429 28.32 2.34 -17.87
C TYR J 429 27.50 1.29 -18.59
N SER J 430 28.16 0.24 -19.01
CA SER J 430 27.47 -0.92 -19.59
C SER J 430 28.32 -2.13 -19.27
N GLY J 431 27.71 -3.30 -19.20
CA GLY J 431 28.43 -4.50 -18.75
C GLY J 431 27.73 -5.73 -19.22
N ILE J 432 28.50 -6.77 -19.40
CA ILE J 432 27.97 -8.08 -19.83
C ILE J 432 27.42 -8.81 -18.60
N PHE J 433 26.46 -9.70 -18.82
CA PHE J 433 26.16 -10.79 -17.88
C PHE J 433 25.80 -12.03 -18.68
N SER J 434 26.02 -13.18 -18.10
CA SER J 434 25.84 -14.45 -18.81
C SER J 434 24.64 -15.20 -18.23
N VAL J 435 23.89 -15.84 -19.10
CA VAL J 435 22.65 -16.53 -18.68
C VAL J 435 22.74 -17.94 -19.24
N GLU J 436 22.46 -18.93 -18.42
CA GLU J 436 22.50 -20.32 -18.87
C GLU J 436 21.17 -20.67 -19.52
N GLY J 437 21.21 -21.08 -20.79
CA GLY J 437 20.06 -21.65 -21.50
C GLY J 437 20.01 -23.16 -21.42
N LYS J 438 19.08 -23.75 -22.17
CA LYS J 438 18.89 -25.21 -22.21
C LYS J 438 20.16 -25.88 -22.75
N SER J 439 20.82 -25.27 -23.74
CA SER J 439 21.85 -25.95 -24.55
C SER J 439 23.17 -25.16 -24.65
N CYS J 440 23.21 -23.91 -24.19
CA CYS J 440 24.33 -22.99 -24.45
C CYS J 440 24.28 -21.83 -23.44
N ILE J 441 25.41 -21.12 -23.27
CA ILE J 441 25.48 -19.92 -22.41
C ILE J 441 25.24 -18.70 -23.27
N ASN J 442 24.23 -17.92 -22.95
CA ASN J 442 23.93 -16.69 -23.70
C ASN J 442 24.68 -15.53 -23.08
N ARG J 443 25.01 -14.52 -23.88
CA ARG J 443 25.57 -13.25 -23.38
C ARG J 443 24.51 -12.18 -23.48
N CYS J 444 24.36 -11.42 -22.42
CA CYS J 444 23.40 -10.30 -22.35
C CYS J 444 24.17 -9.08 -21.91
N PHE J 445 23.63 -7.89 -22.06
CA PHE J 445 24.29 -6.71 -21.51
C PHE J 445 23.25 -5.74 -21.01
N TYR J 446 23.69 -4.79 -20.18
CA TYR J 446 22.84 -3.71 -19.70
C TYR J 446 23.51 -2.39 -20.05
N VAL J 447 22.72 -1.34 -20.13
CA VAL J 447 23.25 0.02 -20.28
C VAL J 447 22.67 0.86 -19.16
N GLU J 448 23.54 1.57 -18.45
CA GLU J 448 23.14 2.62 -17.50
C GLU J 448 22.75 3.82 -18.31
N LEU J 449 21.61 4.42 -18.00
CA LEU J 449 21.14 5.63 -18.70
C LEU J 449 21.18 6.76 -17.68
N ILE J 450 22.31 7.45 -17.60
CA ILE J 450 22.55 8.45 -16.52
C ILE J 450 21.74 9.70 -16.86
N ARG J 451 21.10 10.30 -15.86
CA ARG J 451 20.39 11.58 -16.02
C ARG J 451 20.76 12.51 -14.86
N GLY J 452 20.67 13.81 -15.12
CA GLY J 452 20.93 14.84 -14.11
C GLY J 452 22.37 15.32 -14.14
N ARG J 453 22.82 15.88 -13.03
CA ARG J 453 24.14 16.56 -12.92
C ARG J 453 25.27 15.59 -13.26
N LYS J 454 26.39 16.07 -13.84
CA LYS J 454 26.74 17.46 -14.09
C LYS J 454 26.19 18.01 -15.41
N GLU J 455 25.83 17.15 -16.37
CA GLU J 455 25.49 17.56 -17.75
C GLU J 455 24.13 18.25 -17.84
N GLU J 456 23.18 17.83 -17.04
CA GLU J 456 21.82 18.42 -17.01
C GLU J 456 21.67 19.23 -15.72
N THR J 457 21.45 20.53 -15.81
CA THR J 457 21.34 21.45 -14.65
C THR J 457 19.87 21.84 -14.35
N GLU J 458 18.89 21.22 -15.00
CA GLU J 458 17.46 21.31 -14.63
C GLU J 458 17.22 20.77 -13.21
N VAL J 459 18.09 19.86 -12.77
CA VAL J 459 17.87 19.06 -11.53
C VAL J 459 19.11 19.14 -10.65
N LEU J 460 18.95 18.86 -9.36
CA LEU J 460 20.07 18.89 -8.39
C LEU J 460 20.67 17.50 -8.25
N TRP J 461 19.99 16.47 -8.73
CA TRP J 461 20.41 15.06 -8.47
C TRP J 461 21.13 14.47 -9.67
N THR J 462 21.79 13.34 -9.46
CA THR J 462 22.31 12.46 -10.53
C THR J 462 21.72 11.09 -10.27
N SER J 463 21.15 10.45 -11.27
CA SER J 463 20.58 9.11 -11.10
C SER J 463 20.64 8.34 -12.42
N ASN J 464 20.25 7.08 -12.41
CA ASN J 464 20.20 6.33 -13.69
C ASN J 464 18.90 5.55 -13.79
N SER J 465 18.50 5.23 -15.01
CA SER J 465 17.62 4.09 -15.29
C SER J 465 18.46 3.05 -16.03
N ILE J 466 17.87 1.92 -16.40
CA ILE J 466 18.61 0.84 -17.10
C ILE J 466 17.78 0.35 -18.27
N VAL J 467 18.46 -0.12 -19.30
CA VAL J 467 17.85 -0.94 -20.36
C VAL J 467 18.75 -2.15 -20.55
N VAL J 468 18.15 -3.28 -20.86
CA VAL J 468 18.85 -4.57 -20.86
C VAL J 468 18.48 -5.32 -22.12
N PHE J 469 19.47 -5.94 -22.73
CA PHE J 469 19.37 -6.65 -24.03
C PHE J 469 20.01 -8.02 -23.88
N CYS J 470 19.49 -9.03 -24.55
CA CYS J 470 20.11 -10.36 -24.53
C CYS J 470 20.45 -10.80 -25.94
N GLY J 471 21.52 -11.57 -26.07
CA GLY J 471 21.91 -12.20 -27.33
C GLY J 471 20.81 -13.10 -27.85
N THR J 472 20.62 -13.10 -29.16
CA THR J 472 19.58 -13.90 -29.80
C THR J 472 20.22 -14.64 -30.98
N SER J 473 19.78 -15.86 -31.23
CA SER J 473 20.14 -16.56 -32.48
C SER J 473 19.07 -16.30 -33.53
N GLY J 474 17.93 -15.74 -33.13
CA GLY J 474 16.81 -15.45 -34.03
C GLY J 474 17.05 -14.17 -34.78
N THR J 475 15.95 -13.50 -35.11
CA THR J 475 16.03 -12.22 -35.87
C THR J 475 15.40 -11.11 -35.04
N TYR J 476 15.71 -9.89 -35.43
CA TYR J 476 15.36 -8.72 -34.61
C TYR J 476 15.27 -7.52 -35.54
N GLY J 477 14.65 -6.46 -35.06
CA GLY J 477 14.46 -5.29 -35.90
C GLY J 477 15.29 -4.14 -35.38
N THR J 478 14.69 -2.95 -35.31
CA THR J 478 15.37 -1.72 -34.87
C THR J 478 14.50 -0.96 -33.89
N GLY J 479 15.13 -0.07 -33.15
CA GLY J 479 14.48 0.80 -32.17
C GLY J 479 15.48 1.71 -31.51
N SER J 480 15.07 2.34 -30.44
CA SER J 480 15.92 3.16 -29.56
C SER J 480 15.18 3.26 -28.24
N TRP J 481 15.82 2.83 -27.16
CA TRP J 481 15.15 2.74 -25.85
C TRP J 481 15.87 3.60 -24.82
N PRO J 482 15.74 4.93 -24.92
CA PRO J 482 16.42 5.83 -24.01
C PRO J 482 15.72 5.86 -22.64
N ASP J 483 16.25 6.68 -21.75
CA ASP J 483 15.73 6.87 -20.39
C ASP J 483 14.29 7.39 -20.47
N GLY J 484 14.07 8.49 -21.16
CA GLY J 484 12.70 8.97 -21.45
C GLY J 484 12.10 9.87 -20.38
N ALA J 485 12.82 10.25 -19.33
CA ALA J 485 12.31 11.25 -18.38
C ALA J 485 12.44 12.67 -18.94
N ASP J 486 11.49 13.55 -18.61
CA ASP J 486 11.49 14.94 -19.08
C ASP J 486 11.92 15.86 -17.93
N LEU J 487 13.20 16.17 -17.84
CA LEU J 487 13.73 16.89 -16.66
C LEU J 487 13.23 18.33 -16.64
N ASN J 488 12.70 18.84 -17.74
CA ASN J 488 12.06 20.19 -17.78
C ASN J 488 10.80 20.21 -16.93
N LEU J 489 10.13 19.07 -16.76
CA LEU J 489 8.83 19.00 -16.06
C LEU J 489 9.07 18.66 -14.59
N MET J 490 9.94 17.70 -14.30
CA MET J 490 10.34 17.40 -12.89
C MET J 490 11.48 18.36 -12.45
N HIS J 491 11.51 19.55 -13.02
CA HIS J 491 12.53 20.62 -12.82
C HIS J 491 12.48 21.12 -11.38
N THR J 492 13.66 21.47 -10.86
CA THR J 492 13.82 22.14 -9.55
C THR J 492 13.46 23.63 -9.69
#